data_4XRZ
#
_entry.id   4XRZ
#
_cell.length_a   57.543
_cell.length_b   192.480
_cell.length_c   244.883
_cell.angle_alpha   90.00
_cell.angle_beta   90.00
_cell.angle_gamma   90.00
#
_symmetry.space_group_name_H-M   'P 21 21 21'
#
loop_
_entity.id
_entity.type
_entity.pdbx_description
1 polymer 'Cytochrome P450 2D6'
2 non-polymer 'PROTOPORPHYRIN IX CONTAINING FE'
3 non-polymer (4aR,6R,8aS)-8a-(2,4-difluorophenyl)-6-(1H-pyrazol-4-yl)-4,4a,5,6,8,8a-hexahydropyrano[3,4-d][1,3]thiazin-2-amine
4 non-polymer 'ZINC ION'
5 non-polymer GLYCEROL
6 non-polymer 'SODIUM ION'
7 water water
#
_entity_poly.entity_id   1
_entity_poly.type   'polypeptide(L)'
_entity_poly.pdbx_seq_one_letter_code
;MAKKTSSKGKLPPGPLPLPGLGNLLHVDFQNTPYCFDQLRRRFGDVFSLQLAWTPVVVLNGLAAVREALVTHGEDTADRP
PVPITQILGFGPRSQGVFLARYGPAWREQRRFSVSTLRNLGLGKKSLEQWVTEEAACLCAAFANHSGRPFRPNGLLDKAV
SNVIASLTCGRRFEYDDPRFLRLLDLAQEGLKEESGFLREVLNAVPVLLHIPALAGKVLRFQKAFLTQLDELLTEHRMTW
DPAQPPRDLTEAFLAEMEKAKGNPESSFNDENLRIVVADLFSAGMVTTSTTLAWGLLLMILHPDVQRRVQQEIDDVIGQV
RRPEMGDQAHMPYTTAVIHEVQRFGDIVPLGVTHMTSRDIEVQGFRIPKGTTLITNLSSVLKDEAVWEKPFRFHPEHFLD
AQGHFVKPEAFLPFSAGRRACLGEPLARMELFLFFTSLLQHFSFSVPTGQPRPSHHGVFAFLVSPSPYELCAVPRHHHH
;
_entity_poly.pdbx_strand_id   A,B,C,D
#
# COMPACT_ATOMS: atom_id res chain seq x y z
N GLY A 9 21.25 -13.93 -38.45
CA GLY A 9 21.14 -15.21 -39.13
C GLY A 9 20.84 -16.34 -38.17
N LYS A 10 21.02 -16.09 -36.89
CA LYS A 10 20.81 -17.11 -35.87
C LYS A 10 19.34 -17.50 -35.73
N LEU A 11 19.03 -18.73 -36.12
CA LEU A 11 17.67 -19.25 -36.03
C LEU A 11 17.35 -19.66 -34.59
N PRO A 12 16.05 -19.63 -34.22
CA PRO A 12 15.65 -20.05 -32.87
C PRO A 12 15.91 -21.53 -32.63
N PRO A 13 16.38 -21.88 -31.42
CA PRO A 13 16.71 -23.27 -31.05
C PRO A 13 15.46 -24.13 -30.93
N GLY A 14 15.62 -25.44 -31.01
CA GLY A 14 14.50 -26.35 -30.92
C GLY A 14 14.88 -27.82 -31.00
N PRO A 15 13.94 -28.71 -30.66
CA PRO A 15 14.15 -30.15 -30.70
C PRO A 15 14.16 -30.70 -32.13
N LEU A 16 15.20 -31.44 -32.48
CA LEU A 16 15.32 -32.00 -33.82
C LEU A 16 14.50 -33.28 -33.95
N PRO A 17 13.80 -33.45 -35.09
CA PRO A 17 12.97 -34.62 -35.34
C PRO A 17 13.81 -35.86 -35.66
N ASP A 28 1.25 -34.26 -27.76
CA ASP A 28 0.02 -34.64 -28.43
C ASP A 28 -0.80 -33.41 -28.80
N PHE A 29 -1.51 -33.51 -29.93
CA PHE A 29 -2.26 -32.37 -30.45
C PHE A 29 -3.62 -32.21 -29.79
N GLN A 30 -3.92 -33.07 -28.83
CA GLN A 30 -5.13 -32.94 -28.02
C GLN A 30 -4.76 -32.29 -26.69
N ASN A 31 -3.48 -31.96 -26.56
CA ASN A 31 -2.97 -31.33 -25.36
C ASN A 31 -1.79 -30.41 -25.71
N THR A 32 -1.93 -29.74 -26.86
CA THR A 32 -0.85 -28.92 -27.43
C THR A 32 -0.35 -27.78 -26.54
N PRO A 33 -1.25 -27.00 -25.91
CA PRO A 33 -0.74 -25.89 -25.09
C PRO A 33 0.13 -26.36 -23.93
N TYR A 34 -0.10 -27.58 -23.47
CA TYR A 34 0.65 -28.14 -22.37
C TYR A 34 2.09 -28.44 -22.79
N CYS A 35 2.25 -29.06 -23.95
CA CYS A 35 3.56 -29.46 -24.45
C CYS A 35 4.46 -28.27 -24.78
N PHE A 36 3.84 -27.20 -25.27
CA PHE A 36 4.58 -25.99 -25.65
C PHE A 36 5.22 -25.31 -24.45
N ASP A 37 4.50 -25.31 -23.32
CA ASP A 37 5.02 -24.69 -22.11
C ASP A 37 6.19 -25.49 -21.55
N GLN A 38 6.17 -26.79 -21.79
CA GLN A 38 7.29 -27.65 -21.41
C GLN A 38 8.50 -27.35 -22.28
N LEU A 39 8.24 -27.13 -23.56
CA LEU A 39 9.28 -26.75 -24.51
C LEU A 39 9.74 -25.31 -24.28
N ARG A 40 8.84 -24.50 -23.70
CA ARG A 40 9.11 -23.08 -23.50
C ARG A 40 10.25 -22.83 -22.52
N ARG A 41 10.05 -23.22 -21.27
CA ARG A 41 11.03 -23.01 -20.21
C ARG A 41 12.33 -23.73 -20.50
N ARG A 42 12.24 -24.79 -21.29
CA ARG A 42 13.41 -25.58 -21.66
C ARG A 42 14.35 -24.80 -22.58
N PHE A 43 13.80 -24.29 -23.68
CA PHE A 43 14.59 -23.61 -24.69
C PHE A 43 14.61 -22.08 -24.50
N GLY A 44 13.43 -21.48 -24.42
CA GLY A 44 13.31 -20.04 -24.26
C GLY A 44 12.00 -19.47 -24.77
N ASP A 45 11.95 -18.16 -24.94
CA ASP A 45 10.74 -17.49 -25.41
C ASP A 45 10.46 -17.78 -26.89
N VAL A 46 11.51 -17.71 -27.70
CA VAL A 46 11.37 -17.97 -29.13
C VAL A 46 12.08 -19.27 -29.51
N PHE A 47 11.34 -20.36 -29.57
CA PHE A 47 11.92 -21.64 -29.97
C PHE A 47 11.26 -22.18 -31.23
N SER A 48 12.06 -22.84 -32.07
CA SER A 48 11.56 -23.46 -33.28
C SER A 48 11.24 -24.93 -33.04
N LEU A 49 10.45 -25.51 -33.93
CA LEU A 49 10.19 -26.95 -33.90
C LEU A 49 9.68 -27.42 -35.26
N GLN A 50 9.99 -28.67 -35.60
CA GLN A 50 9.70 -29.18 -36.93
C GLN A 50 8.47 -30.09 -36.97
N LEU A 51 7.51 -29.73 -37.81
CA LEU A 51 6.34 -30.56 -38.05
C LEU A 51 6.27 -30.95 -39.53
N ALA A 52 6.54 -32.22 -39.81
CA ALA A 52 6.66 -32.73 -41.18
C ALA A 52 7.65 -31.90 -41.97
N TRP A 53 7.19 -31.29 -43.06
CA TRP A 53 8.03 -30.42 -43.86
C TRP A 53 7.63 -28.96 -43.69
N THR A 54 6.93 -28.67 -42.60
CA THR A 54 6.51 -27.31 -42.30
C THR A 54 7.31 -26.72 -41.13
N PRO A 55 8.08 -25.66 -41.40
CA PRO A 55 8.87 -24.98 -40.37
C PRO A 55 8.00 -24.13 -39.46
N VAL A 56 8.13 -24.33 -38.15
CA VAL A 56 7.29 -23.62 -37.18
C VAL A 56 8.13 -22.91 -36.11
N VAL A 57 7.75 -21.68 -35.81
CA VAL A 57 8.36 -20.93 -34.71
C VAL A 57 7.31 -20.52 -33.70
N VAL A 58 7.52 -20.91 -32.44
CA VAL A 58 6.56 -20.60 -31.38
C VAL A 58 7.01 -19.39 -30.57
N LEU A 59 6.12 -18.40 -30.45
CA LEU A 59 6.43 -17.17 -29.75
C LEU A 59 5.79 -17.13 -28.36
N ASN A 60 6.59 -16.89 -27.34
CA ASN A 60 6.11 -16.92 -25.97
C ASN A 60 6.38 -15.61 -25.23
N GLY A 61 5.45 -15.21 -24.37
CA GLY A 61 5.58 -13.99 -23.61
C GLY A 61 5.21 -12.77 -24.42
N LEU A 62 4.83 -11.69 -23.74
CA LEU A 62 4.36 -10.47 -24.38
C LEU A 62 5.37 -9.90 -25.37
N ALA A 63 6.64 -9.87 -24.96
CA ALA A 63 7.70 -9.25 -25.77
C ALA A 63 7.81 -9.87 -27.17
N ALA A 64 7.89 -11.19 -27.22
CA ALA A 64 8.03 -11.90 -28.49
C ALA A 64 6.78 -11.74 -29.36
N VAL A 65 5.63 -11.96 -28.76
CA VAL A 65 4.34 -11.83 -29.47
C VAL A 65 4.16 -10.43 -30.02
N ARG A 66 4.44 -9.43 -29.18
CA ARG A 66 4.28 -8.03 -29.58
C ARG A 66 5.25 -7.64 -30.68
N GLU A 67 6.50 -8.05 -30.55
CA GLU A 67 7.50 -7.73 -31.57
C GLU A 67 7.11 -8.31 -32.92
N ALA A 68 6.54 -9.50 -32.90
CA ALA A 68 6.15 -10.18 -34.13
C ALA A 68 4.89 -9.56 -34.73
N LEU A 69 3.82 -9.51 -33.95
CA LEU A 69 2.51 -9.11 -34.47
C LEU A 69 2.35 -7.59 -34.62
N VAL A 70 3.10 -6.83 -33.84
CA VAL A 70 2.97 -5.37 -33.89
C VAL A 70 4.13 -4.71 -34.64
N THR A 71 5.35 -4.89 -34.11
CA THR A 71 6.53 -4.25 -34.68
C THR A 71 6.81 -4.74 -36.10
N HIS A 72 6.61 -6.03 -36.33
CA HIS A 72 6.75 -6.60 -37.67
C HIS A 72 5.40 -7.01 -38.23
N GLY A 73 4.37 -6.24 -37.88
CA GLY A 73 3.00 -6.55 -38.25
C GLY A 73 2.73 -6.72 -39.73
N GLU A 74 3.45 -5.95 -40.55
CA GLU A 74 3.29 -6.03 -42.00
C GLU A 74 3.76 -7.38 -42.55
N ASP A 75 4.71 -7.99 -41.84
CA ASP A 75 5.36 -9.20 -42.32
C ASP A 75 4.82 -10.48 -41.68
N THR A 76 3.91 -10.34 -40.72
CA THR A 76 3.39 -11.51 -40.00
C THR A 76 1.87 -11.57 -40.00
N ALA A 77 1.24 -10.76 -40.86
CA ALA A 77 -0.23 -10.70 -40.89
C ALA A 77 -0.82 -11.76 -41.82
N ASP A 78 0.03 -12.64 -42.33
CA ASP A 78 -0.42 -13.64 -43.30
C ASP A 78 -0.80 -14.96 -42.63
N ARG A 79 -1.55 -15.79 -43.36
CA ARG A 79 -1.96 -17.10 -42.86
C ARG A 79 -1.22 -18.22 -43.58
N PRO A 80 -0.95 -19.31 -42.87
CA PRO A 80 -0.39 -20.51 -43.52
C PRO A 80 -1.45 -21.16 -44.40
N PRO A 81 -1.03 -21.88 -45.45
CA PRO A 81 -2.00 -22.62 -46.25
C PRO A 81 -2.63 -23.76 -45.46
N VAL A 82 -3.93 -23.96 -45.60
CA VAL A 82 -4.62 -25.07 -44.96
C VAL A 82 -5.31 -25.92 -46.03
N PRO A 83 -4.60 -26.94 -46.55
CA PRO A 83 -5.00 -27.79 -47.66
C PRO A 83 -6.41 -28.37 -47.57
N ILE A 84 -6.83 -28.77 -46.38
CA ILE A 84 -8.12 -29.45 -46.21
C ILE A 84 -9.32 -28.53 -46.43
N THR A 85 -9.07 -27.24 -46.56
CA THR A 85 -10.14 -26.28 -46.79
C THR A 85 -10.59 -26.27 -48.25
N GLN A 86 -9.91 -27.06 -49.09
CA GLN A 86 -10.27 -27.19 -50.49
C GLN A 86 -11.62 -27.89 -50.61
N ILE A 87 -11.94 -28.71 -49.62
CA ILE A 87 -13.19 -29.47 -49.60
C ILE A 87 -14.38 -28.56 -49.31
N LEU A 88 -14.10 -27.40 -48.71
CA LEU A 88 -15.16 -26.48 -48.31
C LEU A 88 -15.37 -25.35 -49.33
N GLY A 89 -14.91 -25.57 -50.56
CA GLY A 89 -15.16 -24.65 -51.65
C GLY A 89 -14.36 -23.36 -51.59
N PHE A 90 -13.10 -23.46 -51.18
CA PHE A 90 -12.24 -22.29 -51.08
C PHE A 90 -11.58 -21.92 -52.41
N GLY A 91 -11.30 -20.63 -52.58
CA GLY A 91 -10.68 -20.13 -53.79
C GLY A 91 -10.09 -18.75 -53.57
N PRO A 92 -9.40 -18.21 -54.60
CA PRO A 92 -8.68 -16.93 -54.55
C PRO A 92 -9.49 -15.79 -53.92
N ARG A 93 -10.74 -15.64 -54.36
CA ARG A 93 -11.62 -14.63 -53.80
C ARG A 93 -12.67 -15.28 -52.91
N SER A 94 -12.32 -16.42 -52.32
CA SER A 94 -13.24 -17.17 -51.47
C SER A 94 -12.53 -17.82 -50.29
N GLN A 95 -11.96 -17.00 -49.41
CA GLN A 95 -11.27 -17.51 -48.24
C GLN A 95 -11.84 -16.91 -46.96
N GLY A 96 -12.89 -16.11 -47.11
CA GLY A 96 -13.50 -15.42 -45.99
C GLY A 96 -12.55 -14.43 -45.35
N VAL A 97 -12.48 -14.45 -44.02
CA VAL A 97 -11.58 -13.57 -43.28
C VAL A 97 -10.55 -14.37 -42.50
N PHE A 98 -11.03 -15.38 -41.77
CA PHE A 98 -10.23 -16.13 -40.81
C PHE A 98 -8.96 -16.76 -41.40
N LEU A 99 -9.14 -17.56 -42.45
CA LEU A 99 -8.00 -18.25 -43.05
C LEU A 99 -7.55 -17.57 -44.34
N ALA A 100 -8.13 -16.41 -44.62
CA ALA A 100 -7.79 -15.66 -45.83
C ALA A 100 -6.34 -15.20 -45.80
N ARG A 101 -5.65 -15.38 -46.92
CA ARG A 101 -4.28 -14.90 -47.07
C ARG A 101 -4.26 -13.39 -46.91
N TYR A 102 -3.15 -12.87 -46.37
CA TYR A 102 -3.02 -11.42 -46.22
C TYR A 102 -2.94 -10.76 -47.58
N GLY A 103 -4.05 -10.14 -47.99
CA GLY A 103 -4.15 -9.50 -49.28
C GLY A 103 -5.43 -8.72 -49.45
N PRO A 104 -5.85 -8.47 -50.70
CA PRO A 104 -7.04 -7.67 -50.99
C PRO A 104 -8.33 -8.36 -50.59
N ALA A 105 -8.43 -9.67 -50.83
CA ALA A 105 -9.63 -10.43 -50.50
C ALA A 105 -9.90 -10.39 -48.99
N TRP A 106 -8.85 -10.58 -48.20
CA TRP A 106 -8.97 -10.52 -46.75
C TRP A 106 -9.38 -9.13 -46.29
N ARG A 107 -8.74 -8.12 -46.86
CA ARG A 107 -8.96 -6.74 -46.44
C ARG A 107 -10.35 -6.23 -46.79
N GLU A 108 -10.86 -6.64 -47.95
CA GLU A 108 -12.20 -6.23 -48.37
C GLU A 108 -13.25 -6.80 -47.41
N GLN A 109 -13.12 -8.08 -47.10
CA GLN A 109 -14.09 -8.75 -46.23
C GLN A 109 -13.96 -8.29 -44.77
N ARG A 110 -12.74 -8.06 -44.33
CA ARG A 110 -12.49 -7.61 -42.96
C ARG A 110 -13.08 -6.22 -42.72
N ARG A 111 -12.78 -5.29 -43.62
CA ARG A 111 -13.31 -3.94 -43.52
C ARG A 111 -14.84 -3.94 -43.60
N PHE A 112 -15.37 -4.82 -44.45
CA PHE A 112 -16.81 -4.95 -44.61
C PHE A 112 -17.48 -5.39 -43.31
N SER A 113 -16.96 -6.46 -42.71
CA SER A 113 -17.49 -6.97 -41.45
C SER A 113 -17.46 -5.91 -40.36
N VAL A 114 -16.30 -5.28 -40.18
CA VAL A 114 -16.12 -4.25 -39.17
C VAL A 114 -17.11 -3.10 -39.34
N SER A 115 -17.24 -2.63 -40.58
CA SER A 115 -18.12 -1.51 -40.90
C SER A 115 -19.59 -1.88 -40.76
N THR A 116 -19.96 -3.04 -41.31
CA THR A 116 -21.36 -3.47 -41.33
C THR A 116 -21.90 -3.72 -39.92
N LEU A 117 -21.10 -4.39 -39.09
CA LEU A 117 -21.45 -4.61 -37.69
C LEU A 117 -21.70 -3.28 -37.00
N ARG A 118 -20.80 -2.32 -37.26
CA ARG A 118 -20.90 -0.99 -36.66
C ARG A 118 -22.15 -0.25 -37.13
N ASN A 119 -22.52 -0.45 -38.39
CA ASN A 119 -23.72 0.18 -38.94
C ASN A 119 -25.00 -0.43 -38.40
N LEU A 120 -24.93 -1.70 -38.02
CA LEU A 120 -26.10 -2.41 -37.53
C LEU A 120 -26.40 -2.09 -36.07
N GLY A 121 -25.57 -1.27 -35.45
CA GLY A 121 -25.82 -0.81 -34.10
C GLY A 121 -24.80 -1.23 -33.06
N LEU A 122 -23.70 -1.83 -33.52
CA LEU A 122 -22.62 -2.19 -32.61
C LEU A 122 -21.93 -0.93 -32.11
N GLY A 123 -22.05 -0.67 -30.81
CA GLY A 123 -21.53 0.57 -30.23
C GLY A 123 -22.66 1.55 -29.98
N LYS A 124 -23.87 1.14 -30.35
CA LYS A 124 -25.06 1.96 -30.15
C LYS A 124 -25.99 1.36 -29.10
N LYS A 125 -27.03 2.10 -28.74
CA LYS A 125 -28.02 1.62 -27.80
C LYS A 125 -28.89 0.53 -28.44
N SER A 126 -28.91 0.51 -29.77
CA SER A 126 -29.71 -0.44 -30.54
C SER A 126 -29.40 -1.89 -30.18
N LEU A 127 -28.24 -2.37 -30.62
CA LEU A 127 -27.81 -3.73 -30.34
C LEU A 127 -27.74 -3.99 -28.84
N GLU A 128 -27.36 -2.95 -28.11
CA GLU A 128 -27.26 -2.99 -26.65
C GLU A 128 -28.57 -3.46 -26.00
N GLN A 129 -29.69 -2.92 -26.48
CA GLN A 129 -31.00 -3.28 -25.96
C GLN A 129 -31.46 -4.64 -26.49
N TRP A 130 -30.97 -5.00 -27.66
CA TRP A 130 -31.31 -6.30 -28.25
C TRP A 130 -30.65 -7.42 -27.43
N VAL A 131 -29.36 -7.24 -27.16
CA VAL A 131 -28.60 -8.21 -26.39
C VAL A 131 -29.21 -8.45 -25.01
N THR A 132 -29.59 -7.36 -24.34
CA THR A 132 -30.16 -7.46 -23.00
C THR A 132 -31.60 -7.99 -23.06
N GLU A 133 -32.18 -8.02 -24.25
CA GLU A 133 -33.48 -8.63 -24.46
C GLU A 133 -33.32 -10.15 -24.50
N GLU A 134 -32.26 -10.59 -25.18
CA GLU A 134 -31.94 -12.01 -25.25
C GLU A 134 -31.54 -12.52 -23.88
N ALA A 135 -30.87 -11.68 -23.11
CA ALA A 135 -30.45 -12.01 -21.74
C ALA A 135 -31.67 -12.33 -20.89
N ALA A 136 -32.77 -11.60 -21.12
CA ALA A 136 -34.03 -11.84 -20.43
C ALA A 136 -34.54 -13.25 -20.74
N CYS A 137 -34.43 -13.63 -22.01
CA CYS A 137 -34.80 -14.98 -22.43
C CYS A 137 -33.91 -16.02 -21.76
N LEU A 138 -32.63 -15.69 -21.66
CA LEU A 138 -31.66 -16.57 -21.02
C LEU A 138 -31.96 -16.74 -19.53
N CYS A 139 -32.30 -15.64 -18.88
CA CYS A 139 -32.64 -15.66 -17.45
C CYS A 139 -33.86 -16.53 -17.19
N ALA A 140 -34.86 -16.44 -18.06
CA ALA A 140 -36.09 -17.21 -17.93
C ALA A 140 -35.80 -18.70 -18.06
N ALA A 141 -34.89 -19.05 -18.96
CA ALA A 141 -34.50 -20.44 -19.16
C ALA A 141 -33.78 -20.97 -17.93
N PHE A 142 -32.95 -20.13 -17.31
CA PHE A 142 -32.25 -20.49 -16.10
C PHE A 142 -33.22 -20.77 -14.96
N ALA A 143 -34.23 -19.91 -14.83
CA ALA A 143 -35.21 -20.02 -13.76
C ALA A 143 -36.06 -21.28 -13.89
N ASN A 144 -36.30 -21.70 -15.13
CA ASN A 144 -37.10 -22.89 -15.39
C ASN A 144 -36.49 -24.15 -14.81
N HIS A 145 -35.19 -24.10 -14.50
CA HIS A 145 -34.50 -25.22 -13.88
C HIS A 145 -34.63 -25.20 -12.37
N SER A 146 -35.50 -24.31 -11.87
CA SER A 146 -35.83 -24.24 -10.44
C SER A 146 -34.60 -24.09 -9.56
N GLY A 147 -34.37 -25.07 -8.70
CA GLY A 147 -33.19 -25.10 -7.87
C GLY A 147 -32.32 -26.30 -8.24
N ARG A 148 -32.80 -27.07 -9.22
CA ARG A 148 -32.09 -28.25 -9.70
C ARG A 148 -30.73 -27.90 -10.28
N PRO A 149 -29.74 -28.78 -10.08
CA PRO A 149 -28.42 -28.60 -10.70
C PRO A 149 -28.47 -28.90 -12.19
N PHE A 150 -27.71 -28.16 -12.98
CA PHE A 150 -27.69 -28.34 -14.43
C PHE A 150 -26.44 -27.76 -15.09
N ARG A 151 -26.09 -28.29 -16.24
CA ARG A 151 -25.02 -27.72 -17.06
C ARG A 151 -25.57 -26.53 -17.84
N PRO A 152 -25.02 -25.34 -17.58
CA PRO A 152 -25.52 -24.09 -18.18
C PRO A 152 -24.95 -23.83 -19.58
N ASN A 153 -24.14 -24.74 -20.08
CA ASN A 153 -23.45 -24.55 -21.36
C ASN A 153 -24.39 -24.41 -22.55
N GLY A 154 -25.36 -25.33 -22.64
CA GLY A 154 -26.31 -25.34 -23.74
C GLY A 154 -27.11 -24.06 -23.84
N LEU A 155 -27.54 -23.54 -22.70
CA LEU A 155 -28.34 -22.32 -22.68
C LEU A 155 -27.51 -21.08 -23.01
N LEU A 156 -26.24 -21.09 -22.61
CA LEU A 156 -25.33 -20.01 -22.93
C LEU A 156 -25.08 -19.96 -24.44
N ASP A 157 -24.90 -21.13 -25.04
CA ASP A 157 -24.70 -21.22 -26.48
C ASP A 157 -25.86 -20.59 -27.24
N LYS A 158 -27.09 -20.97 -26.86
CA LYS A 158 -28.29 -20.52 -27.54
C LYS A 158 -28.48 -19.01 -27.47
N ALA A 159 -28.34 -18.44 -26.28
CA ALA A 159 -28.55 -17.01 -26.08
C ALA A 159 -27.51 -16.19 -26.83
N VAL A 160 -26.26 -16.64 -26.77
CA VAL A 160 -25.16 -15.93 -27.42
C VAL A 160 -25.26 -16.10 -28.94
N SER A 161 -25.71 -17.27 -29.38
CA SER A 161 -25.85 -17.53 -30.81
C SER A 161 -26.95 -16.70 -31.43
N ASN A 162 -27.98 -16.37 -30.64
CA ASN A 162 -29.08 -15.55 -31.14
C ASN A 162 -28.67 -14.11 -31.39
N VAL A 163 -27.67 -13.64 -30.64
CA VAL A 163 -27.17 -12.28 -30.82
C VAL A 163 -26.46 -12.15 -32.16
N ILE A 164 -25.56 -13.08 -32.46
CA ILE A 164 -24.83 -13.04 -33.71
C ILE A 164 -25.73 -13.41 -34.89
N ALA A 165 -26.71 -14.28 -34.64
CA ALA A 165 -27.68 -14.64 -35.66
C ALA A 165 -28.51 -13.42 -36.03
N SER A 166 -28.79 -12.58 -35.03
CA SER A 166 -29.56 -11.37 -35.24
C SER A 166 -28.78 -10.37 -36.09
N LEU A 167 -27.47 -10.36 -35.94
CA LEU A 167 -26.60 -9.44 -36.68
C LEU A 167 -26.34 -9.95 -38.10
N THR A 168 -26.22 -11.26 -38.25
CA THR A 168 -25.91 -11.85 -39.55
C THR A 168 -27.17 -12.27 -40.32
N CYS A 169 -28.05 -13.01 -39.68
CA CYS A 169 -29.23 -13.57 -40.35
C CYS A 169 -30.45 -12.66 -40.20
N GLY A 170 -30.39 -11.75 -39.22
CA GLY A 170 -31.50 -10.83 -39.00
C GLY A 170 -32.66 -11.46 -38.25
N ARG A 171 -32.36 -12.48 -37.44
CA ARG A 171 -33.38 -13.16 -36.67
C ARG A 171 -32.82 -13.85 -35.44
N ARG A 172 -33.70 -14.24 -34.52
CA ARG A 172 -33.32 -15.10 -33.41
C ARG A 172 -34.04 -16.43 -33.56
N PHE A 173 -33.63 -17.42 -32.78
CA PHE A 173 -34.27 -18.72 -32.79
C PHE A 173 -34.74 -19.09 -31.39
N GLU A 174 -35.88 -19.79 -31.31
CA GLU A 174 -36.35 -20.28 -30.03
C GLU A 174 -35.41 -21.36 -29.52
N TYR A 175 -35.31 -21.49 -28.20
CA TYR A 175 -34.35 -22.39 -27.58
C TYR A 175 -34.66 -23.87 -27.82
N ASP A 176 -35.86 -24.14 -28.32
CA ASP A 176 -36.26 -25.52 -28.59
C ASP A 176 -36.36 -25.79 -30.10
N ASP A 177 -36.04 -24.79 -30.90
CA ASP A 177 -36.06 -24.91 -32.36
C ASP A 177 -35.17 -26.06 -32.82
N PRO A 178 -35.77 -27.07 -33.46
CA PRO A 178 -35.09 -28.29 -33.92
C PRO A 178 -33.89 -27.99 -34.83
N ARG A 179 -34.07 -27.01 -35.71
CA ARG A 179 -33.03 -26.66 -36.68
C ARG A 179 -31.92 -25.84 -36.05
N PHE A 180 -32.31 -24.98 -35.11
CA PHE A 180 -31.36 -24.18 -34.35
C PHE A 180 -30.47 -25.08 -33.52
N LEU A 181 -31.09 -26.08 -32.89
CA LEU A 181 -30.38 -27.05 -32.07
C LEU A 181 -29.37 -27.85 -32.87
N ARG A 182 -29.75 -28.24 -34.08
CA ARG A 182 -28.85 -29.02 -34.94
C ARG A 182 -27.67 -28.17 -35.40
N LEU A 183 -27.94 -26.90 -35.70
CA LEU A 183 -26.91 -25.97 -36.14
C LEU A 183 -25.86 -25.77 -35.05
N LEU A 184 -26.31 -25.64 -33.81
CA LEU A 184 -25.43 -25.47 -32.67
C LEU A 184 -24.63 -26.73 -32.41
N ASP A 185 -25.30 -27.88 -32.54
CA ASP A 185 -24.67 -29.17 -32.31
C ASP A 185 -23.57 -29.44 -33.34
N LEU A 186 -23.86 -29.17 -34.61
CA LEU A 186 -22.88 -29.37 -35.68
C LEU A 186 -21.69 -28.43 -35.53
N ALA A 187 -21.96 -27.19 -35.15
CA ALA A 187 -20.92 -26.20 -34.95
C ALA A 187 -19.96 -26.63 -33.85
N GLN A 188 -20.51 -27.22 -32.79
CA GLN A 188 -19.71 -27.69 -31.67
C GLN A 188 -18.84 -28.87 -32.07
N GLU A 189 -19.42 -29.80 -32.83
CA GLU A 189 -18.69 -30.96 -33.31
C GLU A 189 -17.66 -30.56 -34.35
N GLY A 190 -17.97 -29.50 -35.11
CA GLY A 190 -17.04 -28.99 -36.10
C GLY A 190 -15.84 -28.34 -35.44
N LEU A 191 -16.04 -27.84 -34.23
CA LEU A 191 -14.96 -27.23 -33.46
C LEU A 191 -13.93 -28.26 -33.04
N LYS A 192 -14.38 -29.48 -32.75
CA LYS A 192 -13.48 -30.56 -32.40
C LYS A 192 -12.64 -30.98 -33.59
N GLU A 193 -13.22 -30.86 -34.78
CA GLU A 193 -12.50 -31.20 -36.02
C GLU A 193 -11.44 -30.16 -36.34
N GLU A 194 -11.49 -29.03 -35.64
CA GLU A 194 -10.49 -27.99 -35.79
C GLU A 194 -9.21 -28.38 -35.05
N SER A 195 -9.32 -29.39 -34.19
CA SER A 195 -8.17 -29.94 -33.48
C SER A 195 -7.89 -31.36 -33.93
N GLY A 196 -7.24 -32.13 -33.06
CA GLY A 196 -6.92 -33.52 -33.37
C GLY A 196 -5.61 -33.69 -34.08
N PHE A 197 -5.24 -34.93 -34.35
CA PHE A 197 -3.98 -35.26 -35.01
C PHE A 197 -4.20 -35.53 -36.50
N LEU A 198 -5.37 -36.04 -36.84
CA LEU A 198 -5.72 -36.34 -38.23
C LEU A 198 -5.71 -35.09 -39.09
N ARG A 199 -6.22 -33.98 -38.54
CA ARG A 199 -6.26 -32.71 -39.25
C ARG A 199 -4.84 -32.25 -39.60
N GLU A 200 -3.90 -32.53 -38.71
CA GLU A 200 -2.51 -32.12 -38.90
C GLU A 200 -1.82 -32.86 -40.03
N VAL A 201 -2.01 -34.18 -40.07
CA VAL A 201 -1.36 -35.02 -41.09
C VAL A 201 -1.81 -34.65 -42.49
N LEU A 202 -3.12 -34.44 -42.65
CA LEU A 202 -3.67 -34.10 -43.96
C LEU A 202 -3.25 -32.69 -44.39
N ASN A 203 -3.00 -31.83 -43.41
CA ASN A 203 -2.51 -30.49 -43.71
C ASN A 203 -0.99 -30.47 -43.88
N ALA A 204 -0.31 -31.41 -43.24
CA ALA A 204 1.13 -31.54 -43.39
C ALA A 204 1.48 -32.08 -44.77
N VAL A 205 0.89 -33.23 -45.11
CA VAL A 205 1.06 -33.80 -46.43
C VAL A 205 -0.31 -33.90 -47.12
N PRO A 206 -0.58 -32.95 -48.03
CA PRO A 206 -1.90 -32.77 -48.66
C PRO A 206 -2.29 -33.85 -49.67
N VAL A 207 -1.32 -34.59 -50.20
CA VAL A 207 -1.62 -35.57 -51.24
C VAL A 207 -2.39 -36.77 -50.69
N LEU A 208 -2.47 -36.88 -49.37
CA LEU A 208 -3.26 -37.94 -48.74
C LEU A 208 -4.74 -37.65 -48.88
N LEU A 209 -5.07 -36.41 -49.23
CA LEU A 209 -6.45 -35.99 -49.40
C LEU A 209 -7.02 -36.51 -50.71
N HIS A 210 -6.14 -36.94 -51.62
CA HIS A 210 -6.56 -37.50 -52.89
C HIS A 210 -7.40 -38.77 -52.72
N ILE A 211 -7.22 -39.43 -51.57
CA ILE A 211 -8.01 -40.61 -51.23
C ILE A 211 -9.47 -40.23 -51.02
N PRO A 212 -10.35 -40.70 -51.92
CA PRO A 212 -11.78 -40.35 -51.88
C PRO A 212 -12.47 -40.82 -50.60
N ALA A 213 -12.08 -41.99 -50.11
CA ALA A 213 -12.68 -42.54 -48.90
C ALA A 213 -12.25 -41.79 -47.65
N LEU A 214 -11.11 -41.10 -47.74
CA LEU A 214 -10.57 -40.36 -46.62
C LEU A 214 -11.11 -38.94 -46.57
N ALA A 215 -11.34 -38.36 -47.75
CA ALA A 215 -11.75 -36.96 -47.86
C ALA A 215 -13.14 -36.71 -47.29
N GLY A 216 -13.95 -37.76 -47.16
CA GLY A 216 -15.31 -37.63 -46.70
C GLY A 216 -15.47 -37.74 -45.19
N LYS A 217 -14.37 -37.97 -44.49
CA LYS A 217 -14.41 -38.18 -43.04
C LYS A 217 -13.79 -37.04 -42.25
N VAL A 218 -12.72 -36.46 -42.80
CA VAL A 218 -11.93 -35.45 -42.09
C VAL A 218 -12.75 -34.28 -41.55
N LEU A 219 -13.61 -33.71 -42.38
CA LEU A 219 -14.45 -32.60 -41.96
C LEU A 219 -15.92 -32.94 -42.16
N ARG A 220 -16.35 -34.06 -41.59
CA ARG A 220 -17.71 -34.56 -41.75
C ARG A 220 -18.76 -33.63 -41.16
N PHE A 221 -18.46 -33.08 -39.99
CA PHE A 221 -19.41 -32.23 -39.29
C PHE A 221 -19.38 -30.79 -39.76
N GLN A 222 -18.19 -30.30 -40.10
CA GLN A 222 -18.06 -28.94 -40.64
C GLN A 222 -18.79 -28.82 -41.97
N LYS A 223 -18.76 -29.89 -42.75
CA LYS A 223 -19.50 -29.94 -44.00
C LYS A 223 -21.00 -29.98 -43.74
N ALA A 224 -21.38 -30.69 -42.69
CA ALA A 224 -22.78 -30.78 -42.29
C ALA A 224 -23.30 -29.42 -41.82
N PHE A 225 -22.46 -28.70 -41.08
CA PHE A 225 -22.80 -27.36 -40.60
C PHE A 225 -23.07 -26.42 -41.77
N LEU A 226 -22.17 -26.44 -42.76
CA LEU A 226 -22.30 -25.59 -43.94
C LEU A 226 -23.58 -25.91 -44.71
N THR A 227 -23.91 -27.19 -44.80
CA THR A 227 -25.11 -27.64 -45.48
C THR A 227 -26.36 -27.12 -44.77
N GLN A 228 -26.37 -27.24 -43.45
CA GLN A 228 -27.47 -26.74 -42.63
C GLN A 228 -27.60 -25.22 -42.77
N LEU A 229 -26.46 -24.55 -42.87
CA LEU A 229 -26.43 -23.09 -42.98
C LEU A 229 -26.97 -22.62 -44.33
N ASP A 230 -26.67 -23.37 -45.38
CA ASP A 230 -27.15 -23.06 -46.72
C ASP A 230 -28.68 -22.98 -46.77
N GLU A 231 -29.31 -23.91 -46.07
CA GLU A 231 -30.77 -23.94 -45.97
C GLU A 231 -31.32 -22.64 -45.41
N LEU A 232 -30.70 -22.16 -44.33
CA LEU A 232 -31.12 -20.92 -43.69
C LEU A 232 -30.85 -19.71 -44.58
N LEU A 233 -29.72 -19.73 -45.28
CA LEU A 233 -29.37 -18.65 -46.21
C LEU A 233 -30.37 -18.56 -47.35
N THR A 234 -30.77 -19.70 -47.88
CA THR A 234 -31.74 -19.76 -48.97
C THR A 234 -33.07 -19.17 -48.54
N GLU A 235 -33.49 -19.51 -47.32
CA GLU A 235 -34.72 -18.96 -46.76
C GLU A 235 -34.60 -17.45 -46.58
N HIS A 236 -33.42 -17.02 -46.15
CA HIS A 236 -33.16 -15.61 -45.89
C HIS A 236 -33.20 -14.80 -47.18
N ARG A 237 -32.69 -15.39 -48.26
CA ARG A 237 -32.70 -14.76 -49.57
C ARG A 237 -34.12 -14.41 -50.02
N MET A 238 -35.05 -15.32 -49.76
CA MET A 238 -36.44 -15.16 -50.16
C MET A 238 -37.10 -13.96 -49.46
N THR A 239 -36.74 -13.75 -48.20
CA THR A 239 -37.36 -12.70 -47.40
C THR A 239 -36.66 -11.35 -47.53
N TRP A 240 -35.47 -11.36 -48.13
CA TRP A 240 -34.70 -10.12 -48.30
C TRP A 240 -35.44 -9.11 -49.16
N ASP A 241 -35.58 -7.89 -48.65
CA ASP A 241 -36.16 -6.79 -49.41
C ASP A 241 -35.08 -5.79 -49.79
N PRO A 242 -34.56 -5.90 -51.03
CA PRO A 242 -33.47 -5.05 -51.53
C PRO A 242 -33.90 -3.60 -51.74
N ALA A 243 -35.20 -3.32 -51.65
CA ALA A 243 -35.70 -1.96 -51.79
C ALA A 243 -35.53 -1.18 -50.49
N GLN A 244 -35.18 -1.90 -49.43
CA GLN A 244 -34.91 -1.29 -48.13
C GLN A 244 -33.44 -1.45 -47.76
N PRO A 245 -32.92 -0.55 -46.92
CA PRO A 245 -31.55 -0.69 -46.44
C PRO A 245 -31.35 -2.03 -45.73
N PRO A 246 -30.17 -2.65 -45.90
CA PRO A 246 -29.87 -3.95 -45.28
C PRO A 246 -30.16 -3.96 -43.78
N ARG A 247 -30.86 -5.01 -43.34
CA ARG A 247 -31.28 -5.12 -41.96
C ARG A 247 -30.27 -5.95 -41.15
N ASP A 248 -29.36 -6.59 -41.86
CA ASP A 248 -28.35 -7.45 -41.24
C ASP A 248 -27.15 -7.60 -42.17
N LEU A 249 -26.15 -8.34 -41.74
CA LEU A 249 -24.90 -8.45 -42.48
C LEU A 249 -25.05 -9.25 -43.78
N THR A 250 -25.91 -10.28 -43.77
CA THR A 250 -26.11 -11.10 -44.95
C THR A 250 -26.74 -10.30 -46.08
N GLU A 251 -27.72 -9.47 -45.73
CA GLU A 251 -28.37 -8.61 -46.72
C GLU A 251 -27.40 -7.59 -47.30
N ALA A 252 -26.51 -7.07 -46.44
CA ALA A 252 -25.50 -6.12 -46.87
C ALA A 252 -24.53 -6.79 -47.85
N PHE A 253 -24.19 -8.04 -47.55
CA PHE A 253 -23.31 -8.83 -48.40
C PHE A 253 -23.96 -9.07 -49.77
N LEU A 254 -25.24 -9.42 -49.74
CA LEU A 254 -26.02 -9.68 -50.96
C LEU A 254 -26.10 -8.43 -51.83
N ALA A 255 -26.27 -7.28 -51.20
CA ALA A 255 -26.34 -6.00 -51.91
C ALA A 255 -25.01 -5.69 -52.60
N GLU A 256 -23.91 -6.02 -51.93
CA GLU A 256 -22.59 -5.85 -52.50
C GLU A 256 -22.35 -6.86 -53.61
N MET A 257 -22.94 -8.04 -53.47
CA MET A 257 -22.80 -9.10 -54.46
C MET A 257 -23.48 -8.71 -55.77
N GLU A 258 -24.60 -8.00 -55.66
CA GLU A 258 -25.33 -7.52 -56.83
C GLU A 258 -24.51 -6.48 -57.60
N LYS A 259 -23.96 -5.52 -56.86
CA LYS A 259 -23.13 -4.48 -57.44
C LYS A 259 -21.88 -5.07 -58.10
N ALA A 260 -21.41 -6.18 -57.54
CA ALA A 260 -20.18 -6.81 -57.99
C ALA A 260 -20.40 -7.78 -59.14
N LYS A 261 -21.62 -7.81 -59.66
CA LYS A 261 -21.94 -8.66 -60.80
C LYS A 261 -21.13 -8.24 -62.02
N GLY A 262 -20.26 -9.13 -62.48
CA GLY A 262 -19.41 -8.85 -63.62
C GLY A 262 -17.97 -8.54 -63.24
N ASN A 263 -17.71 -8.46 -61.94
CA ASN A 263 -16.38 -8.13 -61.44
C ASN A 263 -15.70 -9.34 -60.79
N PRO A 264 -14.76 -9.96 -61.51
CA PRO A 264 -14.04 -11.16 -61.05
C PRO A 264 -13.08 -10.86 -59.89
N GLU A 265 -12.85 -9.59 -59.60
CA GLU A 265 -11.91 -9.21 -58.55
C GLU A 265 -12.58 -9.09 -57.18
N SER A 266 -13.91 -9.10 -57.17
CA SER A 266 -14.66 -8.91 -55.94
C SER A 266 -14.69 -10.17 -55.08
N SER A 267 -14.57 -10.00 -53.78
CA SER A 267 -14.64 -11.11 -52.83
C SER A 267 -16.09 -11.35 -52.42
N PHE A 268 -17.00 -10.53 -52.95
CA PHE A 268 -18.42 -10.70 -52.69
C PHE A 268 -19.04 -11.67 -53.69
N ASN A 269 -18.90 -12.96 -53.41
CA ASN A 269 -19.52 -14.00 -54.22
C ASN A 269 -20.28 -14.99 -53.33
N ASP A 270 -20.93 -15.96 -53.96
CA ASP A 270 -21.71 -16.95 -53.22
C ASP A 270 -20.86 -17.84 -52.34
N GLU A 271 -19.70 -18.25 -52.86
CA GLU A 271 -18.78 -19.10 -52.11
C GLU A 271 -18.27 -18.40 -50.86
N ASN A 272 -18.11 -17.08 -50.93
CA ASN A 272 -17.58 -16.32 -49.82
C ASN A 272 -18.67 -15.91 -48.83
N LEU A 273 -19.90 -15.78 -49.32
CA LEU A 273 -21.04 -15.45 -48.47
C LEU A 273 -21.21 -16.51 -47.38
N ARG A 274 -21.21 -17.78 -47.78
CA ARG A 274 -21.44 -18.88 -46.85
C ARG A 274 -20.25 -19.07 -45.91
N ILE A 275 -19.05 -18.72 -46.36
CA ILE A 275 -17.86 -18.86 -45.52
C ILE A 275 -17.81 -17.75 -44.47
N VAL A 276 -18.10 -16.51 -44.89
CA VAL A 276 -18.10 -15.38 -43.98
C VAL A 276 -19.17 -15.53 -42.90
N VAL A 277 -20.39 -15.87 -43.32
CA VAL A 277 -21.49 -16.07 -42.38
C VAL A 277 -21.21 -17.23 -41.43
N ALA A 278 -20.65 -18.31 -41.97
CA ALA A 278 -20.30 -19.47 -41.16
C ALA A 278 -19.26 -19.12 -40.10
N ASP A 279 -18.23 -18.41 -40.53
CA ASP A 279 -17.16 -18.02 -39.62
C ASP A 279 -17.69 -17.09 -38.53
N LEU A 280 -18.50 -16.10 -38.93
CA LEU A 280 -19.05 -15.14 -37.97
C LEU A 280 -20.00 -15.79 -36.97
N PHE A 281 -20.94 -16.59 -37.46
CA PHE A 281 -21.92 -17.22 -36.58
C PHE A 281 -21.28 -18.17 -35.58
N SER A 282 -20.44 -19.07 -36.08
CA SER A 282 -19.79 -20.06 -35.23
C SER A 282 -18.84 -19.39 -34.25
N ALA A 283 -18.17 -18.32 -34.69
CA ALA A 283 -17.30 -17.55 -33.81
C ALA A 283 -18.13 -16.85 -32.75
N GLY A 284 -19.23 -16.24 -33.20
CA GLY A 284 -20.15 -15.57 -32.30
C GLY A 284 -20.67 -16.48 -31.23
N MET A 285 -20.74 -17.78 -31.54
CA MET A 285 -21.27 -18.77 -30.62
C MET A 285 -20.25 -19.30 -29.62
N VAL A 286 -19.21 -19.96 -30.13
CA VAL A 286 -18.34 -20.78 -29.28
C VAL A 286 -17.33 -20.01 -28.44
N THR A 287 -17.11 -18.74 -28.78
CA THR A 287 -16.14 -17.94 -28.03
C THR A 287 -16.78 -17.30 -26.80
N THR A 288 -17.81 -16.50 -27.01
CA THR A 288 -18.45 -15.75 -25.93
C THR A 288 -19.14 -16.68 -24.91
N SER A 289 -19.71 -17.77 -25.40
CA SER A 289 -20.43 -18.69 -24.51
C SER A 289 -19.48 -19.53 -23.67
N THR A 290 -18.34 -19.90 -24.24
CA THR A 290 -17.33 -20.64 -23.50
C THR A 290 -16.72 -19.75 -22.41
N THR A 291 -16.53 -18.47 -22.75
CA THR A 291 -16.03 -17.49 -21.80
C THR A 291 -17.03 -17.31 -20.66
N LEU A 292 -18.31 -17.26 -21.01
CA LEU A 292 -19.38 -17.13 -20.02
C LEU A 292 -19.44 -18.38 -19.14
N ALA A 293 -19.20 -19.54 -19.75
CA ALA A 293 -19.19 -20.79 -19.02
C ALA A 293 -18.04 -20.80 -18.02
N TRP A 294 -16.93 -20.20 -18.40
CA TRP A 294 -15.80 -19.99 -17.50
C TRP A 294 -16.20 -19.05 -16.38
N GLY A 295 -16.93 -18.00 -16.75
CA GLY A 295 -17.38 -16.99 -15.80
C GLY A 295 -18.20 -17.58 -14.67
N LEU A 296 -19.22 -18.36 -15.02
CA LEU A 296 -20.10 -18.97 -14.03
C LEU A 296 -19.36 -19.99 -13.16
N LEU A 297 -18.46 -20.74 -13.78
CA LEU A 297 -17.65 -21.72 -13.03
C LEU A 297 -16.79 -21.03 -11.98
N LEU A 298 -16.19 -19.90 -12.36
CA LEU A 298 -15.32 -19.17 -11.47
C LEU A 298 -16.11 -18.44 -10.39
N MET A 299 -17.39 -18.20 -10.64
CA MET A 299 -18.25 -17.53 -9.67
C MET A 299 -18.74 -18.48 -8.59
N ILE A 300 -18.84 -19.76 -8.92
CA ILE A 300 -19.26 -20.75 -7.93
C ILE A 300 -18.04 -21.30 -7.17
N LEU A 301 -16.86 -21.14 -7.77
CA LEU A 301 -15.63 -21.52 -7.10
C LEU A 301 -15.16 -20.39 -6.20
N HIS A 302 -15.64 -19.18 -6.47
CA HIS A 302 -15.27 -18.01 -5.69
C HIS A 302 -16.50 -17.17 -5.35
N PRO A 303 -17.33 -17.66 -4.42
CA PRO A 303 -18.58 -17.00 -4.02
C PRO A 303 -18.35 -15.58 -3.51
N ASP A 304 -17.22 -15.35 -2.86
CA ASP A 304 -16.86 -14.03 -2.36
C ASP A 304 -16.80 -13.00 -3.48
N VAL A 305 -16.20 -13.39 -4.60
CA VAL A 305 -16.11 -12.52 -5.77
C VAL A 305 -17.50 -12.27 -6.34
N GLN A 306 -18.31 -13.31 -6.39
CA GLN A 306 -19.67 -13.23 -6.92
C GLN A 306 -20.51 -12.22 -6.15
N ARG A 307 -20.42 -12.26 -4.82
CA ARG A 307 -21.19 -11.36 -3.97
C ARG A 307 -20.76 -9.91 -4.16
N ARG A 308 -19.45 -9.70 -4.28
CA ARG A 308 -18.90 -8.35 -4.45
C ARG A 308 -19.34 -7.75 -5.80
N VAL A 309 -19.48 -8.61 -6.80
CA VAL A 309 -20.00 -8.18 -8.10
C VAL A 309 -21.46 -7.79 -7.98
N GLN A 310 -22.24 -8.67 -7.36
CA GLN A 310 -23.66 -8.42 -7.13
C GLN A 310 -23.87 -7.17 -6.29
N GLN A 311 -22.92 -6.91 -5.40
CA GLN A 311 -22.97 -5.71 -4.57
C GLN A 311 -22.80 -4.46 -5.42
N GLU A 312 -21.88 -4.52 -6.39
CA GLU A 312 -21.62 -3.40 -7.27
C GLU A 312 -22.78 -3.17 -8.24
N ILE A 313 -23.38 -4.27 -8.70
CA ILE A 313 -24.54 -4.20 -9.57
C ILE A 313 -25.68 -3.46 -8.89
N ASP A 314 -25.96 -3.84 -7.65
CA ASP A 314 -27.05 -3.24 -6.88
C ASP A 314 -26.75 -1.78 -6.53
N ASP A 315 -25.47 -1.42 -6.54
CA ASP A 315 -25.05 -0.06 -6.21
C ASP A 315 -25.08 0.86 -7.42
N VAL A 316 -25.03 0.28 -8.62
CA VAL A 316 -24.96 1.06 -9.84
C VAL A 316 -26.20 0.87 -10.71
N ILE A 317 -26.68 -0.37 -10.80
CA ILE A 317 -27.81 -0.69 -11.67
C ILE A 317 -29.08 -0.97 -10.86
N GLY A 318 -28.93 -1.69 -9.76
CA GLY A 318 -30.06 -2.16 -8.99
C GLY A 318 -30.51 -3.50 -9.54
N GLN A 319 -31.50 -4.11 -8.90
CA GLN A 319 -31.99 -5.41 -9.35
C GLN A 319 -33.15 -5.23 -10.32
N VAL A 320 -33.47 -3.98 -10.65
CA VAL A 320 -34.61 -3.69 -11.49
C VAL A 320 -34.26 -3.64 -12.98
N ARG A 321 -33.79 -2.49 -13.45
CA ARG A 321 -33.61 -2.27 -14.88
C ARG A 321 -32.47 -3.10 -15.47
N ARG A 322 -32.54 -3.32 -16.78
CA ARG A 322 -31.52 -4.07 -17.49
C ARG A 322 -30.21 -3.28 -17.58
N PRO A 323 -29.08 -3.99 -17.48
CA PRO A 323 -27.76 -3.37 -17.56
C PRO A 323 -27.53 -2.66 -18.89
N GLU A 324 -26.73 -1.60 -18.87
CA GLU A 324 -26.39 -0.86 -20.07
C GLU A 324 -24.88 -0.66 -20.14
N MET A 325 -24.36 -0.42 -21.34
CA MET A 325 -22.91 -0.27 -21.53
C MET A 325 -22.38 1.01 -20.90
N GLY A 326 -23.29 1.92 -20.55
CA GLY A 326 -22.92 3.15 -19.88
C GLY A 326 -22.57 2.89 -18.43
N ASP A 327 -23.03 1.76 -17.91
CA ASP A 327 -22.82 1.41 -16.51
C ASP A 327 -21.42 0.84 -16.26
N GLN A 328 -20.83 0.26 -17.30
CA GLN A 328 -19.54 -0.43 -17.17
C GLN A 328 -18.44 0.51 -16.68
N ALA A 329 -18.47 1.75 -17.14
CA ALA A 329 -17.46 2.74 -16.75
C ALA A 329 -17.60 3.09 -15.27
N HIS A 330 -18.76 2.80 -14.70
CA HIS A 330 -19.02 3.04 -13.27
C HIS A 330 -18.99 1.75 -12.48
N MET A 331 -18.50 0.67 -13.11
CA MET A 331 -18.40 -0.62 -12.44
C MET A 331 -17.04 -1.27 -12.67
N PRO A 332 -16.00 -0.73 -12.03
CA PRO A 332 -14.62 -1.22 -12.23
C PRO A 332 -14.39 -2.66 -11.74
N TYR A 333 -15.09 -3.07 -10.69
CA TYR A 333 -14.88 -4.41 -10.15
C TYR A 333 -15.44 -5.48 -11.08
N THR A 334 -16.67 -5.29 -11.53
CA THR A 334 -17.30 -6.22 -12.46
C THR A 334 -16.49 -6.31 -13.75
N THR A 335 -16.00 -5.15 -14.21
CA THR A 335 -15.15 -5.09 -15.38
C THR A 335 -13.86 -5.88 -15.17
N ALA A 336 -13.30 -5.76 -13.97
CA ALA A 336 -12.08 -6.47 -13.62
C ALA A 336 -12.31 -7.98 -13.61
N VAL A 337 -13.43 -8.39 -13.03
CA VAL A 337 -13.78 -9.81 -12.95
C VAL A 337 -13.95 -10.42 -14.34
N ILE A 338 -14.65 -9.70 -15.22
CA ILE A 338 -14.87 -10.16 -16.59
C ILE A 338 -13.55 -10.33 -17.33
N HIS A 339 -12.66 -9.36 -17.20
CA HIS A 339 -11.33 -9.44 -17.82
C HIS A 339 -10.52 -10.59 -17.24
N GLU A 340 -10.69 -10.83 -15.94
CA GLU A 340 -9.97 -11.91 -15.28
C GLU A 340 -10.51 -13.28 -15.71
N VAL A 341 -11.82 -13.33 -15.98
CA VAL A 341 -12.43 -14.54 -16.52
C VAL A 341 -11.80 -14.85 -17.87
N GLN A 342 -11.63 -13.82 -18.70
CA GLN A 342 -10.98 -13.99 -19.99
C GLN A 342 -9.53 -14.41 -19.84
N ARG A 343 -8.81 -13.76 -18.93
CA ARG A 343 -7.39 -14.04 -18.71
C ARG A 343 -7.18 -15.46 -18.18
N PHE A 344 -7.91 -15.81 -17.13
CA PHE A 344 -7.80 -17.14 -16.55
C PHE A 344 -8.40 -18.20 -17.47
N GLY A 345 -9.55 -17.88 -18.05
CA GLY A 345 -10.24 -18.79 -18.95
C GLY A 345 -9.35 -19.22 -20.10
N ASP A 346 -8.69 -18.25 -20.71
CA ASP A 346 -7.63 -18.53 -21.69
C ASP A 346 -8.14 -19.41 -22.82
N ILE A 347 -9.25 -19.02 -23.43
CA ILE A 347 -10.00 -19.91 -24.31
C ILE A 347 -9.34 -20.14 -25.68
N VAL A 348 -8.41 -19.27 -26.07
CA VAL A 348 -7.64 -19.49 -27.29
C VAL A 348 -6.14 -19.45 -26.97
N PRO A 349 -5.63 -20.53 -26.36
CA PRO A 349 -4.28 -20.59 -25.79
C PRO A 349 -3.18 -20.35 -26.81
N LEU A 350 -3.32 -20.94 -27.99
CA LEU A 350 -2.30 -20.84 -29.02
C LEU A 350 -2.74 -19.93 -30.15
N GLY A 351 -3.82 -19.18 -29.92
CA GLY A 351 -4.32 -18.24 -30.90
C GLY A 351 -4.62 -18.87 -32.24
N VAL A 352 -4.45 -18.10 -33.30
CA VAL A 352 -4.57 -18.61 -34.65
C VAL A 352 -3.23 -18.46 -35.36
N THR A 353 -2.81 -19.49 -36.08
CA THR A 353 -1.50 -19.52 -36.72
C THR A 353 -1.32 -18.39 -37.73
N HIS A 354 -0.17 -17.74 -37.67
CA HIS A 354 0.23 -16.76 -38.67
C HIS A 354 1.31 -17.35 -39.57
N MET A 355 1.69 -16.61 -40.60
CA MET A 355 2.83 -16.99 -41.43
C MET A 355 3.62 -15.76 -41.83
N THR A 356 4.94 -15.87 -41.81
CA THR A 356 5.80 -14.76 -42.21
C THR A 356 5.80 -14.59 -43.72
N SER A 357 5.46 -13.39 -44.17
CA SER A 357 5.47 -13.08 -45.59
C SER A 357 6.79 -12.40 -45.98
N ARG A 358 7.65 -12.23 -44.99
CA ARG A 358 8.97 -11.62 -45.19
C ARG A 358 9.89 -12.02 -44.05
N ASP A 359 11.20 -11.97 -44.28
CA ASP A 359 12.18 -12.30 -43.26
C ASP A 359 12.17 -11.27 -42.13
N ILE A 360 12.09 -11.73 -40.89
CA ILE A 360 11.99 -10.84 -39.75
C ILE A 360 12.96 -11.17 -38.62
N GLU A 361 13.03 -10.26 -37.65
CA GLU A 361 13.89 -10.43 -36.48
C GLU A 361 13.07 -10.36 -35.20
N VAL A 362 13.06 -11.45 -34.44
CA VAL A 362 12.31 -11.50 -33.19
C VAL A 362 13.17 -11.95 -32.02
N GLN A 363 13.33 -11.07 -31.03
CA GLN A 363 14.12 -11.34 -29.84
C GLN A 363 15.53 -11.80 -30.18
N GLY A 364 16.11 -11.20 -31.22
CA GLY A 364 17.45 -11.52 -31.65
C GLY A 364 17.51 -12.56 -32.74
N PHE A 365 16.65 -13.58 -32.64
CA PHE A 365 16.66 -14.68 -33.58
C PHE A 365 16.13 -14.27 -34.96
N ARG A 366 16.49 -15.05 -35.98
CA ARG A 366 16.03 -14.78 -37.34
C ARG A 366 14.91 -15.73 -37.74
N ILE A 367 13.84 -15.17 -38.28
CA ILE A 367 12.72 -15.97 -38.75
C ILE A 367 12.49 -15.74 -40.25
N PRO A 368 12.80 -16.75 -41.06
CA PRO A 368 12.72 -16.64 -42.52
C PRO A 368 11.29 -16.53 -43.04
N LYS A 369 11.15 -15.98 -44.24
CA LYS A 369 9.86 -15.87 -44.91
C LYS A 369 9.21 -17.24 -45.11
N GLY A 370 7.90 -17.30 -44.89
CA GLY A 370 7.15 -18.53 -45.11
C GLY A 370 7.07 -19.42 -43.87
N THR A 371 7.61 -18.93 -42.77
CA THR A 371 7.59 -19.68 -41.52
C THR A 371 6.24 -19.56 -40.81
N THR A 372 5.70 -20.69 -40.37
CA THR A 372 4.48 -20.68 -39.59
C THR A 372 4.75 -20.16 -38.18
N LEU A 373 4.05 -19.10 -37.80
CA LEU A 373 4.20 -18.52 -36.47
C LEU A 373 3.07 -18.95 -35.54
N ILE A 374 3.42 -19.41 -34.35
CA ILE A 374 2.43 -19.74 -33.34
C ILE A 374 2.53 -18.77 -32.17
N THR A 375 1.50 -17.95 -32.00
CA THR A 375 1.45 -17.01 -30.91
C THR A 375 0.88 -17.69 -29.66
N ASN A 376 1.74 -17.98 -28.70
CA ASN A 376 1.32 -18.58 -27.44
C ASN A 376 0.69 -17.53 -26.54
N LEU A 377 -0.58 -17.22 -26.78
CA LEU A 377 -1.30 -16.20 -26.04
C LEU A 377 -1.47 -16.59 -24.57
N SER A 378 -1.48 -17.89 -24.32
CA SER A 378 -1.53 -18.41 -22.96
C SER A 378 -0.35 -17.87 -22.17
N SER A 379 0.83 -17.93 -22.77
CA SER A 379 2.06 -17.48 -22.13
C SER A 379 2.09 -15.98 -21.91
N VAL A 380 1.17 -15.26 -22.54
CA VAL A 380 1.07 -13.82 -22.35
C VAL A 380 0.04 -13.51 -21.26
N LEU A 381 -1.08 -14.24 -21.28
CA LEU A 381 -2.13 -14.05 -20.29
C LEU A 381 -1.70 -14.55 -18.92
N LYS A 382 -0.77 -15.51 -18.90
CA LYS A 382 -0.31 -16.09 -17.65
C LYS A 382 1.20 -15.95 -17.50
N ASP A 383 1.72 -14.83 -18.02
CA ASP A 383 3.12 -14.48 -17.89
C ASP A 383 3.43 -14.10 -16.44
N GLU A 384 4.29 -14.88 -15.79
CA GLU A 384 4.64 -14.65 -14.40
C GLU A 384 5.35 -13.31 -14.18
N ALA A 385 5.97 -12.80 -15.24
CA ALA A 385 6.72 -11.55 -15.16
C ALA A 385 5.81 -10.33 -15.13
N VAL A 386 4.58 -10.49 -15.61
CA VAL A 386 3.64 -9.38 -15.67
C VAL A 386 2.56 -9.46 -14.59
N TRP A 387 1.92 -10.62 -14.47
CA TRP A 387 0.82 -10.80 -13.55
C TRP A 387 1.28 -11.23 -12.16
N GLU A 388 0.56 -10.77 -11.14
CA GLU A 388 0.90 -11.07 -9.74
C GLU A 388 0.69 -12.55 -9.42
N LYS A 389 -0.50 -13.05 -9.71
CA LYS A 389 -0.84 -14.46 -9.47
C LYS A 389 -1.43 -15.09 -10.73
N PRO A 390 -0.57 -15.33 -11.74
CA PRO A 390 -1.02 -15.76 -13.07
C PRO A 390 -1.89 -17.01 -13.08
N PHE A 391 -1.62 -17.94 -12.15
CA PHE A 391 -2.28 -19.23 -12.15
C PHE A 391 -3.47 -19.28 -11.20
N ARG A 392 -3.83 -18.13 -10.64
CA ARG A 392 -4.96 -18.04 -9.73
C ARG A 392 -6.04 -17.15 -10.31
N PHE A 393 -7.28 -17.35 -9.89
CA PHE A 393 -8.35 -16.43 -10.25
C PHE A 393 -8.28 -15.24 -9.31
N HIS A 394 -7.82 -14.12 -9.85
CA HIS A 394 -7.47 -12.96 -9.04
C HIS A 394 -7.89 -11.68 -9.74
N PRO A 395 -9.11 -11.19 -9.46
CA PRO A 395 -9.68 -9.99 -10.10
C PRO A 395 -8.79 -8.77 -9.93
N GLU A 396 -8.00 -8.74 -8.86
CA GLU A 396 -7.12 -7.61 -8.57
C GLU A 396 -5.98 -7.49 -9.59
N HIS A 397 -5.93 -8.42 -10.53
CA HIS A 397 -5.03 -8.30 -11.67
C HIS A 397 -5.38 -7.08 -12.49
N PHE A 398 -6.62 -6.62 -12.36
CA PHE A 398 -7.12 -5.49 -13.12
C PHE A 398 -7.60 -4.37 -12.20
N LEU A 399 -7.11 -4.35 -10.97
CA LEU A 399 -7.48 -3.33 -9.99
C LEU A 399 -6.28 -2.78 -9.25
N ASP A 400 -6.32 -1.49 -8.91
CA ASP A 400 -5.32 -0.93 -8.02
C ASP A 400 -5.89 -0.89 -6.60
N ALA A 401 -5.10 -0.42 -5.64
CA ALA A 401 -5.52 -0.37 -4.26
C ALA A 401 -6.75 0.51 -4.08
N GLN A 402 -6.89 1.52 -4.94
CA GLN A 402 -7.99 2.46 -4.86
C GLN A 402 -9.29 1.83 -5.36
N GLY A 403 -9.17 0.77 -6.15
CA GLY A 403 -10.33 0.07 -6.68
C GLY A 403 -10.61 0.43 -8.13
N HIS A 404 -9.71 1.20 -8.72
CA HIS A 404 -9.83 1.59 -10.12
C HIS A 404 -9.55 0.41 -11.05
N PHE A 405 -10.24 0.38 -12.19
CA PHE A 405 -9.97 -0.63 -13.20
C PHE A 405 -8.73 -0.25 -14.00
N VAL A 406 -7.80 -1.20 -14.11
CA VAL A 406 -6.60 -1.00 -14.92
C VAL A 406 -6.40 -2.21 -15.84
N LYS A 407 -6.05 -1.95 -17.10
CA LYS A 407 -5.83 -3.03 -18.05
C LYS A 407 -4.38 -3.07 -18.50
N PRO A 408 -3.64 -4.10 -18.05
CA PRO A 408 -2.23 -4.26 -18.40
C PRO A 408 -2.04 -4.53 -19.89
N GLU A 409 -0.86 -4.25 -20.43
CA GLU A 409 -0.57 -4.47 -21.82
C GLU A 409 -0.61 -5.95 -22.18
N ALA A 410 -0.36 -6.80 -21.20
CA ALA A 410 -0.30 -8.25 -21.42
C ALA A 410 -1.68 -8.87 -21.58
N PHE A 411 -2.72 -8.07 -21.45
CA PHE A 411 -4.07 -8.55 -21.68
C PHE A 411 -4.34 -8.66 -23.17
N LEU A 412 -3.99 -9.80 -23.76
CA LEU A 412 -4.16 -10.00 -25.20
C LEU A 412 -4.97 -11.26 -25.56
N PRO A 413 -6.20 -11.39 -25.03
CA PRO A 413 -6.97 -12.59 -25.38
C PRO A 413 -7.46 -12.56 -26.83
N PHE A 414 -7.46 -11.38 -27.43
CA PHE A 414 -7.89 -11.22 -28.81
C PHE A 414 -6.69 -11.06 -29.74
N SER A 415 -5.52 -11.48 -29.26
CA SER A 415 -4.25 -11.33 -29.96
C SER A 415 -3.96 -9.85 -30.26
N ALA A 416 -3.14 -9.60 -31.28
CA ALA A 416 -2.75 -8.23 -31.61
C ALA A 416 -2.34 -8.10 -33.08
N GLY A 417 -2.25 -6.86 -33.55
CA GLY A 417 -1.85 -6.60 -34.92
C GLY A 417 -3.02 -6.54 -35.87
N ARG A 418 -2.73 -6.58 -37.17
CA ARG A 418 -3.75 -6.45 -38.21
C ARG A 418 -4.79 -7.56 -38.21
N ARG A 419 -4.45 -8.70 -37.61
CA ARG A 419 -5.34 -9.86 -37.60
C ARG A 419 -6.10 -10.03 -36.29
N ALA A 420 -5.89 -9.12 -35.35
CA ALA A 420 -6.55 -9.17 -34.05
C ALA A 420 -8.06 -9.30 -34.21
N CYS A 421 -8.68 -10.08 -33.33
CA CYS A 421 -10.10 -10.41 -33.40
C CYS A 421 -10.99 -9.21 -33.72
N LEU A 422 -11.73 -9.30 -34.82
CA LEU A 422 -12.62 -8.21 -35.22
C LEU A 422 -13.92 -8.25 -34.43
N GLY A 423 -14.13 -9.35 -33.72
CA GLY A 423 -15.33 -9.53 -32.93
C GLY A 423 -15.20 -9.01 -31.52
N GLU A 424 -14.04 -8.46 -31.18
CA GLU A 424 -13.77 -7.96 -29.84
C GLU A 424 -14.81 -6.94 -29.35
N PRO A 425 -15.20 -5.96 -30.19
CA PRO A 425 -16.24 -5.04 -29.70
C PRO A 425 -17.56 -5.73 -29.38
N LEU A 426 -17.92 -6.74 -30.16
CA LEU A 426 -19.14 -7.50 -29.89
C LEU A 426 -18.97 -8.35 -28.65
N ALA A 427 -17.78 -8.94 -28.50
CA ALA A 427 -17.48 -9.78 -27.35
C ALA A 427 -17.56 -8.98 -26.05
N ARG A 428 -16.95 -7.79 -26.06
CA ARG A 428 -16.93 -6.91 -24.90
C ARG A 428 -18.33 -6.61 -24.37
N MET A 429 -19.21 -6.15 -25.25
CA MET A 429 -20.56 -5.78 -24.83
C MET A 429 -21.39 -7.00 -24.46
N GLU A 430 -21.21 -8.10 -25.18
CA GLU A 430 -21.93 -9.34 -24.87
C GLU A 430 -21.54 -9.88 -23.51
N LEU A 431 -20.24 -9.90 -23.24
CA LEU A 431 -19.72 -10.41 -21.98
C LEU A 431 -20.24 -9.59 -20.80
N PHE A 432 -20.24 -8.26 -20.94
CA PHE A 432 -20.70 -7.41 -19.86
C PHE A 432 -22.20 -7.52 -19.64
N LEU A 433 -22.97 -7.48 -20.72
CA LEU A 433 -24.43 -7.47 -20.62
C LEU A 433 -25.00 -8.79 -20.15
N PHE A 434 -24.43 -9.90 -20.60
CA PHE A 434 -24.90 -11.22 -20.18
C PHE A 434 -24.46 -11.54 -18.75
N PHE A 435 -23.20 -11.26 -18.44
CA PHE A 435 -22.64 -11.58 -17.11
C PHE A 435 -23.36 -10.81 -16.02
N THR A 436 -23.55 -9.52 -16.21
CA THR A 436 -24.21 -8.69 -15.21
C THR A 436 -25.68 -9.08 -15.03
N SER A 437 -26.37 -9.30 -16.14
CA SER A 437 -27.78 -9.67 -16.10
C SER A 437 -28.00 -10.99 -15.36
N LEU A 438 -27.06 -11.91 -15.50
CA LEU A 438 -27.16 -13.22 -14.86
C LEU A 438 -26.86 -13.15 -13.36
N LEU A 439 -25.95 -12.26 -12.97
CA LEU A 439 -25.62 -12.09 -11.56
C LEU A 439 -26.56 -11.13 -10.88
N GLN A 440 -27.30 -10.36 -11.69
CA GLN A 440 -28.27 -9.41 -11.17
C GLN A 440 -29.51 -10.12 -10.62
N HIS A 441 -29.83 -11.26 -11.22
CA HIS A 441 -31.07 -11.96 -10.88
C HIS A 441 -30.84 -13.33 -10.27
N PHE A 442 -29.65 -13.89 -10.43
CA PHE A 442 -29.37 -15.22 -9.91
C PHE A 442 -28.16 -15.27 -8.99
N SER A 443 -28.17 -16.23 -8.07
CA SER A 443 -27.01 -16.56 -7.27
C SER A 443 -26.58 -17.99 -7.60
N PHE A 444 -25.33 -18.15 -8.03
CA PHE A 444 -24.84 -19.44 -8.49
C PHE A 444 -23.97 -20.13 -7.44
N SER A 445 -24.02 -21.45 -7.41
CA SER A 445 -23.26 -22.22 -6.43
C SER A 445 -23.04 -23.66 -6.86
N VAL A 446 -22.04 -24.30 -6.27
CA VAL A 446 -21.78 -25.71 -6.47
C VAL A 446 -22.87 -26.53 -5.79
N PRO A 447 -23.46 -27.49 -6.51
CA PRO A 447 -24.51 -28.34 -5.94
C PRO A 447 -24.03 -29.08 -4.70
N THR A 448 -24.76 -28.95 -3.59
CA THR A 448 -24.38 -29.59 -2.35
C THR A 448 -24.30 -31.11 -2.50
N GLY A 449 -23.24 -31.71 -2.00
CA GLY A 449 -23.02 -33.14 -2.13
C GLY A 449 -22.15 -33.50 -3.32
N GLN A 450 -21.86 -32.51 -4.16
CA GLN A 450 -21.03 -32.73 -5.33
C GLN A 450 -19.57 -32.30 -5.08
N PRO A 451 -18.62 -33.00 -5.72
CA PRO A 451 -17.21 -32.67 -5.61
C PRO A 451 -16.90 -31.28 -6.14
N ARG A 452 -15.84 -30.67 -5.63
CA ARG A 452 -15.41 -29.35 -6.09
C ARG A 452 -15.04 -29.41 -7.57
N PRO A 453 -15.73 -28.63 -8.41
CA PRO A 453 -15.47 -28.64 -9.85
C PRO A 453 -14.05 -28.16 -10.17
N SER A 454 -13.33 -28.93 -10.96
CA SER A 454 -11.97 -28.57 -11.37
C SER A 454 -11.94 -27.23 -12.10
N HIS A 455 -10.89 -26.45 -11.85
CA HIS A 455 -10.72 -25.18 -12.54
C HIS A 455 -9.80 -25.34 -13.74
N HIS A 456 -9.50 -26.59 -14.07
CA HIS A 456 -8.72 -26.90 -15.27
C HIS A 456 -9.65 -27.14 -16.45
N GLY A 457 -9.19 -26.81 -17.65
CA GLY A 457 -10.03 -26.89 -18.83
C GLY A 457 -9.66 -27.99 -19.80
N VAL A 458 -10.57 -28.26 -20.73
CA VAL A 458 -10.35 -29.25 -21.78
C VAL A 458 -9.97 -28.56 -23.08
N PHE A 459 -8.89 -29.01 -23.72
CA PHE A 459 -8.44 -28.37 -24.96
C PHE A 459 -9.03 -29.02 -26.22
N ALA A 460 -9.52 -28.16 -27.10
CA ALA A 460 -9.97 -28.55 -28.43
C ALA A 460 -9.93 -27.32 -29.32
N PHE A 461 -8.71 -26.87 -29.63
CA PHE A 461 -8.44 -25.54 -30.18
C PHE A 461 -8.92 -24.47 -29.20
N LEU A 462 -10.21 -24.47 -28.91
CA LEU A 462 -10.75 -23.67 -27.81
C LEU A 462 -10.64 -24.46 -26.52
N VAL A 463 -10.41 -23.78 -25.42
CA VAL A 463 -10.39 -24.44 -24.11
C VAL A 463 -11.66 -24.12 -23.32
N SER A 464 -12.50 -25.13 -23.18
CA SER A 464 -13.71 -25.01 -22.39
C SER A 464 -13.45 -25.55 -20.99
N PRO A 465 -14.19 -25.05 -19.99
CA PRO A 465 -14.08 -25.62 -18.65
C PRO A 465 -14.53 -27.07 -18.64
N SER A 466 -13.94 -27.90 -17.79
CA SER A 466 -14.39 -29.27 -17.65
C SER A 466 -15.85 -29.28 -17.21
N PRO A 467 -16.64 -30.23 -17.73
CA PRO A 467 -18.08 -30.33 -17.45
C PRO A 467 -18.42 -30.21 -15.97
N TYR A 468 -19.30 -29.27 -15.66
CA TYR A 468 -19.71 -29.03 -14.28
C TYR A 468 -21.20 -28.71 -14.21
N GLU A 469 -21.76 -28.79 -13.00
CA GLU A 469 -23.15 -28.40 -12.78
C GLU A 469 -23.20 -27.29 -11.74
N LEU A 470 -24.28 -26.50 -11.77
CA LEU A 470 -24.49 -25.47 -10.77
C LEU A 470 -25.96 -25.29 -10.44
N CYS A 471 -26.23 -24.57 -9.35
CA CYS A 471 -27.58 -24.20 -8.99
C CYS A 471 -27.77 -22.72 -9.26
N ALA A 472 -28.91 -22.35 -9.83
CA ALA A 472 -29.22 -20.96 -10.10
C ALA A 472 -30.48 -20.54 -9.35
N VAL A 473 -30.31 -20.09 -8.11
CA VAL A 473 -31.43 -19.61 -7.32
C VAL A 473 -31.62 -18.11 -7.52
N PRO A 474 -32.84 -17.70 -7.90
CA PRO A 474 -33.15 -16.29 -8.13
C PRO A 474 -32.97 -15.43 -6.89
N ARG A 475 -32.81 -14.13 -7.08
CA ARG A 475 -32.60 -13.21 -5.98
C ARG A 475 -33.87 -12.39 -5.71
N GLY B 9 -34.78 23.37 17.91
CA GLY B 9 -34.94 24.31 19.00
C GLY B 9 -33.61 24.71 19.62
N LYS B 10 -32.71 23.75 19.74
CA LYS B 10 -31.40 23.99 20.34
C LYS B 10 -30.53 24.87 19.46
N LEU B 11 -30.01 25.96 20.04
CA LEU B 11 -29.18 26.90 19.30
C LEU B 11 -27.70 26.63 19.52
N PRO B 12 -26.87 26.91 18.50
CA PRO B 12 -25.42 26.69 18.60
C PRO B 12 -24.75 27.51 19.70
N PRO B 13 -23.82 26.91 20.44
CA PRO B 13 -23.11 27.55 21.55
C PRO B 13 -22.08 28.57 21.05
N GLY B 14 -21.77 29.57 21.87
CA GLY B 14 -20.82 30.58 21.50
C GLY B 14 -20.59 31.65 22.54
N PRO B 15 -19.67 32.59 22.26
CA PRO B 15 -19.33 33.69 23.16
C PRO B 15 -20.41 34.77 23.23
N LEU B 16 -20.88 35.06 24.46
CA LEU B 16 -21.91 36.06 24.66
C LEU B 16 -21.28 37.42 24.94
N PRO B 17 -21.70 38.45 24.18
CA PRO B 17 -21.16 39.81 24.30
C PRO B 17 -21.76 40.57 25.47
N VAL B 27 -10.95 38.45 18.45
CA VAL B 27 -11.95 38.70 17.41
C VAL B 27 -11.45 39.76 16.44
N ASP B 28 -10.26 39.54 15.89
CA ASP B 28 -9.62 40.49 14.99
C ASP B 28 -10.06 40.28 13.54
N PHE B 29 -10.54 41.35 12.91
CA PHE B 29 -11.04 41.28 11.54
C PHE B 29 -9.93 41.41 10.52
N GLN B 30 -8.70 41.58 11.00
CA GLN B 30 -7.53 41.59 10.11
C GLN B 30 -6.93 40.18 10.06
N ASN B 31 -7.41 39.32 10.94
CA ASN B 31 -7.01 37.92 10.98
C ASN B 31 -8.20 37.04 11.34
N THR B 32 -9.34 37.30 10.70
CA THR B 32 -10.59 36.62 11.00
C THR B 32 -10.56 35.08 10.87
N PRO B 33 -9.96 34.53 9.78
CA PRO B 33 -9.98 33.07 9.65
C PRO B 33 -9.33 32.34 10.83
N TYR B 34 -8.16 32.80 11.24
CA TYR B 34 -7.42 32.14 12.31
C TYR B 34 -8.13 32.23 13.66
N CYS B 35 -8.87 33.33 13.86
CA CYS B 35 -9.61 33.52 15.10
C CYS B 35 -10.82 32.59 15.15
N PHE B 36 -11.47 32.40 14.01
CA PHE B 36 -12.61 31.50 13.92
C PHE B 36 -12.19 30.06 14.20
N ASP B 37 -10.99 29.70 13.75
CA ASP B 37 -10.46 28.36 13.98
C ASP B 37 -10.20 28.13 15.47
N GLN B 38 -9.85 29.20 16.17
CA GLN B 38 -9.69 29.14 17.61
C GLN B 38 -11.02 28.89 18.30
N LEU B 39 -12.06 29.55 17.78
CA LEU B 39 -13.41 29.38 18.31
C LEU B 39 -13.97 28.00 17.98
N ARG B 40 -13.57 27.46 16.83
CA ARG B 40 -14.05 26.15 16.40
C ARG B 40 -13.62 25.05 17.36
N ARG B 41 -12.32 25.00 17.64
CA ARG B 41 -11.77 23.96 18.51
C ARG B 41 -12.24 24.09 19.96
N ARG B 42 -12.82 25.25 20.29
CA ARG B 42 -13.27 25.51 21.65
C ARG B 42 -14.75 25.17 21.82
N PHE B 43 -15.55 25.42 20.81
CA PHE B 43 -17.01 25.26 20.92
C PHE B 43 -17.59 24.21 19.97
N GLY B 44 -16.80 23.79 18.98
CA GLY B 44 -17.26 22.79 18.03
C GLY B 44 -17.37 23.32 16.62
N ASP B 45 -17.85 22.48 15.70
CA ASP B 45 -17.95 22.84 14.29
C ASP B 45 -19.02 23.90 14.04
N VAL B 46 -20.17 23.75 14.68
CA VAL B 46 -21.24 24.73 14.55
C VAL B 46 -21.34 25.58 15.80
N PHE B 47 -20.84 26.81 15.74
CA PHE B 47 -20.92 27.72 16.87
C PHE B 47 -21.53 29.06 16.46
N SER B 48 -22.22 29.70 17.40
CA SER B 48 -22.81 31.01 17.17
C SER B 48 -21.92 32.10 17.73
N LEU B 49 -22.08 33.32 17.20
CA LEU B 49 -21.41 34.48 17.75
C LEU B 49 -22.19 35.74 17.39
N GLN B 50 -21.94 36.82 18.12
CA GLN B 50 -22.70 38.05 17.95
C GLN B 50 -21.86 39.19 17.39
N LEU B 51 -22.09 39.52 16.13
CA LEU B 51 -21.46 40.69 15.52
C LEU B 51 -22.39 41.89 15.62
N ALA B 52 -22.22 42.67 16.68
CA ALA B 52 -23.07 43.82 16.98
C ALA B 52 -24.55 43.41 17.05
N TRP B 53 -25.35 43.93 16.14
CA TRP B 53 -26.78 43.65 16.14
C TRP B 53 -27.12 42.45 15.25
N THR B 54 -26.12 41.94 14.54
CA THR B 54 -26.35 40.87 13.56
C THR B 54 -26.01 39.49 14.12
N PRO B 55 -27.00 38.57 14.08
CA PRO B 55 -26.82 37.18 14.51
C PRO B 55 -26.09 36.35 13.46
N VAL B 56 -24.97 35.74 13.86
CA VAL B 56 -24.13 35.00 12.92
C VAL B 56 -23.83 33.58 13.39
N VAL B 57 -23.91 32.62 12.48
CA VAL B 57 -23.54 31.24 12.75
C VAL B 57 -22.43 30.78 11.81
N VAL B 58 -21.35 30.27 12.37
CA VAL B 58 -20.21 29.81 11.58
C VAL B 58 -20.23 28.30 11.42
N LEU B 59 -20.06 27.84 10.18
CA LEU B 59 -20.11 26.42 9.87
C LEU B 59 -18.72 25.87 9.55
N ASN B 60 -18.34 24.81 10.26
CA ASN B 60 -17.01 24.23 10.11
C ASN B 60 -17.06 22.77 9.72
N GLY B 61 -16.08 22.34 8.90
CA GLY B 61 -16.02 20.96 8.46
C GLY B 61 -16.96 20.68 7.31
N LEU B 62 -16.63 19.67 6.52
CA LEU B 62 -17.42 19.30 5.35
C LEU B 62 -18.88 19.01 5.67
N ALA B 63 -19.11 18.26 6.75
CA ALA B 63 -20.47 17.83 7.11
C ALA B 63 -21.40 19.00 7.38
N ALA B 64 -20.96 19.95 8.20
CA ALA B 64 -21.79 21.11 8.54
C ALA B 64 -22.01 22.00 7.34
N VAL B 65 -20.95 22.24 6.58
CA VAL B 65 -21.02 23.09 5.39
C VAL B 65 -21.92 22.47 4.33
N ARG B 66 -21.78 21.16 4.13
CA ARG B 66 -22.58 20.45 3.12
C ARG B 66 -24.05 20.41 3.49
N GLU B 67 -24.35 20.18 4.77
CA GLU B 67 -25.75 20.11 5.20
C GLU B 67 -26.43 21.48 5.04
N ALA B 68 -25.64 22.54 5.17
CA ALA B 68 -26.16 23.89 5.01
C ALA B 68 -26.40 24.22 3.54
N LEU B 69 -25.36 24.05 2.72
CA LEU B 69 -25.39 24.52 1.34
C LEU B 69 -26.05 23.55 0.37
N VAL B 70 -25.98 22.26 0.67
CA VAL B 70 -26.58 21.25 -0.22
C VAL B 70 -27.92 20.75 0.30
N THR B 71 -27.92 20.17 1.50
CA THR B 71 -29.12 19.58 2.07
C THR B 71 -30.23 20.62 2.26
N HIS B 72 -29.86 21.78 2.81
CA HIS B 72 -30.81 22.88 2.98
C HIS B 72 -30.49 24.02 2.03
N GLY B 73 -30.07 23.66 0.81
CA GLY B 73 -29.63 24.64 -0.17
C GLY B 73 -30.66 25.68 -0.56
N GLU B 74 -31.93 25.26 -0.59
CA GLU B 74 -33.02 26.18 -0.94
C GLU B 74 -33.17 27.29 0.08
N ASP B 75 -32.80 26.99 1.33
CA ASP B 75 -33.03 27.92 2.43
C ASP B 75 -31.77 28.66 2.89
N THR B 76 -30.66 28.44 2.18
CA THR B 76 -29.39 29.06 2.57
C THR B 76 -28.70 29.78 1.41
N ALA B 77 -29.39 29.89 0.28
CA ALA B 77 -28.79 30.45 -0.92
C ALA B 77 -28.92 31.97 -0.98
N ASP B 78 -29.42 32.56 0.10
CA ASP B 78 -29.65 34.00 0.14
C ASP B 78 -28.43 34.76 0.66
N ARG B 79 -28.39 36.06 0.37
CA ARG B 79 -27.29 36.91 0.82
C ARG B 79 -27.78 37.86 1.92
N PRO B 80 -26.92 38.14 2.91
CA PRO B 80 -27.23 39.12 3.94
C PRO B 80 -27.24 40.53 3.34
N PRO B 81 -28.05 41.43 3.92
CA PRO B 81 -28.01 42.82 3.44
C PRO B 81 -26.67 43.46 3.74
N VAL B 82 -26.07 44.09 2.73
CA VAL B 82 -24.79 44.77 2.91
C VAL B 82 -24.98 46.27 2.65
N PRO B 83 -25.32 47.01 3.71
CA PRO B 83 -25.71 48.43 3.65
C PRO B 83 -24.62 49.33 3.08
N ILE B 84 -23.36 48.90 3.21
CA ILE B 84 -22.22 49.70 2.81
C ILE B 84 -22.15 49.92 1.30
N THR B 85 -22.88 49.09 0.56
CA THR B 85 -22.86 49.15 -0.91
C THR B 85 -23.88 50.15 -1.44
N GLN B 86 -24.50 50.90 -0.54
CA GLN B 86 -25.47 51.92 -0.91
C GLN B 86 -24.80 53.05 -1.68
N ILE B 87 -23.50 53.22 -1.46
CA ILE B 87 -22.72 54.27 -2.10
C ILE B 87 -22.45 53.93 -3.57
N LEU B 88 -22.62 52.67 -3.94
CA LEU B 88 -22.30 52.20 -5.28
C LEU B 88 -23.53 52.07 -6.17
N GLY B 89 -24.63 52.67 -5.75
CA GLY B 89 -25.84 52.75 -6.55
C GLY B 89 -26.56 51.43 -6.77
N PHE B 90 -26.67 50.62 -5.73
CA PHE B 90 -27.36 49.33 -5.82
C PHE B 90 -28.88 49.48 -5.68
N GLY B 91 -29.61 48.62 -6.37
CA GLY B 91 -31.07 48.64 -6.33
C GLY B 91 -31.69 47.28 -6.53
N PRO B 92 -33.02 47.22 -6.57
CA PRO B 92 -33.81 45.98 -6.72
C PRO B 92 -33.31 45.10 -7.88
N ARG B 93 -33.28 45.66 -9.09
CA ARG B 93 -32.76 44.95 -10.24
C ARG B 93 -31.32 45.37 -10.51
N SER B 94 -30.63 45.81 -9.46
CA SER B 94 -29.25 46.25 -9.57
C SER B 94 -28.41 45.74 -8.41
N GLN B 95 -28.17 44.43 -8.39
CA GLN B 95 -27.38 43.82 -7.33
C GLN B 95 -26.29 42.92 -7.91
N GLY B 96 -26.26 42.80 -9.23
CA GLY B 96 -25.32 41.92 -9.89
C GLY B 96 -25.61 40.46 -9.59
N VAL B 97 -24.57 39.70 -9.28
CA VAL B 97 -24.72 38.30 -8.91
C VAL B 97 -24.26 38.05 -7.48
N PHE B 98 -23.08 38.56 -7.15
CA PHE B 98 -22.44 38.33 -5.86
C PHE B 98 -23.31 38.70 -4.66
N LEU B 99 -23.76 39.95 -4.63
CA LEU B 99 -24.54 40.45 -3.49
C LEU B 99 -26.03 40.31 -3.74
N ALA B 100 -26.39 39.84 -4.92
CA ALA B 100 -27.79 39.68 -5.30
C ALA B 100 -28.53 38.78 -4.34
N ARG B 101 -29.68 39.25 -3.86
CA ARG B 101 -30.56 38.46 -3.01
C ARG B 101 -31.02 37.23 -3.77
N TYR B 102 -31.28 36.14 -3.06
CA TYR B 102 -31.73 34.93 -3.71
C TYR B 102 -33.12 35.13 -4.32
N GLY B 103 -33.16 35.33 -5.63
CA GLY B 103 -34.40 35.58 -6.33
C GLY B 103 -34.21 35.69 -7.83
N PRO B 104 -35.21 36.28 -8.51
CA PRO B 104 -35.27 36.40 -9.98
C PRO B 104 -34.09 37.19 -10.54
N ALA B 105 -33.78 38.31 -9.93
CA ALA B 105 -32.69 39.17 -10.39
C ALA B 105 -31.36 38.42 -10.37
N TRP B 106 -31.13 37.67 -9.30
CA TRP B 106 -29.92 36.86 -9.18
C TRP B 106 -29.89 35.76 -10.23
N ARG B 107 -31.00 35.02 -10.33
CA ARG B 107 -31.07 33.86 -11.21
C ARG B 107 -30.90 34.25 -12.68
N GLU B 108 -31.49 35.37 -13.06
CA GLU B 108 -31.37 35.86 -14.43
C GLU B 108 -29.92 36.19 -14.77
N GLN B 109 -29.27 36.94 -13.89
CA GLN B 109 -27.88 37.33 -14.10
C GLN B 109 -26.94 36.14 -14.00
N ARG B 110 -27.25 35.21 -13.10
CA ARG B 110 -26.44 34.01 -12.93
C ARG B 110 -26.49 33.14 -14.18
N ARG B 111 -27.70 32.85 -14.64
CA ARG B 111 -27.90 32.02 -15.83
C ARG B 111 -27.31 32.68 -17.06
N PHE B 112 -27.38 34.01 -17.12
CA PHE B 112 -26.84 34.75 -18.25
C PHE B 112 -25.32 34.61 -18.33
N SER B 113 -24.65 34.81 -17.20
CA SER B 113 -23.19 34.73 -17.16
C SER B 113 -22.69 33.33 -17.51
N VAL B 114 -23.28 32.32 -16.88
CA VAL B 114 -22.90 30.93 -17.13
C VAL B 114 -23.05 30.56 -18.61
N SER B 115 -24.17 30.97 -19.20
CA SER B 115 -24.46 30.65 -20.59
C SER B 115 -23.59 31.45 -21.56
N THR B 116 -23.43 32.74 -21.29
CA THR B 116 -22.69 33.63 -22.19
C THR B 116 -21.22 33.27 -22.27
N LEU B 117 -20.60 33.01 -21.11
CA LEU B 117 -19.21 32.58 -21.07
C LEU B 117 -19.02 31.30 -21.89
N ARG B 118 -19.98 30.39 -21.75
CA ARG B 118 -19.96 29.12 -22.46
C ARG B 118 -20.11 29.31 -23.97
N ASN B 119 -20.98 30.24 -24.37
CA ASN B 119 -21.18 30.56 -25.77
C ASN B 119 -19.96 31.20 -26.39
N LEU B 120 -19.24 31.98 -25.60
CA LEU B 120 -18.08 32.72 -26.09
C LEU B 120 -16.85 31.83 -26.26
N GLY B 121 -16.96 30.57 -25.85
CA GLY B 121 -15.88 29.62 -26.09
C GLY B 121 -15.33 28.92 -24.87
N LEU B 122 -15.98 29.11 -23.72
CA LEU B 122 -15.57 28.39 -22.51
C LEU B 122 -16.02 26.94 -22.61
N GLY B 123 -15.06 26.04 -22.80
CA GLY B 123 -15.34 24.64 -23.02
C GLY B 123 -14.96 24.25 -24.43
N LYS B 124 -14.64 25.26 -25.24
CA LYS B 124 -14.21 25.04 -26.61
C LYS B 124 -12.71 25.28 -26.75
N LYS B 125 -12.18 25.00 -27.94
CA LYS B 125 -10.77 25.22 -28.23
C LYS B 125 -10.48 26.71 -28.41
N SER B 126 -11.54 27.49 -28.61
CA SER B 126 -11.42 28.92 -28.88
C SER B 126 -10.73 29.68 -27.74
N LEU B 127 -11.39 29.74 -26.58
CA LEU B 127 -10.82 30.40 -25.42
C LEU B 127 -9.52 29.73 -24.99
N GLU B 128 -9.50 28.41 -25.13
CA GLU B 128 -8.35 27.58 -24.80
C GLU B 128 -7.07 28.07 -25.48
N GLN B 129 -7.18 28.37 -26.77
CA GLN B 129 -6.04 28.86 -27.54
C GLN B 129 -5.76 30.33 -27.23
N TRP B 130 -6.80 31.06 -26.82
CA TRP B 130 -6.62 32.47 -26.46
C TRP B 130 -5.82 32.58 -25.17
N VAL B 131 -6.22 31.80 -24.17
CA VAL B 131 -5.53 31.76 -22.88
C VAL B 131 -4.06 31.39 -23.06
N THR B 132 -3.81 30.37 -23.87
CA THR B 132 -2.46 29.89 -24.10
C THR B 132 -1.66 30.89 -24.93
N GLU B 133 -2.35 31.83 -25.57
CA GLU B 133 -1.69 32.91 -26.31
C GLU B 133 -1.24 33.99 -25.34
N GLU B 134 -2.07 34.27 -24.35
CA GLU B 134 -1.75 35.25 -23.32
C GLU B 134 -0.62 34.74 -22.44
N ALA B 135 -0.56 33.42 -22.26
CA ALA B 135 0.50 32.79 -21.49
C ALA B 135 1.86 33.06 -22.13
N ALA B 136 1.87 33.08 -23.46
CA ALA B 136 3.08 33.38 -24.22
C ALA B 136 3.56 34.80 -23.90
N CYS B 137 2.62 35.72 -23.74
CA CYS B 137 2.93 37.08 -23.33
C CYS B 137 3.50 37.07 -21.92
N LEU B 138 2.87 36.29 -21.04
CA LEU B 138 3.31 36.15 -19.66
C LEU B 138 4.71 35.55 -19.60
N CYS B 139 4.96 34.53 -20.42
CA CYS B 139 6.27 33.90 -20.49
C CYS B 139 7.35 34.88 -20.95
N ALA B 140 7.01 35.69 -21.95
CA ALA B 140 7.94 36.67 -22.51
C ALA B 140 8.30 37.72 -21.47
N ALA B 141 7.30 38.14 -20.69
CA ALA B 141 7.52 39.13 -19.63
C ALA B 141 8.39 38.56 -18.53
N PHE B 142 8.26 37.26 -18.30
CA PHE B 142 9.08 36.55 -17.32
C PHE B 142 10.52 36.49 -17.78
N ALA B 143 10.72 36.17 -19.06
CA ALA B 143 12.05 36.04 -19.63
C ALA B 143 12.81 37.36 -19.62
N ASN B 144 12.09 38.46 -19.82
CA ASN B 144 12.68 39.79 -19.87
C ASN B 144 13.33 40.22 -18.56
N HIS B 145 13.03 39.49 -17.49
CA HIS B 145 13.65 39.74 -16.19
C HIS B 145 15.02 39.08 -16.09
N SER B 146 15.44 38.44 -17.18
CA SER B 146 16.70 37.68 -17.23
C SER B 146 16.74 36.65 -16.11
N GLY B 147 17.70 36.79 -15.20
CA GLY B 147 17.83 35.88 -14.08
C GLY B 147 17.62 36.58 -12.76
N ARG B 148 17.46 37.90 -12.80
CA ARG B 148 17.26 38.70 -11.60
C ARG B 148 16.01 38.28 -10.83
N PRO B 149 16.07 38.35 -9.49
CA PRO B 149 14.89 38.04 -8.66
C PRO B 149 13.80 39.08 -8.84
N PHE B 150 12.55 38.65 -8.76
CA PHE B 150 11.41 39.56 -8.94
C PHE B 150 10.13 38.98 -8.36
N ARG B 151 9.23 39.87 -7.94
CA ARG B 151 7.90 39.48 -7.52
C ARG B 151 7.04 39.19 -8.75
N PRO B 152 6.54 37.94 -8.87
CA PRO B 152 5.77 37.52 -10.03
C PRO B 152 4.32 37.99 -9.99
N ASN B 153 3.90 38.56 -8.86
CA ASN B 153 2.51 38.94 -8.64
C ASN B 153 1.94 39.88 -9.71
N GLY B 154 2.65 40.97 -9.98
CA GLY B 154 2.19 41.98 -10.91
C GLY B 154 1.93 41.46 -12.31
N LEU B 155 2.78 40.56 -12.77
CA LEU B 155 2.66 40.01 -14.11
C LEU B 155 1.57 38.95 -14.20
N LEU B 156 1.38 38.22 -13.10
CA LEU B 156 0.31 37.23 -13.02
C LEU B 156 -1.04 37.91 -13.10
N ASP B 157 -1.17 39.05 -12.42
CA ASP B 157 -2.41 39.81 -12.42
C ASP B 157 -2.76 40.27 -13.83
N LYS B 158 -1.80 40.85 -14.53
CA LYS B 158 -2.00 41.37 -15.87
C LYS B 158 -2.44 40.28 -16.85
N ALA B 159 -1.69 39.18 -16.88
CA ALA B 159 -1.96 38.07 -17.80
C ALA B 159 -3.35 37.48 -17.57
N VAL B 160 -3.69 37.25 -16.31
CA VAL B 160 -4.97 36.66 -15.95
C VAL B 160 -6.11 37.67 -16.17
N SER B 161 -5.84 38.95 -15.94
CA SER B 161 -6.83 39.99 -16.15
C SER B 161 -7.20 40.13 -17.62
N ASN B 162 -6.23 39.91 -18.50
CA ASN B 162 -6.48 40.01 -19.94
C ASN B 162 -7.42 38.93 -20.43
N VAL B 163 -7.41 37.79 -19.75
CA VAL B 163 -8.30 36.68 -20.13
C VAL B 163 -9.76 37.06 -19.89
N ILE B 164 -10.04 37.54 -18.69
CA ILE B 164 -11.41 37.93 -18.33
C ILE B 164 -11.80 39.21 -19.06
N ALA B 165 -10.82 40.05 -19.36
CA ALA B 165 -11.07 41.26 -20.13
C ALA B 165 -11.48 40.89 -21.55
N SER B 166 -10.90 39.82 -22.07
CA SER B 166 -11.23 39.34 -23.41
C SER B 166 -12.67 38.82 -23.45
N LEU B 167 -13.08 38.15 -22.39
CA LEU B 167 -14.42 37.57 -22.32
C LEU B 167 -15.48 38.62 -22.06
N THR B 168 -15.15 39.63 -21.26
CA THR B 168 -16.12 40.67 -20.92
C THR B 168 -16.01 41.91 -21.79
N CYS B 169 -14.80 42.42 -21.98
CA CYS B 169 -14.59 43.66 -22.70
C CYS B 169 -14.28 43.43 -24.18
N GLY B 170 -13.88 42.20 -24.53
CA GLY B 170 -13.58 41.86 -25.90
C GLY B 170 -12.22 42.34 -26.35
N ARG B 171 -11.33 42.55 -25.38
CA ARG B 171 -9.99 43.04 -25.69
C ARG B 171 -8.98 42.67 -24.60
N ARG B 172 -7.70 42.75 -24.95
CA ARG B 172 -6.64 42.64 -23.96
C ARG B 172 -5.93 43.98 -23.85
N PHE B 173 -5.14 44.15 -22.80
CA PHE B 173 -4.38 45.38 -22.61
C PHE B 173 -2.89 45.07 -22.56
N GLU B 174 -2.07 45.99 -23.05
CA GLU B 174 -0.62 45.85 -22.97
C GLU B 174 -0.20 45.97 -21.51
N TYR B 175 0.89 45.29 -21.15
CA TYR B 175 1.33 45.24 -19.76
C TYR B 175 1.85 46.59 -19.25
N ASP B 176 1.99 47.56 -20.15
CA ASP B 176 2.43 48.89 -19.76
C ASP B 176 1.34 49.94 -19.99
N ASP B 177 0.15 49.49 -20.35
CA ASP B 177 -0.98 50.39 -20.56
C ASP B 177 -1.36 51.11 -19.27
N PRO B 178 -1.23 52.44 -19.28
CA PRO B 178 -1.45 53.31 -18.10
C PRO B 178 -2.82 53.12 -17.48
N ARG B 179 -3.84 52.96 -18.33
CA ARG B 179 -5.21 52.80 -17.86
C ARG B 179 -5.44 51.40 -17.30
N PHE B 180 -4.78 50.42 -17.91
CA PHE B 180 -4.85 49.03 -17.45
C PHE B 180 -4.21 48.90 -16.07
N LEU B 181 -3.09 49.57 -15.89
CA LEU B 181 -2.35 49.53 -14.63
C LEU B 181 -3.15 50.18 -13.49
N ARG B 182 -3.79 51.30 -13.79
CA ARG B 182 -4.62 51.97 -12.78
C ARG B 182 -5.81 51.09 -12.40
N LEU B 183 -6.36 50.40 -13.40
CA LEU B 183 -7.50 49.51 -13.18
C LEU B 183 -7.14 48.38 -12.23
N LEU B 184 -5.99 47.76 -12.46
CA LEU B 184 -5.51 46.67 -11.62
C LEU B 184 -5.19 47.17 -10.22
N ASP B 185 -4.61 48.37 -10.13
CA ASP B 185 -4.26 48.96 -8.85
C ASP B 185 -5.50 49.24 -8.01
N LEU B 186 -6.48 49.91 -8.61
CA LEU B 186 -7.72 50.25 -7.93
C LEU B 186 -8.47 49.01 -7.48
N ALA B 187 -8.34 47.92 -8.24
CA ALA B 187 -8.99 46.66 -7.93
C ALA B 187 -8.39 46.02 -6.68
N GLN B 188 -7.06 45.99 -6.61
CA GLN B 188 -6.36 45.44 -5.46
C GLN B 188 -6.65 46.24 -4.19
N GLU B 189 -6.70 47.56 -4.34
CA GLU B 189 -6.99 48.45 -3.22
C GLU B 189 -8.44 48.31 -2.79
N GLY B 190 -9.33 48.09 -3.75
CA GLY B 190 -10.73 47.88 -3.46
C GLY B 190 -10.93 46.56 -2.73
N LEU B 191 -10.07 45.59 -3.04
CA LEU B 191 -10.13 44.29 -2.41
C LEU B 191 -9.86 44.38 -0.91
N LYS B 192 -8.97 45.29 -0.52
CA LYS B 192 -8.66 45.48 0.89
C LYS B 192 -9.83 46.07 1.65
N GLU B 193 -10.66 46.83 0.93
CA GLU B 193 -11.83 47.46 1.54
C GLU B 193 -12.95 46.43 1.78
N GLU B 194 -12.77 45.23 1.23
CA GLU B 194 -13.69 44.12 1.48
C GLU B 194 -13.50 43.58 2.89
N SER B 195 -12.32 43.79 3.44
CA SER B 195 -12.00 43.34 4.79
C SER B 195 -11.85 44.53 5.72
N GLY B 196 -11.51 44.26 6.98
CA GLY B 196 -11.26 45.33 7.94
C GLY B 196 -12.35 45.46 8.99
N PHE B 197 -12.24 46.51 9.80
CA PHE B 197 -13.16 46.73 10.90
C PHE B 197 -14.25 47.73 10.55
N LEU B 198 -13.87 48.78 9.81
CA LEU B 198 -14.78 49.85 9.44
C LEU B 198 -15.98 49.33 8.63
N ARG B 199 -15.71 48.39 7.74
CA ARG B 199 -16.77 47.81 6.91
C ARG B 199 -17.78 47.05 7.76
N GLU B 200 -17.27 46.32 8.75
CA GLU B 200 -18.11 45.53 9.64
C GLU B 200 -18.96 46.41 10.54
N VAL B 201 -18.46 47.61 10.84
CA VAL B 201 -19.22 48.56 11.64
C VAL B 201 -20.42 49.09 10.88
N LEU B 202 -20.17 49.76 9.76
CA LEU B 202 -21.22 50.39 8.98
C LEU B 202 -22.23 49.37 8.42
N ASN B 203 -21.79 48.13 8.26
CA ASN B 203 -22.69 47.06 7.86
C ASN B 203 -23.69 46.74 8.96
N ALA B 204 -23.25 46.90 10.20
CA ALA B 204 -24.08 46.59 11.36
C ALA B 204 -24.96 47.79 11.73
N VAL B 205 -24.38 48.99 11.67
CA VAL B 205 -25.14 50.21 11.93
C VAL B 205 -25.14 51.13 10.71
N PRO B 206 -26.09 50.89 9.79
CA PRO B 206 -26.21 51.63 8.53
C PRO B 206 -26.45 53.12 8.72
N VAL B 207 -26.80 53.54 9.93
CA VAL B 207 -27.10 54.94 10.22
C VAL B 207 -25.83 55.79 10.29
N LEU B 208 -24.68 55.14 10.41
CA LEU B 208 -23.40 55.85 10.46
C LEU B 208 -22.94 56.24 9.05
N LEU B 209 -23.74 55.89 8.06
CA LEU B 209 -23.46 56.24 6.67
C LEU B 209 -23.86 57.70 6.41
N HIS B 210 -24.79 58.19 7.20
CA HIS B 210 -25.40 59.50 6.98
C HIS B 210 -24.44 60.67 7.17
N ILE B 211 -23.26 60.40 7.71
CA ILE B 211 -22.22 61.44 7.81
C ILE B 211 -21.51 61.57 6.46
N PRO B 212 -21.71 62.72 5.79
CA PRO B 212 -21.19 62.96 4.44
C PRO B 212 -19.67 62.83 4.35
N ALA B 213 -18.97 63.26 5.41
CA ALA B 213 -17.52 63.19 5.44
C ALA B 213 -17.05 61.76 5.69
N LEU B 214 -17.79 61.04 6.53
CA LEU B 214 -17.44 59.67 6.87
C LEU B 214 -17.70 58.73 5.69
N ALA B 215 -18.74 59.03 4.92
CA ALA B 215 -19.16 58.18 3.82
C ALA B 215 -18.16 58.18 2.66
N GLY B 216 -17.29 59.19 2.62
CA GLY B 216 -16.30 59.29 1.57
C GLY B 216 -15.15 58.32 1.75
N LYS B 217 -14.60 58.30 2.95
CA LYS B 217 -13.47 57.44 3.30
C LYS B 217 -13.82 55.96 3.16
N VAL B 218 -15.12 55.65 3.27
CA VAL B 218 -15.62 54.28 3.29
C VAL B 218 -15.13 53.40 2.15
N LEU B 219 -15.50 53.75 0.92
CA LEU B 219 -15.12 52.95 -0.24
C LEU B 219 -14.45 53.80 -1.32
N ARG B 220 -13.32 54.41 -0.95
CA ARG B 220 -12.58 55.29 -1.84
C ARG B 220 -12.16 54.60 -3.14
N PHE B 221 -11.57 53.42 -3.00
CA PHE B 221 -10.97 52.74 -4.15
C PHE B 221 -11.96 51.93 -4.97
N GLN B 222 -13.01 51.41 -4.33
CA GLN B 222 -14.05 50.68 -5.04
C GLN B 222 -14.84 51.64 -5.93
N LYS B 223 -15.05 52.85 -5.42
CA LYS B 223 -15.72 53.90 -6.19
C LYS B 223 -14.83 54.35 -7.34
N ALA B 224 -13.53 54.48 -7.05
CA ALA B 224 -12.57 54.87 -8.06
C ALA B 224 -12.45 53.81 -9.15
N PHE B 225 -12.54 52.55 -8.75
CA PHE B 225 -12.46 51.42 -9.67
C PHE B 225 -13.61 51.48 -10.67
N LEU B 226 -14.82 51.70 -10.17
CA LEU B 226 -16.01 51.77 -11.02
C LEU B 226 -15.93 52.93 -11.99
N THR B 227 -15.42 54.06 -11.51
CA THR B 227 -15.26 55.25 -12.34
C THR B 227 -14.34 54.96 -13.53
N GLN B 228 -13.22 54.32 -13.26
CA GLN B 228 -12.28 53.93 -14.30
C GLN B 228 -12.91 52.93 -15.27
N LEU B 229 -13.72 52.03 -14.72
CA LEU B 229 -14.38 51.01 -15.52
C LEU B 229 -15.42 51.60 -16.45
N ASP B 230 -16.16 52.59 -15.95
CA ASP B 230 -17.18 53.27 -16.75
C ASP B 230 -16.58 53.90 -18.00
N GLU B 231 -15.37 54.45 -17.85
CA GLU B 231 -14.65 55.04 -18.96
C GLU B 231 -14.40 54.01 -20.07
N LEU B 232 -14.01 52.81 -19.65
CA LEU B 232 -13.72 51.73 -20.59
C LEU B 232 -15.01 51.15 -21.18
N LEU B 233 -16.07 51.14 -20.39
CA LEU B 233 -17.38 50.68 -20.86
C LEU B 233 -17.93 51.61 -21.94
N THR B 234 -17.80 52.90 -21.71
CA THR B 234 -18.27 53.90 -22.66
C THR B 234 -17.55 53.77 -24.01
N GLU B 235 -16.26 53.49 -23.95
CA GLU B 235 -15.48 53.26 -25.16
C GLU B 235 -15.98 52.01 -25.89
N HIS B 236 -16.25 50.97 -25.13
CA HIS B 236 -16.69 49.69 -25.68
C HIS B 236 -18.06 49.83 -26.33
N ARG B 237 -18.90 50.69 -25.77
CA ARG B 237 -20.21 50.98 -26.35
C ARG B 237 -20.09 51.54 -27.76
N MET B 238 -19.09 52.40 -27.95
CA MET B 238 -18.88 53.08 -29.23
C MET B 238 -18.45 52.12 -30.33
N THR B 239 -17.68 51.10 -29.96
CA THR B 239 -17.17 50.14 -30.94
C THR B 239 -18.12 48.98 -31.19
N TRP B 240 -19.08 48.80 -30.29
CA TRP B 240 -20.03 47.70 -30.37
C TRP B 240 -20.82 47.72 -31.68
N ASP B 241 -20.81 46.60 -32.40
CA ASP B 241 -21.59 46.43 -33.61
C ASP B 241 -22.77 45.50 -33.36
N PRO B 242 -23.96 46.08 -33.08
CA PRO B 242 -25.17 45.32 -32.75
C PRO B 242 -25.74 44.55 -33.95
N ALA B 243 -25.22 44.81 -35.14
CA ALA B 243 -25.64 44.08 -36.33
C ALA B 243 -24.86 42.79 -36.47
N GLN B 244 -24.07 42.46 -35.45
CA GLN B 244 -23.24 41.27 -35.44
C GLN B 244 -23.47 40.52 -34.13
N PRO B 245 -23.33 39.18 -34.16
CA PRO B 245 -23.43 38.39 -32.92
C PRO B 245 -22.43 38.88 -31.88
N PRO B 246 -22.88 39.07 -30.64
CA PRO B 246 -22.05 39.55 -29.52
C PRO B 246 -20.70 38.84 -29.42
N ARG B 247 -19.64 39.63 -29.35
CA ARG B 247 -18.28 39.13 -29.32
C ARG B 247 -17.77 38.89 -27.91
N ASP B 248 -18.52 39.39 -26.94
CA ASP B 248 -18.14 39.32 -25.54
C ASP B 248 -19.37 39.47 -24.65
N LEU B 249 -19.18 39.28 -23.35
CA LEU B 249 -20.29 39.31 -22.41
C LEU B 249 -20.98 40.67 -22.35
N THR B 250 -20.19 41.73 -22.42
CA THR B 250 -20.73 43.09 -22.34
C THR B 250 -21.70 43.36 -23.50
N GLU B 251 -21.30 42.97 -24.71
CA GLU B 251 -22.15 43.14 -25.88
C GLU B 251 -23.43 42.31 -25.74
N ALA B 252 -23.29 41.10 -25.22
CA ALA B 252 -24.43 40.22 -24.98
C ALA B 252 -25.37 40.85 -23.97
N PHE B 253 -24.80 41.53 -22.98
CA PHE B 253 -25.58 42.22 -21.97
C PHE B 253 -26.30 43.42 -22.61
N LEU B 254 -25.60 44.10 -23.50
CA LEU B 254 -26.16 45.27 -24.18
C LEU B 254 -27.31 44.87 -25.10
N ALA B 255 -27.14 43.77 -25.82
CA ALA B 255 -28.17 43.27 -26.72
C ALA B 255 -29.42 42.86 -25.94
N GLU B 256 -29.21 42.31 -24.76
CA GLU B 256 -30.32 41.93 -23.88
C GLU B 256 -30.98 43.18 -23.32
N MET B 257 -30.18 44.21 -23.09
CA MET B 257 -30.68 45.48 -22.57
C MET B 257 -31.59 46.16 -23.58
N GLU B 258 -31.26 46.00 -24.86
CA GLU B 258 -32.05 46.57 -25.96
C GLU B 258 -33.44 45.95 -26.03
N LYS B 259 -33.49 44.62 -25.92
CA LYS B 259 -34.74 43.90 -25.96
C LYS B 259 -35.59 44.18 -24.73
N ALA B 260 -34.92 44.57 -23.65
CA ALA B 260 -35.58 44.78 -22.36
C ALA B 260 -36.03 46.23 -22.17
N LYS B 261 -35.87 47.05 -23.21
CA LYS B 261 -36.32 48.43 -23.15
C LYS B 261 -37.84 48.49 -22.96
N GLY B 262 -38.26 49.10 -21.85
CA GLY B 262 -39.67 49.21 -21.54
C GLY B 262 -40.11 48.20 -20.49
N ASN B 263 -39.18 47.34 -20.07
CA ASN B 263 -39.48 46.32 -19.07
C ASN B 263 -38.77 46.59 -17.75
N PRO B 264 -39.51 47.08 -16.75
CA PRO B 264 -38.96 47.42 -15.43
C PRO B 264 -38.59 46.19 -14.62
N GLU B 265 -38.99 45.02 -15.08
CA GLU B 265 -38.74 43.77 -14.35
C GLU B 265 -37.39 43.17 -14.72
N SER B 266 -36.82 43.62 -15.83
CA SER B 266 -35.57 43.07 -16.32
C SER B 266 -34.40 43.55 -15.47
N SER B 267 -33.42 42.66 -15.24
CA SER B 267 -32.23 43.01 -14.50
C SER B 267 -31.15 43.55 -15.44
N PHE B 268 -31.43 43.49 -16.73
CA PHE B 268 -30.52 44.02 -17.74
C PHE B 268 -30.71 45.53 -17.90
N ASN B 269 -29.97 46.28 -17.09
CA ASN B 269 -30.01 47.73 -17.15
C ASN B 269 -28.61 48.32 -16.98
N ASP B 270 -28.49 49.63 -17.18
CA ASP B 270 -27.20 50.32 -17.09
C ASP B 270 -26.54 50.14 -15.72
N GLU B 271 -27.31 50.29 -14.66
CA GLU B 271 -26.80 50.17 -13.31
C GLU B 271 -26.24 48.78 -13.03
N ASN B 272 -26.88 47.76 -13.59
CA ASN B 272 -26.48 46.39 -13.35
C ASN B 272 -25.35 45.95 -14.28
N LEU B 273 -25.25 46.60 -15.44
CA LEU B 273 -24.18 46.31 -16.39
C LEU B 273 -22.81 46.54 -15.76
N ARG B 274 -22.65 47.69 -15.12
CA ARG B 274 -21.38 48.06 -14.53
C ARG B 274 -21.06 47.20 -13.30
N ILE B 275 -22.08 46.78 -12.56
CA ILE B 275 -21.86 45.93 -11.40
C ILE B 275 -21.44 44.52 -11.81
N VAL B 276 -22.12 43.97 -12.80
CA VAL B 276 -21.81 42.64 -13.31
C VAL B 276 -20.41 42.59 -13.90
N VAL B 277 -20.09 43.56 -14.76
CA VAL B 277 -18.78 43.65 -15.39
C VAL B 277 -17.68 43.85 -14.35
N ALA B 278 -17.93 44.71 -13.37
CA ALA B 278 -16.97 44.97 -12.30
C ALA B 278 -16.70 43.72 -11.49
N ASP B 279 -17.77 42.98 -11.17
CA ASP B 279 -17.65 41.77 -10.38
C ASP B 279 -16.96 40.65 -11.16
N LEU B 280 -17.24 40.57 -12.45
CA LEU B 280 -16.63 39.55 -13.29
C LEU B 280 -15.15 39.81 -13.52
N PHE B 281 -14.81 41.05 -13.86
CA PHE B 281 -13.43 41.42 -14.13
C PHE B 281 -12.54 41.25 -12.90
N SER B 282 -12.93 41.89 -11.80
CA SER B 282 -12.14 41.86 -10.57
C SER B 282 -12.01 40.44 -10.01
N ALA B 283 -13.07 39.64 -10.14
CA ALA B 283 -13.02 38.24 -9.75
C ALA B 283 -12.02 37.50 -10.61
N GLY B 284 -12.13 37.71 -11.91
CA GLY B 284 -11.21 37.12 -12.87
C GLY B 284 -9.77 37.46 -12.56
N MET B 285 -9.56 38.66 -12.03
CA MET B 285 -8.22 39.13 -11.72
C MET B 285 -7.63 38.51 -10.45
N VAL B 286 -8.25 38.81 -9.31
CA VAL B 286 -7.62 38.57 -8.01
C VAL B 286 -7.63 37.12 -7.53
N THR B 287 -8.55 36.31 -8.05
CA THR B 287 -8.65 34.93 -7.58
C THR B 287 -7.63 34.01 -8.25
N THR B 288 -7.63 33.98 -9.56
CA THR B 288 -6.78 33.08 -10.32
C THR B 288 -5.29 33.41 -10.16
N SER B 289 -4.99 34.71 -10.13
CA SER B 289 -3.60 35.15 -10.05
C SER B 289 -3.03 34.97 -8.65
N THR B 290 -3.87 35.11 -7.63
CA THR B 290 -3.45 34.83 -6.27
C THR B 290 -3.19 33.33 -6.13
N THR B 291 -4.01 32.53 -6.80
CA THR B 291 -3.84 31.09 -6.80
C THR B 291 -2.53 30.70 -7.49
N LEU B 292 -2.23 31.37 -8.60
CA LEU B 292 -1.00 31.12 -9.35
C LEU B 292 0.22 31.59 -8.56
N ALA B 293 0.06 32.67 -7.80
CA ALA B 293 1.13 33.18 -6.96
C ALA B 293 1.46 32.18 -5.87
N TRP B 294 0.43 31.54 -5.34
CA TRP B 294 0.62 30.44 -4.40
C TRP B 294 1.33 29.28 -5.10
N GLY B 295 0.93 29.02 -6.33
CA GLY B 295 1.52 27.96 -7.13
C GLY B 295 3.03 28.10 -7.27
N LEU B 296 3.48 29.29 -7.68
CA LEU B 296 4.91 29.53 -7.87
C LEU B 296 5.68 29.50 -6.56
N LEU B 297 5.08 30.01 -5.49
CA LEU B 297 5.70 30.00 -4.17
C LEU B 297 5.91 28.56 -3.68
N LEU B 298 4.89 27.74 -3.89
CA LEU B 298 4.94 26.36 -3.45
C LEU B 298 5.88 25.51 -4.31
N MET B 299 6.14 25.98 -5.54
CA MET B 299 7.03 25.28 -6.45
C MET B 299 8.50 25.53 -6.14
N ILE B 300 8.81 26.70 -5.56
CA ILE B 300 10.18 27.01 -5.18
C ILE B 300 10.47 26.52 -3.76
N LEU B 301 9.41 26.31 -2.99
CA LEU B 301 9.54 25.73 -1.66
C LEU B 301 9.66 24.21 -1.76
N HIS B 302 9.15 23.67 -2.86
CA HIS B 302 9.19 22.23 -3.09
C HIS B 302 9.65 21.92 -4.51
N PRO B 303 10.96 22.09 -4.77
CA PRO B 303 11.54 21.88 -6.10
C PRO B 303 11.33 20.47 -6.62
N ASP B 304 11.32 19.49 -5.73
CA ASP B 304 11.10 18.10 -6.11
C ASP B 304 9.75 17.92 -6.80
N VAL B 305 8.74 18.63 -6.29
CA VAL B 305 7.42 18.62 -6.90
C VAL B 305 7.45 19.29 -8.27
N GLN B 306 8.19 20.39 -8.37
CA GLN B 306 8.30 21.14 -9.61
C GLN B 306 8.94 20.28 -10.71
N ARG B 307 9.99 19.54 -10.35
CA ARG B 307 10.69 18.69 -11.32
C ARG B 307 9.81 17.57 -11.83
N ARG B 308 9.04 16.97 -10.93
CA ARG B 308 8.14 15.89 -11.30
C ARG B 308 7.01 16.36 -12.21
N VAL B 309 6.58 17.60 -12.02
CA VAL B 309 5.56 18.19 -12.88
C VAL B 309 6.13 18.43 -14.27
N GLN B 310 7.32 19.04 -14.31
CA GLN B 310 7.98 19.33 -15.57
C GLN B 310 8.29 18.06 -16.34
N GLN B 311 8.58 16.98 -15.62
CA GLN B 311 8.82 15.69 -16.22
C GLN B 311 7.56 15.17 -16.92
N GLU B 312 6.42 15.36 -16.26
CA GLU B 312 5.14 14.92 -16.82
C GLU B 312 4.74 15.79 -18.00
N ILE B 313 5.14 17.07 -17.97
CA ILE B 313 4.89 17.98 -19.08
C ILE B 313 5.62 17.51 -20.33
N ASP B 314 6.90 17.17 -20.16
CA ASP B 314 7.72 16.69 -21.26
C ASP B 314 7.21 15.37 -21.82
N ASP B 315 6.72 14.50 -20.94
CA ASP B 315 6.26 13.18 -21.34
C ASP B 315 4.94 13.23 -22.11
N VAL B 316 4.11 14.22 -21.81
CA VAL B 316 2.78 14.30 -22.38
C VAL B 316 2.68 15.37 -23.48
N ILE B 317 3.29 16.52 -23.23
CA ILE B 317 3.19 17.65 -24.15
C ILE B 317 4.50 17.92 -24.88
N GLY B 318 5.60 17.86 -24.15
CA GLY B 318 6.89 18.23 -24.69
C GLY B 318 7.19 19.68 -24.35
N GLN B 319 8.26 20.23 -24.92
CA GLN B 319 8.62 21.62 -24.67
C GLN B 319 8.28 22.50 -25.87
N VAL B 320 7.54 21.94 -26.83
CA VAL B 320 7.22 22.67 -28.05
C VAL B 320 5.81 23.23 -28.04
N ARG B 321 4.84 22.39 -28.38
CA ARG B 321 3.44 22.81 -28.50
C ARG B 321 2.90 23.37 -27.20
N ARG B 322 1.98 24.32 -27.31
CA ARG B 322 1.34 24.92 -26.14
C ARG B 322 0.34 23.94 -25.55
N PRO B 323 0.24 23.92 -24.21
CA PRO B 323 -0.66 23.02 -23.49
C PRO B 323 -2.11 23.14 -23.95
N GLU B 324 -2.84 22.02 -23.92
CA GLU B 324 -4.25 22.01 -24.27
C GLU B 324 -5.02 21.29 -23.16
N MET B 325 -6.30 21.61 -23.02
CA MET B 325 -7.12 21.03 -21.97
C MET B 325 -7.26 19.52 -22.13
N GLY B 326 -7.05 19.04 -23.35
CA GLY B 326 -7.10 17.62 -23.62
C GLY B 326 -5.94 16.88 -22.98
N ASP B 327 -4.88 17.62 -22.64
CA ASP B 327 -3.71 17.03 -22.01
C ASP B 327 -3.92 16.76 -20.52
N GLN B 328 -4.88 17.46 -19.92
CA GLN B 328 -5.13 17.35 -18.49
C GLN B 328 -5.50 15.93 -18.09
N ALA B 329 -6.28 15.27 -18.92
CA ALA B 329 -6.73 13.90 -18.64
C ALA B 329 -5.55 12.93 -18.60
N HIS B 330 -4.44 13.32 -19.23
CA HIS B 330 -3.25 12.48 -19.27
C HIS B 330 -2.14 13.05 -18.40
N MET B 331 -2.49 14.00 -17.53
CA MET B 331 -1.52 14.59 -16.62
C MET B 331 -2.05 14.62 -15.19
N PRO B 332 -2.12 13.44 -14.55
CA PRO B 332 -2.71 13.32 -13.20
C PRO B 332 -1.89 14.02 -12.12
N TYR B 333 -0.56 14.01 -12.25
CA TYR B 333 0.28 14.60 -11.23
C TYR B 333 0.18 16.13 -11.23
N THR B 334 0.19 16.71 -12.43
CA THR B 334 0.06 18.16 -12.56
C THR B 334 -1.31 18.61 -12.05
N THR B 335 -2.34 17.86 -12.42
CA THR B 335 -3.70 18.14 -11.98
C THR B 335 -3.80 18.08 -10.47
N ALA B 336 -3.13 17.10 -9.88
CA ALA B 336 -3.11 16.94 -8.43
C ALA B 336 -2.38 18.10 -7.76
N VAL B 337 -1.26 18.50 -8.34
CA VAL B 337 -0.47 19.61 -7.82
C VAL B 337 -1.27 20.91 -7.84
N ILE B 338 -1.99 21.14 -8.94
CA ILE B 338 -2.82 22.33 -9.07
C ILE B 338 -3.93 22.35 -8.03
N HIS B 339 -4.61 21.21 -7.85
CA HIS B 339 -5.64 21.08 -6.83
C HIS B 339 -5.06 21.30 -5.45
N GLU B 340 -3.85 20.81 -5.23
CA GLU B 340 -3.19 20.96 -3.93
C GLU B 340 -2.79 22.40 -3.67
N VAL B 341 -2.44 23.12 -4.75
CA VAL B 341 -2.16 24.54 -4.63
C VAL B 341 -3.42 25.28 -4.18
N GLN B 342 -4.56 24.89 -4.76
CA GLN B 342 -5.84 25.46 -4.36
C GLN B 342 -6.20 25.10 -2.92
N ARG B 343 -5.98 23.84 -2.56
CA ARG B 343 -6.31 23.38 -1.22
C ARG B 343 -5.44 24.03 -0.17
N PHE B 344 -4.12 23.99 -0.38
CA PHE B 344 -3.18 24.60 0.54
C PHE B 344 -3.29 26.13 0.51
N GLY B 345 -3.40 26.66 -0.70
CA GLY B 345 -3.52 28.10 -0.90
C GLY B 345 -4.65 28.69 -0.08
N ASP B 346 -5.83 28.08 -0.17
CA ASP B 346 -6.95 28.41 0.70
C ASP B 346 -7.29 29.90 0.64
N ILE B 347 -7.47 30.39 -0.60
CA ILE B 347 -7.48 31.83 -0.85
C ILE B 347 -8.79 32.52 -0.48
N VAL B 348 -9.87 31.76 -0.29
CA VAL B 348 -11.12 32.33 0.21
C VAL B 348 -11.57 31.52 1.43
N PRO B 349 -10.90 31.72 2.57
CA PRO B 349 -11.02 30.88 3.77
C PRO B 349 -12.43 30.85 4.35
N LEU B 350 -13.08 32.00 4.39
CA LEU B 350 -14.40 32.09 5.00
C LEU B 350 -15.49 32.25 3.94
N GLY B 351 -15.11 31.97 2.69
CA GLY B 351 -16.04 32.04 1.58
C GLY B 351 -16.75 33.37 1.46
N VAL B 352 -17.97 33.35 0.94
CA VAL B 352 -18.82 34.53 0.88
C VAL B 352 -20.05 34.29 1.74
N THR B 353 -20.41 35.27 2.55
CA THR B 353 -21.50 35.14 3.51
C THR B 353 -22.83 34.74 2.88
N HIS B 354 -23.53 33.83 3.56
CA HIS B 354 -24.89 33.47 3.18
C HIS B 354 -25.87 33.94 4.24
N MET B 355 -27.16 33.78 3.96
CA MET B 355 -28.20 34.07 4.94
C MET B 355 -29.32 33.07 4.81
N THR B 356 -29.85 32.61 5.93
CA THR B 356 -30.98 31.70 5.92
C THR B 356 -32.26 32.45 5.57
N SER B 357 -32.97 31.95 4.57
CA SER B 357 -34.25 32.53 4.18
C SER B 357 -35.39 31.85 4.94
N ARG B 358 -35.10 30.66 5.46
CA ARG B 358 -36.06 29.92 6.27
C ARG B 358 -35.33 29.20 7.42
N ASP B 359 -36.10 28.77 8.42
CA ASP B 359 -35.51 28.08 9.57
C ASP B 359 -34.98 26.70 9.19
N ILE B 360 -33.73 26.43 9.54
CA ILE B 360 -33.10 25.16 9.20
C ILE B 360 -32.46 24.47 10.40
N GLU B 361 -31.98 23.26 10.18
CA GLU B 361 -31.29 22.49 11.20
C GLU B 361 -29.96 21.97 10.69
N VAL B 362 -28.88 22.31 11.39
CA VAL B 362 -27.54 21.87 10.99
C VAL B 362 -26.80 21.20 12.13
N GLN B 363 -26.44 19.93 11.92
CA GLN B 363 -25.70 19.14 12.91
C GLN B 363 -26.39 19.12 14.27
N GLY B 364 -27.73 19.05 14.26
CA GLY B 364 -28.50 18.97 15.47
C GLY B 364 -29.06 20.31 15.93
N PHE B 365 -28.26 21.37 15.76
CA PHE B 365 -28.67 22.70 16.20
C PHE B 365 -29.72 23.31 15.28
N ARG B 366 -30.44 24.31 15.80
CA ARG B 366 -31.43 25.03 15.00
C ARG B 366 -30.89 26.38 14.59
N ILE B 367 -31.12 26.74 13.33
CA ILE B 367 -30.71 28.05 12.82
C ILE B 367 -31.91 28.82 12.30
N PRO B 368 -32.34 29.85 13.05
CA PRO B 368 -33.52 30.64 12.70
C PRO B 368 -33.34 31.43 11.41
N LYS B 369 -34.46 31.74 10.76
CA LYS B 369 -34.49 32.52 9.53
C LYS B 369 -33.82 33.88 9.70
N GLY B 370 -33.05 34.30 8.69
CA GLY B 370 -32.43 35.60 8.69
C GLY B 370 -31.06 35.64 9.34
N THR B 371 -30.52 34.47 9.65
CA THR B 371 -29.20 34.37 10.28
C THR B 371 -28.08 34.39 9.24
N THR B 372 -27.05 35.18 9.50
CA THR B 372 -25.89 35.22 8.63
C THR B 372 -25.05 33.96 8.79
N LEU B 373 -24.87 33.22 7.69
CA LEU B 373 -24.08 32.01 7.71
C LEU B 373 -22.68 32.27 7.16
N ILE B 374 -21.67 31.85 7.91
CA ILE B 374 -20.30 31.90 7.43
C ILE B 374 -19.80 30.49 7.15
N THR B 375 -19.48 30.22 5.89
CA THR B 375 -18.94 28.92 5.52
C THR B 375 -17.42 28.92 5.64
N ASN B 376 -16.91 28.26 6.68
CA ASN B 376 -15.48 28.14 6.86
C ASN B 376 -14.90 27.10 5.90
N LEU B 377 -14.66 27.52 4.67
CA LEU B 377 -14.13 26.62 3.65
C LEU B 377 -12.73 26.13 4.01
N SER B 378 -12.01 26.94 4.77
CA SER B 378 -10.69 26.56 5.27
C SER B 378 -10.77 25.30 6.11
N SER B 379 -11.77 25.26 6.98
CA SER B 379 -11.97 24.12 7.88
C SER B 379 -12.34 22.87 7.10
N VAL B 380 -12.78 23.04 5.86
CA VAL B 380 -13.09 21.92 5.00
C VAL B 380 -11.86 21.48 4.22
N LEU B 381 -11.14 22.45 3.67
CA LEU B 381 -9.95 22.17 2.88
C LEU B 381 -8.80 21.65 3.74
N LYS B 382 -8.83 21.97 5.02
CA LYS B 382 -7.78 21.53 5.94
C LYS B 382 -8.35 20.70 7.08
N ASP B 383 -9.40 19.95 6.76
CA ASP B 383 -10.05 19.04 7.69
C ASP B 383 -9.15 17.85 7.99
N GLU B 384 -8.71 17.73 9.24
CA GLU B 384 -7.80 16.67 9.65
C GLU B 384 -8.45 15.29 9.56
N ALA B 385 -9.77 15.24 9.59
CA ALA B 385 -10.49 13.97 9.49
C ALA B 385 -10.53 13.47 8.06
N VAL B 386 -10.32 14.36 7.11
CA VAL B 386 -10.43 14.01 5.70
C VAL B 386 -9.07 13.84 5.03
N TRP B 387 -8.19 14.83 5.19
CA TRP B 387 -6.91 14.83 4.51
C TRP B 387 -5.81 14.19 5.34
N GLU B 388 -4.79 13.67 4.67
CA GLU B 388 -3.69 12.98 5.33
C GLU B 388 -2.73 13.96 6.02
N LYS B 389 -2.39 15.04 5.32
CA LYS B 389 -1.49 16.07 5.84
C LYS B 389 -2.03 17.47 5.55
N PRO B 390 -3.11 17.86 6.24
CA PRO B 390 -3.85 19.10 5.92
C PRO B 390 -2.98 20.36 5.96
N PHE B 391 -1.95 20.37 6.79
CA PHE B 391 -1.16 21.57 7.01
C PHE B 391 0.18 21.52 6.28
N ARG B 392 0.30 20.58 5.35
CA ARG B 392 1.49 20.46 4.52
C ARG B 392 1.12 20.51 3.06
N PHE B 393 2.05 20.96 2.22
CA PHE B 393 1.84 20.90 0.78
C PHE B 393 2.11 19.48 0.31
N HIS B 394 1.04 18.76 -0.02
CA HIS B 394 1.11 17.33 -0.25
C HIS B 394 0.24 16.92 -1.44
N PRO B 395 0.82 16.93 -2.65
CA PRO B 395 0.12 16.60 -3.90
C PRO B 395 -0.58 15.24 -3.87
N GLU B 396 -0.08 14.33 -3.04
CA GLU B 396 -0.65 12.99 -2.95
C GLU B 396 -2.02 13.00 -2.28
N HIS B 397 -2.46 14.17 -1.84
CA HIS B 397 -3.83 14.36 -1.36
C HIS B 397 -4.83 14.07 -2.47
N PHE B 398 -4.37 14.18 -3.71
CA PHE B 398 -5.22 13.99 -4.88
C PHE B 398 -4.70 12.86 -5.77
N LEU B 399 -3.92 11.95 -5.18
CA LEU B 399 -3.36 10.82 -5.92
C LEU B 399 -3.49 9.53 -5.12
N ASP B 400 -3.86 8.44 -5.80
CA ASP B 400 -3.81 7.13 -5.16
C ASP B 400 -2.42 6.53 -5.38
N ALA B 401 -2.19 5.32 -4.87
CA ALA B 401 -0.89 4.68 -4.99
C ALA B 401 -0.52 4.40 -6.44
N GLN B 402 -1.54 4.23 -7.29
CA GLN B 402 -1.31 3.89 -8.69
C GLN B 402 -0.87 5.11 -9.49
N GLY B 403 -1.10 6.30 -8.93
CA GLY B 403 -0.70 7.54 -9.57
C GLY B 403 -1.88 8.25 -10.21
N HIS B 404 -3.06 7.65 -10.06
CA HIS B 404 -4.28 8.23 -10.62
C HIS B 404 -4.72 9.46 -9.86
N PHE B 405 -5.32 10.42 -10.55
CA PHE B 405 -5.87 11.60 -9.91
C PHE B 405 -7.23 11.28 -9.29
N VAL B 406 -7.39 11.62 -8.01
CA VAL B 406 -8.67 11.49 -7.34
C VAL B 406 -9.02 12.80 -6.65
N LYS B 407 -10.30 13.16 -6.67
CA LYS B 407 -10.74 14.40 -6.03
C LYS B 407 -11.74 14.11 -4.92
N PRO B 408 -11.30 14.24 -3.66
CA PRO B 408 -12.16 14.02 -2.50
C PRO B 408 -13.32 15.00 -2.45
N GLU B 409 -14.40 14.62 -1.78
CA GLU B 409 -15.58 15.47 -1.66
C GLU B 409 -15.27 16.77 -0.92
N ALA B 410 -14.26 16.73 -0.06
CA ALA B 410 -13.91 17.87 0.77
C ALA B 410 -13.14 18.95 0.01
N PHE B 411 -12.94 18.73 -1.29
CA PHE B 411 -12.33 19.76 -2.13
C PHE B 411 -13.39 20.78 -2.52
N LEU B 412 -13.57 21.78 -1.68
CA LEU B 412 -14.59 22.80 -1.91
C LEU B 412 -14.05 24.23 -1.94
N PRO B 413 -13.01 24.50 -2.73
CA PRO B 413 -12.50 25.88 -2.71
C PRO B 413 -13.47 26.85 -3.40
N PHE B 414 -14.38 26.31 -4.21
CA PHE B 414 -15.39 27.12 -4.87
C PHE B 414 -16.73 27.06 -4.13
N SER B 415 -16.68 26.63 -2.87
CA SER B 415 -17.88 26.42 -2.05
C SER B 415 -18.81 25.39 -2.69
N ALA B 416 -20.10 25.49 -2.39
CA ALA B 416 -21.08 24.54 -2.92
C ALA B 416 -22.49 25.10 -2.90
N GLY B 417 -23.42 24.38 -3.53
CA GLY B 417 -24.81 24.79 -3.58
C GLY B 417 -25.12 25.72 -4.73
N ARG B 418 -26.30 26.33 -4.69
CA ARG B 418 -26.75 27.20 -5.77
C ARG B 418 -25.88 28.44 -5.98
N ARG B 419 -25.12 28.81 -4.94
CA ARG B 419 -24.29 30.00 -5.00
C ARG B 419 -22.82 29.70 -5.31
N ALA B 420 -22.52 28.43 -5.55
CA ALA B 420 -21.15 28.00 -5.84
C ALA B 420 -20.57 28.80 -7.00
N CYS B 421 -19.27 29.08 -6.92
CA CYS B 421 -18.56 29.93 -7.87
C CYS B 421 -18.88 29.60 -9.33
N LEU B 422 -19.43 30.56 -10.05
CA LEU B 422 -19.78 30.36 -11.46
C LEU B 422 -18.54 30.49 -12.34
N GLY B 423 -17.46 31.00 -11.76
CA GLY B 423 -16.22 31.16 -12.50
C GLY B 423 -15.32 29.95 -12.42
N GLU B 424 -15.81 28.90 -11.76
CA GLU B 424 -15.03 27.67 -11.58
C GLU B 424 -14.53 27.04 -12.90
N PRO B 425 -15.40 26.93 -13.93
CA PRO B 425 -14.88 26.37 -15.19
C PRO B 425 -13.78 27.22 -15.82
N LEU B 426 -13.87 28.54 -15.68
CA LEU B 426 -12.85 29.43 -16.20
C LEU B 426 -11.58 29.31 -15.37
N ALA B 427 -11.75 29.23 -14.06
CA ALA B 427 -10.63 29.08 -13.13
C ALA B 427 -9.85 27.80 -13.43
N ARG B 428 -10.59 26.71 -13.65
CA ARG B 428 -9.98 25.41 -13.93
C ARG B 428 -9.04 25.45 -15.14
N MET B 429 -9.52 25.99 -16.25
CA MET B 429 -8.73 26.00 -17.47
C MET B 429 -7.61 27.04 -17.42
N GLU B 430 -7.87 28.16 -16.75
CA GLU B 430 -6.83 29.18 -16.58
C GLU B 430 -5.69 28.67 -15.74
N LEU B 431 -6.03 27.94 -14.67
CA LEU B 431 -5.03 27.37 -13.78
C LEU B 431 -4.17 26.35 -14.50
N PHE B 432 -4.80 25.45 -15.25
CA PHE B 432 -4.06 24.40 -15.95
C PHE B 432 -3.17 24.97 -17.05
N LEU B 433 -3.70 25.90 -17.82
CA LEU B 433 -2.97 26.44 -18.97
C LEU B 433 -1.84 27.38 -18.58
N PHE B 434 -2.07 28.21 -17.57
CA PHE B 434 -1.03 29.14 -17.12
C PHE B 434 0.08 28.42 -16.35
N PHE B 435 -0.31 27.48 -15.49
CA PHE B 435 0.65 26.76 -14.64
C PHE B 435 1.57 25.87 -15.47
N THR B 436 0.98 25.08 -16.37
CA THR B 436 1.75 24.17 -17.19
C THR B 436 2.69 24.93 -18.12
N SER B 437 2.19 26.00 -18.74
CA SER B 437 2.99 26.81 -19.66
C SER B 437 4.19 27.42 -18.96
N LEU B 438 3.98 27.93 -17.75
CA LEU B 438 5.06 28.54 -16.98
C LEU B 438 6.12 27.51 -16.59
N LEU B 439 5.68 26.33 -16.17
CA LEU B 439 6.60 25.27 -15.78
C LEU B 439 7.21 24.57 -16.99
N GLN B 440 6.53 24.66 -18.12
CA GLN B 440 7.03 24.06 -19.36
C GLN B 440 8.29 24.79 -19.85
N HIS B 441 8.33 26.09 -19.60
CA HIS B 441 9.39 26.92 -20.16
C HIS B 441 10.33 27.51 -19.11
N PHE B 442 9.94 27.44 -17.84
CA PHE B 442 10.75 28.06 -16.78
C PHE B 442 11.04 27.12 -15.62
N SER B 443 12.19 27.36 -14.99
CA SER B 443 12.55 26.69 -13.74
C SER B 443 12.62 27.74 -12.64
N PHE B 444 11.84 27.56 -11.59
CA PHE B 444 11.76 28.55 -10.53
C PHE B 444 12.49 28.09 -9.27
N SER B 445 13.01 29.07 -8.52
CA SER B 445 13.74 28.78 -7.29
C SER B 445 13.79 30.01 -6.38
N VAL B 446 14.01 29.78 -5.09
CA VAL B 446 14.26 30.87 -4.17
C VAL B 446 15.65 31.43 -4.45
N PRO B 447 15.75 32.76 -4.63
CA PRO B 447 17.01 33.44 -4.96
C PRO B 447 18.14 33.10 -3.99
N THR B 448 19.28 32.67 -4.53
CA THR B 448 20.43 32.29 -3.72
C THR B 448 20.92 33.46 -2.86
N GLY B 449 20.81 33.30 -1.54
CA GLY B 449 21.23 34.33 -0.63
C GLY B 449 20.07 34.89 0.19
N GLN B 450 18.86 34.60 -0.27
CA GLN B 450 17.66 35.11 0.41
C GLN B 450 17.07 34.08 1.38
N PRO B 451 16.44 34.57 2.46
CA PRO B 451 15.78 33.70 3.43
C PRO B 451 14.66 32.87 2.81
N ARG B 452 14.38 31.71 3.40
CA ARG B 452 13.30 30.86 2.92
C ARG B 452 11.97 31.58 3.05
N PRO B 453 11.23 31.69 1.94
CA PRO B 453 9.93 32.37 1.96
C PRO B 453 8.91 31.65 2.83
N SER B 454 8.15 32.42 3.60
CA SER B 454 7.12 31.84 4.46
C SER B 454 6.00 31.23 3.63
N HIS B 455 5.42 30.15 4.14
CA HIS B 455 4.29 29.52 3.47
C HIS B 455 2.98 29.96 4.12
N HIS B 456 3.08 30.93 5.02
CA HIS B 456 1.91 31.53 5.65
C HIS B 456 1.48 32.77 4.87
N GLY B 457 0.18 32.94 4.68
CA GLY B 457 -0.33 34.01 3.85
C GLY B 457 -0.90 35.20 4.60
N VAL B 458 -1.16 36.27 3.86
CA VAL B 458 -1.73 37.49 4.43
C VAL B 458 -3.23 37.53 4.19
N PHE B 459 -4.01 37.85 5.24
CA PHE B 459 -5.46 37.87 5.10
C PHE B 459 -6.01 39.26 4.80
N ALA B 460 -6.89 39.31 3.81
CA ALA B 460 -7.66 40.49 3.46
C ALA B 460 -8.83 40.05 2.60
N PHE B 461 -9.81 39.40 3.24
CA PHE B 461 -10.86 38.64 2.57
C PHE B 461 -10.26 37.51 1.74
N LEU B 462 -9.41 37.87 0.78
CA LEU B 462 -8.58 36.89 0.09
C LEU B 462 -7.28 36.67 0.86
N VAL B 463 -6.76 35.45 0.82
CA VAL B 463 -5.47 35.17 1.43
C VAL B 463 -4.41 35.02 0.34
N SER B 464 -3.55 36.02 0.23
CA SER B 464 -2.44 35.98 -0.70
C SER B 464 -1.19 35.50 0.01
N PRO B 465 -0.26 34.88 -0.72
CA PRO B 465 1.02 34.53 -0.10
C PRO B 465 1.77 35.78 0.34
N SER B 466 2.56 35.68 1.40
CA SER B 466 3.39 36.79 1.84
C SER B 466 4.36 37.15 0.72
N PRO B 467 4.70 38.45 0.58
CA PRO B 467 5.58 38.93 -0.47
C PRO B 467 6.88 38.13 -0.58
N TYR B 468 7.18 37.67 -1.79
CA TYR B 468 8.38 36.86 -2.03
C TYR B 468 8.95 37.15 -3.41
N GLU B 469 10.23 36.86 -3.59
CA GLU B 469 10.86 36.96 -4.90
C GLU B 469 11.33 35.58 -5.34
N LEU B 470 11.46 35.40 -6.65
CA LEU B 470 11.96 34.15 -7.21
C LEU B 470 12.84 34.42 -8.41
N CYS B 471 13.52 33.39 -8.89
CA CYS B 471 14.26 33.47 -10.15
C CYS B 471 13.59 32.57 -11.17
N ALA B 472 13.42 33.09 -12.39
CA ALA B 472 12.81 32.31 -13.46
C ALA B 472 13.82 32.07 -14.58
N VAL B 473 14.49 30.93 -14.52
CA VAL B 473 15.45 30.57 -15.56
C VAL B 473 14.80 29.66 -16.60
N PRO B 474 14.89 30.04 -17.88
CA PRO B 474 14.30 29.27 -18.98
C PRO B 474 14.89 27.88 -19.11
N ARG B 475 14.14 26.97 -19.73
CA ARG B 475 14.58 25.59 -19.93
C ARG B 475 14.98 25.34 -21.38
N GLY C 9 -7.87 -50.05 0.07
CA GLY C 9 -8.12 -49.35 -1.18
C GLY C 9 -7.30 -49.92 -2.32
N LYS C 10 -7.44 -49.30 -3.49
CA LYS C 10 -6.71 -49.74 -4.67
C LYS C 10 -5.33 -49.08 -4.75
N LEU C 11 -4.43 -49.70 -5.52
CA LEU C 11 -3.10 -49.14 -5.74
C LEU C 11 -3.21 -47.82 -6.50
N PRO C 12 -2.28 -46.89 -6.23
CA PRO C 12 -2.26 -45.61 -6.93
C PRO C 12 -2.17 -45.79 -8.45
N PRO C 13 -2.86 -44.91 -9.21
CA PRO C 13 -2.86 -44.95 -10.68
C PRO C 13 -1.45 -44.89 -11.25
N GLY C 14 -1.23 -45.46 -12.42
CA GLY C 14 0.09 -45.48 -13.02
C GLY C 14 0.12 -46.01 -14.44
N PRO C 15 1.19 -45.68 -15.18
CA PRO C 15 1.37 -46.10 -16.57
C PRO C 15 1.81 -47.57 -16.68
N LEU C 16 1.60 -48.17 -17.84
CA LEU C 16 2.04 -49.54 -18.09
C LEU C 16 3.56 -49.61 -18.09
N PRO C 17 4.11 -50.73 -17.60
CA PRO C 17 5.56 -50.94 -17.56
C PRO C 17 6.22 -50.83 -18.94
N GLN C 30 17.17 -39.28 -16.24
CA GLN C 30 17.23 -38.39 -17.38
C GLN C 30 16.64 -37.03 -17.03
N ASN C 31 15.44 -36.76 -17.54
CA ASN C 31 14.71 -35.53 -17.21
C ASN C 31 13.37 -35.84 -16.58
N THR C 32 13.42 -36.15 -15.29
CA THR C 32 12.24 -36.59 -14.53
C THR C 32 11.15 -35.53 -14.28
N PRO C 33 11.51 -34.26 -14.01
CA PRO C 33 10.45 -33.27 -13.73
C PRO C 33 9.39 -33.16 -14.82
N TYR C 34 9.78 -33.35 -16.08
CA TYR C 34 8.83 -33.33 -17.18
C TYR C 34 7.93 -34.56 -17.13
N CYS C 35 8.53 -35.71 -16.82
CA CYS C 35 7.80 -36.97 -16.77
C CYS C 35 6.86 -37.01 -15.58
N PHE C 36 7.35 -36.60 -14.41
CA PHE C 36 6.55 -36.62 -13.19
C PHE C 36 5.38 -35.63 -13.26
N ASP C 37 5.60 -34.49 -13.91
CA ASP C 37 4.55 -33.49 -14.06
C ASP C 37 3.51 -33.95 -15.07
N GLN C 38 3.98 -34.65 -16.10
CA GLN C 38 3.09 -35.23 -17.11
C GLN C 38 2.19 -36.28 -16.48
N LEU C 39 2.76 -37.07 -15.58
CA LEU C 39 2.03 -38.13 -14.91
C LEU C 39 1.12 -37.61 -13.81
N ARG C 40 1.41 -36.41 -13.32
CA ARG C 40 0.70 -35.87 -12.18
C ARG C 40 -0.75 -35.49 -12.49
N ARG C 41 -0.97 -34.83 -13.62
CA ARG C 41 -2.30 -34.30 -13.91
C ARG C 41 -3.19 -35.27 -14.68
N ARG C 42 -2.70 -36.49 -14.91
CA ARG C 42 -3.52 -37.51 -15.56
C ARG C 42 -3.70 -38.72 -14.65
N PHE C 43 -2.97 -38.75 -13.54
CA PHE C 43 -3.11 -39.83 -12.57
C PHE C 43 -3.38 -39.31 -11.16
N GLY C 44 -2.97 -38.07 -10.89
CA GLY C 44 -3.16 -37.47 -9.58
C GLY C 44 -1.84 -37.16 -8.89
N ASP C 45 -1.93 -36.61 -7.68
CA ASP C 45 -0.73 -36.30 -6.91
C ASP C 45 0.04 -37.57 -6.56
N VAL C 46 -0.69 -38.62 -6.23
CA VAL C 46 -0.09 -39.90 -5.88
C VAL C 46 -0.25 -40.90 -7.01
N PHE C 47 0.84 -41.16 -7.74
CA PHE C 47 0.79 -42.14 -8.81
C PHE C 47 1.86 -43.22 -8.65
N SER C 48 1.51 -44.45 -9.04
CA SER C 48 2.46 -45.55 -9.01
C SER C 48 3.40 -45.50 -10.22
N LEU C 49 4.54 -46.15 -10.09
CA LEU C 49 5.52 -46.17 -11.17
C LEU C 49 6.35 -47.44 -11.09
N GLN C 50 6.08 -48.39 -11.98
CA GLN C 50 6.83 -49.64 -12.00
C GLN C 50 8.21 -49.43 -12.60
N LEU C 51 9.24 -49.61 -11.76
CA LEU C 51 10.61 -49.40 -12.19
C LEU C 51 11.47 -50.62 -11.84
N ALA C 52 12.06 -51.24 -12.86
CA ALA C 52 12.87 -52.44 -12.71
C ALA C 52 12.10 -53.54 -11.98
N TRP C 53 12.61 -53.95 -10.82
CA TRP C 53 11.93 -54.95 -10.01
C TRP C 53 11.38 -54.35 -8.72
N THR C 54 11.52 -53.04 -8.58
CA THR C 54 11.11 -52.35 -7.36
C THR C 54 9.86 -51.50 -7.58
N PRO C 55 8.82 -51.73 -6.76
CA PRO C 55 7.59 -50.94 -6.81
C PRO C 55 7.80 -49.54 -6.21
N VAL C 56 7.38 -48.51 -6.95
CA VAL C 56 7.62 -47.13 -6.53
C VAL C 56 6.35 -46.29 -6.56
N VAL C 57 6.12 -45.55 -5.48
CA VAL C 57 5.03 -44.58 -5.44
C VAL C 57 5.59 -43.16 -5.31
N VAL C 58 5.26 -42.30 -6.27
CA VAL C 58 5.75 -40.94 -6.27
C VAL C 58 4.72 -39.98 -5.66
N LEU C 59 5.20 -39.08 -4.80
CA LEU C 59 4.32 -38.15 -4.10
C LEU C 59 4.56 -36.71 -4.54
N ASN C 60 3.51 -36.06 -5.03
CA ASN C 60 3.60 -34.70 -5.52
C ASN C 60 2.74 -33.74 -4.72
N GLY C 61 3.19 -32.50 -4.60
CA GLY C 61 2.45 -31.47 -3.88
C GLY C 61 2.53 -31.62 -2.38
N LEU C 62 2.29 -30.53 -1.67
CA LEU C 62 2.38 -30.50 -0.22
C LEU C 62 1.48 -31.53 0.45
N ALA C 63 0.27 -31.70 -0.08
CA ALA C 63 -0.73 -32.59 0.52
C ALA C 63 -0.25 -34.04 0.61
N ALA C 64 0.19 -34.59 -0.52
CA ALA C 64 0.62 -35.98 -0.58
C ALA C 64 1.89 -36.21 0.25
N VAL C 65 2.83 -35.29 0.12
CA VAL C 65 4.10 -35.39 0.84
C VAL C 65 3.92 -35.29 2.34
N ARG C 66 3.13 -34.31 2.78
CA ARG C 66 2.93 -34.09 4.21
C ARG C 66 2.16 -35.24 4.86
N GLU C 67 1.16 -35.76 4.15
CA GLU C 67 0.36 -36.86 4.69
C GLU C 67 1.21 -38.11 4.86
N ALA C 68 2.15 -38.31 3.96
CA ALA C 68 3.01 -39.47 3.99
C ALA C 68 4.10 -39.35 5.06
N LEU C 69 4.76 -38.20 5.09
CA LEU C 69 5.93 -38.02 5.94
C LEU C 69 5.62 -37.53 7.36
N VAL C 70 4.48 -36.86 7.53
CA VAL C 70 4.11 -36.36 8.84
C VAL C 70 2.99 -37.16 9.47
N THR C 71 1.85 -37.24 8.79
CA THR C 71 0.68 -37.94 9.30
C THR C 71 0.96 -39.45 9.44
N HIS C 72 1.71 -39.98 8.47
CA HIS C 72 2.15 -41.38 8.54
C HIS C 72 3.67 -41.44 8.71
N GLY C 73 4.19 -40.57 9.58
CA GLY C 73 5.62 -40.43 9.76
C GLY C 73 6.33 -41.65 10.32
N GLU C 74 5.68 -42.35 11.24
CA GLU C 74 6.27 -43.51 11.87
C GLU C 74 6.38 -44.70 10.92
N ASP C 75 5.62 -44.65 9.82
CA ASP C 75 5.55 -45.77 8.89
C ASP C 75 6.21 -45.49 7.55
N THR C 76 6.72 -44.27 7.37
CA THR C 76 7.38 -43.89 6.12
C THR C 76 8.78 -43.34 6.36
N ALA C 77 9.34 -43.63 7.53
CA ALA C 77 10.64 -43.09 7.90
C ALA C 77 11.77 -44.06 7.62
N ASP C 78 11.50 -45.07 6.80
CA ASP C 78 12.49 -46.10 6.51
C ASP C 78 13.20 -45.83 5.18
N ARG C 79 14.35 -46.46 4.99
CA ARG C 79 15.11 -46.33 3.75
C ARG C 79 15.05 -47.63 2.96
N PRO C 80 14.94 -47.53 1.64
CA PRO C 80 15.01 -48.72 0.79
C PRO C 80 16.42 -49.30 0.82
N PRO C 81 16.56 -50.62 0.65
CA PRO C 81 17.90 -51.20 0.57
C PRO C 81 18.66 -50.68 -0.64
N VAL C 82 19.93 -50.32 -0.45
CA VAL C 82 20.77 -49.86 -1.54
C VAL C 82 21.97 -50.80 -1.67
N PRO C 83 21.83 -51.85 -2.49
CA PRO C 83 22.81 -52.92 -2.68
C PRO C 83 24.21 -52.45 -3.03
N ILE C 84 24.32 -51.35 -3.77
CA ILE C 84 25.61 -50.87 -4.27
C ILE C 84 26.52 -50.39 -3.13
N THR C 85 25.93 -50.08 -1.98
CA THR C 85 26.69 -49.60 -0.84
C THR C 85 27.40 -50.71 -0.09
N GLN C 86 27.33 -51.93 -0.64
CA GLN C 86 27.99 -53.09 -0.06
C GLN C 86 29.50 -52.96 -0.18
N ILE C 87 29.95 -52.15 -1.14
CA ILE C 87 31.36 -51.91 -1.36
C ILE C 87 31.95 -50.98 -0.30
N LEU C 88 31.15 -50.01 0.13
CA LEU C 88 31.62 -48.97 1.03
C LEU C 88 31.73 -49.44 2.49
N GLY C 89 31.35 -50.69 2.74
CA GLY C 89 31.47 -51.26 4.06
C GLY C 89 30.31 -50.93 4.98
N PHE C 90 29.11 -51.36 4.60
CA PHE C 90 27.92 -51.09 5.38
C PHE C 90 27.43 -52.34 6.12
N GLY C 91 26.89 -52.12 7.32
CA GLY C 91 26.40 -53.22 8.14
C GLY C 91 25.23 -52.81 9.04
N PRO C 92 24.67 -53.78 9.77
CA PRO C 92 23.49 -53.62 10.65
C PRO C 92 23.53 -52.35 11.49
N ARG C 93 24.67 -52.08 12.10
CA ARG C 93 24.86 -50.83 12.84
C ARG C 93 26.05 -50.07 12.26
N SER C 94 26.26 -50.25 10.95
CA SER C 94 27.27 -49.51 10.21
C SER C 94 26.64 -48.99 8.93
N GLN C 95 25.58 -48.20 9.09
CA GLN C 95 24.83 -47.67 7.96
C GLN C 95 24.73 -46.16 8.03
N GLY C 96 25.44 -45.58 8.98
CA GLY C 96 25.45 -44.14 9.19
C GLY C 96 24.08 -43.61 9.58
N VAL C 97 23.72 -42.46 9.01
CA VAL C 97 22.41 -41.86 9.23
C VAL C 97 21.57 -41.88 7.96
N PHE C 98 22.18 -41.44 6.86
CA PHE C 98 21.49 -41.23 5.60
C PHE C 98 20.71 -42.44 5.10
N LEU C 99 21.42 -43.53 4.85
CA LEU C 99 20.79 -44.73 4.30
C LEU C 99 20.52 -45.76 5.37
N ALA C 100 20.65 -45.35 6.63
CA ALA C 100 20.38 -46.23 7.76
C ALA C 100 18.91 -46.62 7.76
N ARG C 101 18.65 -47.91 8.02
CA ARG C 101 17.29 -48.38 8.17
C ARG C 101 16.64 -47.71 9.38
N TYR C 102 15.34 -47.51 9.33
CA TYR C 102 14.63 -46.90 10.44
C TYR C 102 14.66 -47.83 11.66
N GLY C 103 15.34 -47.38 12.71
CA GLY C 103 15.49 -48.19 13.91
C GLY C 103 16.50 -47.61 14.88
N PRO C 104 17.08 -48.47 15.74
CA PRO C 104 17.98 -48.05 16.81
C PRO C 104 19.29 -47.44 16.30
N ALA C 105 19.93 -48.09 15.32
CA ALA C 105 21.19 -47.60 14.77
C ALA C 105 21.04 -46.20 14.20
N TRP C 106 19.95 -45.98 13.47
CA TRP C 106 19.66 -44.67 12.91
C TRP C 106 19.42 -43.64 14.01
N ARG C 107 18.60 -44.02 14.98
CA ARG C 107 18.19 -43.09 16.03
C ARG C 107 19.35 -42.65 16.90
N GLU C 108 20.23 -43.58 17.23
CA GLU C 108 21.38 -43.26 18.07
C GLU C 108 22.30 -42.26 17.36
N GLN C 109 22.61 -42.54 16.11
CA GLN C 109 23.48 -41.66 15.31
C GLN C 109 22.83 -40.32 15.04
N ARG C 110 21.52 -40.33 14.77
CA ARG C 110 20.78 -39.10 14.54
C ARG C 110 20.83 -38.21 15.78
N ARG C 111 20.46 -38.77 16.92
CA ARG C 111 20.46 -38.03 18.18
C ARG C 111 21.85 -37.55 18.54
N PHE C 112 22.86 -38.36 18.20
CA PHE C 112 24.24 -38.00 18.49
C PHE C 112 24.70 -36.80 17.68
N SER C 113 24.45 -36.83 16.37
CA SER C 113 24.84 -35.74 15.48
C SER C 113 24.19 -34.42 15.89
N VAL C 114 22.87 -34.44 16.06
CA VAL C 114 22.12 -33.25 16.43
C VAL C 114 22.61 -32.66 17.76
N SER C 115 22.82 -33.51 18.75
CA SER C 115 23.22 -33.06 20.08
C SER C 115 24.68 -32.59 20.12
N THR C 116 25.56 -33.30 19.42
CA THR C 116 26.98 -32.98 19.43
C THR C 116 27.24 -31.62 18.78
N LEU C 117 26.63 -31.40 17.63
CA LEU C 117 26.75 -30.12 16.92
C LEU C 117 26.26 -28.98 17.82
N ARG C 118 25.15 -29.22 18.50
CA ARG C 118 24.56 -28.26 19.41
C ARG C 118 25.52 -27.89 20.54
N ASN C 119 26.12 -28.91 21.14
CA ASN C 119 27.05 -28.71 22.25
C ASN C 119 28.36 -28.06 21.82
N LEU C 120 28.75 -28.30 20.56
CA LEU C 120 29.99 -27.75 20.04
C LEU C 120 29.89 -26.25 19.81
N GLY C 121 28.74 -25.79 19.33
CA GLY C 121 28.55 -24.37 19.10
C GLY C 121 27.36 -23.98 18.24
N LEU C 122 26.64 -24.97 17.72
CA LEU C 122 25.47 -24.68 16.90
C LEU C 122 24.30 -24.21 17.76
N GLY C 123 23.85 -22.99 17.50
CA GLY C 123 22.77 -22.40 18.28
C GLY C 123 23.28 -21.28 19.18
N LYS C 124 24.60 -21.21 19.34
CA LYS C 124 25.22 -20.18 20.14
C LYS C 124 26.21 -19.37 19.32
N LYS C 125 26.72 -18.29 19.89
CA LYS C 125 27.55 -17.34 19.15
C LYS C 125 28.98 -17.85 18.91
N SER C 126 29.30 -19.02 19.45
CA SER C 126 30.60 -19.63 19.23
C SER C 126 30.80 -19.91 17.74
N LEU C 127 29.94 -20.76 17.19
CA LEU C 127 30.03 -21.15 15.79
C LEU C 127 29.78 -19.97 14.85
N GLU C 128 28.89 -19.07 15.27
CA GLU C 128 28.56 -17.88 14.48
C GLU C 128 29.79 -17.07 14.14
N GLN C 129 30.62 -16.81 15.15
CA GLN C 129 31.83 -16.03 14.96
C GLN C 129 32.86 -16.80 14.12
N TRP C 130 32.85 -18.12 14.24
CA TRP C 130 33.76 -18.95 13.45
C TRP C 130 33.41 -18.87 11.97
N VAL C 131 32.12 -18.98 11.67
CA VAL C 131 31.65 -18.91 10.29
C VAL C 131 32.02 -17.58 9.65
N THR C 132 31.84 -16.49 10.39
CA THR C 132 32.20 -15.17 9.91
C THR C 132 33.69 -14.99 9.70
N GLU C 133 34.50 -15.71 10.48
CA GLU C 133 35.94 -15.72 10.25
C GLU C 133 36.27 -16.37 8.92
N GLU C 134 35.60 -17.49 8.65
CA GLU C 134 35.80 -18.22 7.40
C GLU C 134 35.27 -17.36 6.25
N ALA C 135 34.18 -16.66 6.50
CA ALA C 135 33.60 -15.74 5.52
C ALA C 135 34.60 -14.65 5.15
N ALA C 136 35.39 -14.24 6.13
CA ALA C 136 36.43 -13.24 5.91
C ALA C 136 37.50 -13.79 4.95
N CYS C 137 37.82 -15.07 5.14
CA CYS C 137 38.76 -15.76 4.25
C CYS C 137 38.18 -15.84 2.84
N LEU C 138 36.87 -16.08 2.76
CA LEU C 138 36.17 -16.15 1.49
C LEU C 138 36.12 -14.78 0.82
N CYS C 139 35.84 -13.75 1.61
CA CYS C 139 35.81 -12.37 1.11
C CYS C 139 37.16 -11.97 0.54
N ALA C 140 38.23 -12.29 1.25
CA ALA C 140 39.58 -11.98 0.82
C ALA C 140 39.93 -12.72 -0.46
N ALA C 141 39.51 -13.98 -0.54
CA ALA C 141 39.74 -14.80 -1.72
C ALA C 141 38.99 -14.23 -2.92
N PHE C 142 37.79 -13.71 -2.67
CA PHE C 142 37.01 -13.05 -3.71
C PHE C 142 37.72 -11.78 -4.18
N ALA C 143 38.18 -10.97 -3.22
CA ALA C 143 38.80 -9.69 -3.52
C ALA C 143 40.10 -9.86 -4.31
N ASN C 144 40.75 -11.00 -4.15
CA ASN C 144 42.01 -11.28 -4.84
C ASN C 144 41.85 -11.43 -6.35
N HIS C 145 40.61 -11.49 -6.83
CA HIS C 145 40.36 -11.62 -8.26
C HIS C 145 40.23 -10.26 -8.92
N SER C 146 40.60 -9.21 -8.20
CA SER C 146 40.62 -7.84 -8.72
C SER C 146 39.30 -7.45 -9.39
N GLY C 147 39.37 -7.17 -10.68
CA GLY C 147 38.19 -6.85 -11.46
C GLY C 147 37.85 -7.99 -12.40
N ARG C 148 38.76 -8.95 -12.50
CA ARG C 148 38.58 -10.11 -13.37
C ARG C 148 37.33 -10.92 -13.02
N PRO C 149 36.61 -11.38 -14.06
CA PRO C 149 35.47 -12.30 -13.88
C PRO C 149 35.94 -13.68 -13.41
N PHE C 150 35.17 -14.33 -12.57
CA PHE C 150 35.55 -15.65 -12.07
C PHE C 150 34.35 -16.50 -11.69
N ARG C 151 34.53 -17.81 -11.72
CA ARG C 151 33.52 -18.74 -11.25
C ARG C 151 33.65 -18.89 -9.73
N PRO C 152 32.59 -18.51 -8.99
CA PRO C 152 32.63 -18.48 -7.53
C PRO C 152 32.47 -19.86 -6.90
N ASN C 153 32.10 -20.85 -7.70
CA ASN C 153 31.77 -22.19 -7.21
C ASN C 153 32.86 -22.84 -6.37
N GLY C 154 34.09 -22.79 -6.85
CA GLY C 154 35.22 -23.41 -6.16
C GLY C 154 35.48 -22.82 -4.79
N LEU C 155 35.54 -21.50 -4.71
CA LEU C 155 35.80 -20.81 -3.45
C LEU C 155 34.66 -21.00 -2.46
N LEU C 156 33.44 -21.15 -2.97
CA LEU C 156 32.29 -21.41 -2.12
C LEU C 156 32.37 -22.80 -1.50
N ASP C 157 32.81 -23.77 -2.29
CA ASP C 157 32.99 -25.14 -1.81
C ASP C 157 33.98 -25.17 -0.65
N LYS C 158 35.10 -24.47 -0.81
CA LYS C 158 36.17 -24.46 0.18
C LYS C 158 35.76 -23.83 1.51
N ALA C 159 35.13 -22.66 1.44
CA ALA C 159 34.73 -21.92 2.64
C ALA C 159 33.70 -22.69 3.44
N VAL C 160 32.71 -23.26 2.75
CA VAL C 160 31.65 -24.00 3.40
C VAL C 160 32.16 -25.35 3.93
N SER C 161 33.10 -25.96 3.19
CA SER C 161 33.70 -27.21 3.62
C SER C 161 34.51 -27.03 4.90
N ASN C 162 35.16 -25.87 5.03
CA ASN C 162 35.94 -25.58 6.22
C ASN C 162 35.07 -25.45 7.46
N VAL C 163 33.83 -25.01 7.28
CA VAL C 163 32.89 -24.89 8.38
C VAL C 163 32.57 -26.26 8.97
N ILE C 164 32.17 -27.19 8.11
CA ILE C 164 31.84 -28.53 8.58
C ILE C 164 33.08 -29.31 8.99
N ALA C 165 34.22 -29.02 8.35
CA ALA C 165 35.49 -29.64 8.71
C ALA C 165 35.88 -29.21 10.11
N SER C 166 35.64 -27.94 10.42
CA SER C 166 35.90 -27.41 11.75
C SER C 166 35.07 -28.12 12.81
N LEU C 167 33.81 -28.40 12.47
CA LEU C 167 32.90 -29.04 13.40
C LEU C 167 33.17 -30.53 13.57
N THR C 168 33.53 -31.19 12.47
CA THR C 168 33.76 -32.63 12.52
C THR C 168 35.22 -32.99 12.82
N CYS C 169 36.15 -32.35 12.12
CA CYS C 169 37.55 -32.72 12.19
C CYS C 169 38.36 -31.80 13.11
N GLY C 170 37.75 -30.71 13.56
CA GLY C 170 38.41 -29.79 14.46
C GLY C 170 39.48 -28.95 13.81
N ARG C 171 39.43 -28.84 12.48
CA ARG C 171 40.41 -28.06 11.75
C ARG C 171 39.82 -27.43 10.50
N ARG C 172 40.55 -26.49 9.91
CA ARG C 172 40.22 -25.98 8.60
C ARG C 172 41.37 -26.28 7.65
N PHE C 173 41.18 -25.99 6.37
CA PHE C 173 42.23 -26.19 5.38
C PHE C 173 42.46 -24.92 4.60
N GLU C 174 43.72 -24.63 4.27
CA GLU C 174 44.03 -23.50 3.41
C GLU C 174 43.43 -23.75 2.04
N TYR C 175 43.05 -22.67 1.35
CA TYR C 175 42.36 -22.79 0.06
C TYR C 175 43.23 -23.42 -1.01
N ASP C 176 44.53 -23.48 -0.77
CA ASP C 176 45.46 -24.08 -1.72
C ASP C 176 46.05 -25.39 -1.21
N ASP C 177 45.43 -25.94 -0.17
CA ASP C 177 45.91 -27.19 0.42
C ASP C 177 45.66 -28.37 -0.52
N PRO C 178 46.74 -29.08 -0.88
CA PRO C 178 46.72 -30.20 -1.84
C PRO C 178 45.71 -31.29 -1.49
N ARG C 179 45.75 -31.79 -0.26
CA ARG C 179 44.84 -32.84 0.17
C ARG C 179 43.41 -32.32 0.24
N PHE C 180 43.26 -31.04 0.54
CA PHE C 180 41.95 -30.41 0.60
C PHE C 180 41.30 -30.36 -0.77
N LEU C 181 42.06 -29.96 -1.77
CA LEU C 181 41.58 -29.86 -3.14
C LEU C 181 41.17 -31.22 -3.68
N ARG C 182 41.95 -32.25 -3.36
CA ARG C 182 41.64 -33.61 -3.80
C ARG C 182 40.39 -34.13 -3.10
N LEU C 183 40.24 -33.78 -1.82
CA LEU C 183 39.08 -34.22 -1.05
C LEU C 183 37.81 -33.63 -1.62
N LEU C 184 37.84 -32.34 -1.95
CA LEU C 184 36.69 -31.66 -2.54
C LEU C 184 36.42 -32.18 -3.94
N ASP C 185 37.48 -32.52 -4.67
CA ASP C 185 37.35 -33.03 -6.03
C ASP C 185 36.70 -34.41 -6.04
N LEU C 186 37.14 -35.27 -5.12
CA LEU C 186 36.61 -36.62 -5.01
C LEU C 186 35.15 -36.61 -4.56
N ALA C 187 34.81 -35.65 -3.72
CA ALA C 187 33.44 -35.51 -3.22
C ALA C 187 32.50 -35.13 -4.36
N GLN C 188 32.93 -34.20 -5.20
CA GLN C 188 32.13 -33.76 -6.34
C GLN C 188 31.95 -34.88 -7.36
N GLU C 189 33.02 -35.62 -7.60
CA GLU C 189 32.96 -36.74 -8.55
C GLU C 189 32.09 -37.87 -8.00
N GLY C 190 32.22 -38.14 -6.70
CA GLY C 190 31.41 -39.15 -6.04
C GLY C 190 29.96 -38.73 -6.03
N LEU C 191 29.73 -37.42 -6.00
CA LEU C 191 28.38 -36.87 -6.03
C LEU C 191 27.70 -37.22 -7.35
N LYS C 192 28.48 -37.28 -8.42
CA LYS C 192 27.96 -37.65 -9.73
C LYS C 192 27.50 -39.10 -9.75
N GLU C 193 28.12 -39.92 -8.90
CA GLU C 193 27.81 -41.34 -8.84
C GLU C 193 26.54 -41.61 -8.04
N GLU C 194 25.93 -40.55 -7.52
CA GLU C 194 24.66 -40.67 -6.80
C GLU C 194 23.51 -40.85 -7.77
N SER C 195 23.65 -40.30 -8.97
CA SER C 195 22.66 -40.46 -10.02
C SER C 195 23.28 -41.11 -11.24
N GLY C 196 23.25 -42.43 -11.29
CA GLY C 196 23.87 -43.16 -12.38
C GLY C 196 22.95 -44.16 -13.03
N PHE C 197 23.04 -44.25 -14.36
CA PHE C 197 22.36 -45.30 -15.11
C PHE C 197 22.89 -46.65 -14.63
N LEU C 198 24.20 -46.70 -14.42
CA LEU C 198 24.86 -47.89 -13.91
C LEU C 198 24.46 -48.15 -12.47
N ARG C 199 24.23 -47.07 -11.73
CA ARG C 199 23.86 -47.18 -10.32
C ARG C 199 22.54 -47.94 -10.17
N GLU C 200 21.49 -47.42 -10.79
CA GLU C 200 20.17 -48.04 -10.71
C GLU C 200 20.16 -49.48 -11.24
N VAL C 201 20.97 -49.73 -12.27
CA VAL C 201 21.07 -51.07 -12.83
C VAL C 201 21.71 -52.03 -11.82
N LEU C 202 22.88 -51.66 -11.31
CA LEU C 202 23.56 -52.49 -10.33
C LEU C 202 22.81 -52.50 -8.99
N ASN C 203 21.95 -51.52 -8.79
CA ASN C 203 21.13 -51.45 -7.58
C ASN C 203 19.97 -52.43 -7.66
N ALA C 204 19.14 -52.28 -8.68
CA ALA C 204 17.96 -53.12 -8.86
C ALA C 204 18.34 -54.54 -9.23
N VAL C 205 19.50 -54.71 -9.85
CA VAL C 205 20.02 -56.03 -10.18
C VAL C 205 21.33 -56.26 -9.43
N PRO C 206 21.23 -56.61 -8.14
CA PRO C 206 22.39 -56.72 -7.24
C PRO C 206 23.26 -57.94 -7.52
N VAL C 207 22.90 -58.73 -8.53
CA VAL C 207 23.63 -59.95 -8.85
C VAL C 207 24.83 -59.66 -9.74
N LEU C 208 24.85 -58.47 -10.34
CA LEU C 208 25.94 -58.07 -11.21
C LEU C 208 27.15 -57.63 -10.38
N LEU C 209 26.95 -57.53 -9.07
CA LEU C 209 28.00 -57.10 -8.17
C LEU C 209 29.16 -58.09 -8.09
N HIS C 210 28.87 -59.36 -8.36
CA HIS C 210 29.86 -60.42 -8.20
C HIS C 210 30.95 -60.38 -9.26
N ILE C 211 30.81 -59.48 -10.23
CA ILE C 211 31.87 -59.25 -11.21
C ILE C 211 32.79 -58.14 -10.71
N PRO C 212 34.09 -58.43 -10.63
CA PRO C 212 35.07 -57.44 -10.13
C PRO C 212 35.20 -56.24 -11.08
N ALA C 213 34.85 -56.44 -12.35
CA ALA C 213 34.92 -55.37 -13.33
C ALA C 213 33.85 -54.30 -13.05
N LEU C 214 32.75 -54.72 -12.45
CA LEU C 214 31.66 -53.80 -12.13
C LEU C 214 31.83 -53.22 -10.73
N ALA C 215 32.38 -54.03 -9.82
CA ALA C 215 32.54 -53.61 -8.43
C ALA C 215 33.66 -52.58 -8.28
N GLY C 216 34.55 -52.51 -9.25
CA GLY C 216 35.69 -51.61 -9.18
C GLY C 216 35.58 -50.38 -10.07
N LYS C 217 34.40 -50.14 -10.61
CA LYS C 217 34.20 -49.00 -11.51
C LYS C 217 33.10 -48.05 -11.05
N VAL C 218 31.97 -48.60 -10.64
CA VAL C 218 30.77 -47.82 -10.35
C VAL C 218 30.97 -46.74 -9.28
N LEU C 219 31.67 -47.08 -8.21
CA LEU C 219 31.90 -46.15 -7.12
C LEU C 219 33.39 -45.90 -6.91
N ARG C 220 34.11 -45.66 -8.00
CA ARG C 220 35.54 -45.43 -7.96
C ARG C 220 35.91 -44.18 -7.15
N PHE C 221 35.16 -43.11 -7.36
CA PHE C 221 35.47 -41.83 -6.72
C PHE C 221 34.97 -41.77 -5.28
N GLN C 222 33.86 -42.44 -5.00
CA GLN C 222 33.35 -42.51 -3.63
C GLN C 222 34.30 -43.35 -2.77
N LYS C 223 34.85 -44.41 -3.36
CA LYS C 223 35.84 -45.23 -2.70
C LYS C 223 37.12 -44.45 -2.46
N ALA C 224 37.52 -43.66 -3.45
CA ALA C 224 38.71 -42.83 -3.35
C ALA C 224 38.52 -41.74 -2.29
N PHE C 225 37.30 -41.24 -2.17
CA PHE C 225 36.96 -40.23 -1.19
C PHE C 225 37.15 -40.76 0.23
N LEU C 226 36.65 -41.97 0.47
CA LEU C 226 36.77 -42.61 1.77
C LEU C 226 38.22 -42.89 2.13
N THR C 227 38.99 -43.32 1.13
CA THR C 227 40.41 -43.58 1.32
C THR C 227 41.13 -42.32 1.76
N GLN C 228 40.83 -41.21 1.08
CA GLN C 228 41.39 -39.92 1.43
C GLN C 228 40.95 -39.49 2.83
N LEU C 229 39.70 -39.79 3.17
CA LEU C 229 39.15 -39.41 4.46
C LEU C 229 39.77 -40.23 5.60
N ASP C 230 40.07 -41.49 5.32
CA ASP C 230 40.68 -42.38 6.31
C ASP C 230 42.05 -41.86 6.74
N GLU C 231 42.79 -41.29 5.79
CA GLU C 231 44.09 -40.71 6.09
C GLU C 231 43.95 -39.55 7.07
N LEU C 232 42.94 -38.72 6.85
CA LEU C 232 42.68 -37.56 7.69
C LEU C 232 42.22 -37.96 9.09
N LEU C 233 41.43 -39.03 9.16
CA LEU C 233 40.97 -39.54 10.45
C LEU C 233 42.12 -40.10 11.26
N THR C 234 43.02 -40.82 10.58
CA THR C 234 44.18 -41.40 11.23
C THR C 234 45.06 -40.32 11.86
N GLU C 235 45.24 -39.22 11.14
CA GLU C 235 45.98 -38.09 11.67
C GLU C 235 45.26 -37.48 12.86
N HIS C 236 43.94 -37.40 12.75
CA HIS C 236 43.12 -36.78 13.79
C HIS C 236 43.14 -37.59 15.08
N ARG C 237 43.13 -38.91 14.95
CA ARG C 237 43.12 -39.79 16.12
C ARG C 237 44.46 -39.70 16.87
N MET C 238 45.51 -39.36 16.12
CA MET C 238 46.84 -39.21 16.70
C MET C 238 46.95 -37.95 17.54
N THR C 239 46.18 -36.93 17.18
CA THR C 239 46.24 -35.65 17.86
C THR C 239 45.16 -35.51 18.93
N TRP C 240 44.20 -36.42 18.92
CA TRP C 240 43.10 -36.38 19.89
C TRP C 240 43.60 -36.49 21.32
N ASP C 241 43.22 -35.54 22.16
CA ASP C 241 43.52 -35.58 23.58
C ASP C 241 42.25 -35.95 24.35
N PRO C 242 42.13 -37.23 24.75
CA PRO C 242 40.95 -37.75 25.43
C PRO C 242 40.83 -37.28 26.88
N ALA C 243 41.86 -36.60 27.39
CA ALA C 243 41.82 -36.06 28.74
C ALA C 243 41.09 -34.73 28.78
N GLN C 244 40.74 -34.24 27.59
CA GLN C 244 39.99 -32.99 27.45
C GLN C 244 38.62 -33.27 26.87
N PRO C 245 37.65 -32.37 27.08
CA PRO C 245 36.35 -32.52 26.44
C PRO C 245 36.48 -32.51 24.92
N PRO C 246 35.64 -33.29 24.21
CA PRO C 246 35.67 -33.36 22.75
C PRO C 246 35.64 -31.98 22.09
N ARG C 247 36.61 -31.74 21.23
CA ARG C 247 36.74 -30.46 20.53
C ARG C 247 35.91 -30.44 19.25
N ASP C 248 35.49 -31.63 18.81
CA ASP C 248 34.77 -31.77 17.56
C ASP C 248 33.95 -33.05 17.58
N LEU C 249 33.18 -33.29 16.51
CA LEU C 249 32.28 -34.43 16.45
C LEU C 249 33.01 -35.77 16.38
N THR C 250 34.13 -35.81 15.68
CA THR C 250 34.88 -37.04 15.53
C THR C 250 35.43 -37.51 16.89
N GLU C 251 35.90 -36.57 17.69
CA GLU C 251 36.40 -36.89 19.03
C GLU C 251 35.28 -37.36 19.94
N ALA C 252 34.12 -36.73 19.82
CA ALA C 252 32.95 -37.13 20.59
C ALA C 252 32.57 -38.56 20.24
N PHE C 253 32.63 -38.88 18.96
CA PHE C 253 32.36 -40.23 18.48
C PHE C 253 33.37 -41.22 19.05
N LEU C 254 34.64 -40.80 19.04
CA LEU C 254 35.73 -41.62 19.56
C LEU C 254 35.55 -41.92 21.04
N ALA C 255 35.14 -40.90 21.80
CA ALA C 255 34.92 -41.06 23.23
C ALA C 255 33.76 -42.01 23.53
N GLU C 256 32.73 -41.94 22.70
CA GLU C 256 31.59 -42.85 22.82
C GLU C 256 32.00 -44.26 22.40
N MET C 257 32.92 -44.33 21.44
CA MET C 257 33.43 -45.61 20.97
C MET C 257 34.19 -46.34 22.07
N GLU C 258 34.92 -45.56 22.88
CA GLU C 258 35.65 -46.10 24.02
C GLU C 258 34.70 -46.71 25.04
N LYS C 259 33.67 -45.97 25.41
CA LYS C 259 32.69 -46.40 26.40
C LYS C 259 31.91 -47.62 25.90
N ALA C 260 31.80 -47.74 24.58
CA ALA C 260 30.99 -48.80 23.98
C ALA C 260 31.81 -50.05 23.67
N LYS C 261 33.06 -50.06 24.12
CA LYS C 261 33.89 -51.25 23.97
C LYS C 261 33.28 -52.43 24.73
N GLY C 262 32.92 -53.48 24.00
CA GLY C 262 32.31 -54.65 24.59
C GLY C 262 30.81 -54.74 24.34
N ASN C 263 30.26 -53.71 23.71
CA ASN C 263 28.83 -53.66 23.43
C ASN C 263 28.52 -53.82 21.93
N PRO C 264 28.05 -55.01 21.55
CA PRO C 264 27.71 -55.34 20.16
C PRO C 264 26.48 -54.60 19.65
N GLU C 265 25.77 -53.92 20.55
CA GLU C 265 24.55 -53.22 20.18
C GLU C 265 24.79 -51.75 19.86
N SER C 266 26.03 -51.31 20.03
CA SER C 266 26.36 -49.90 19.82
C SER C 266 26.61 -49.60 18.34
N SER C 267 26.17 -48.42 17.90
CA SER C 267 26.44 -47.97 16.54
C SER C 267 27.74 -47.18 16.50
N PHE C 268 28.36 -47.05 17.68
CA PHE C 268 29.64 -46.36 17.78
C PHE C 268 30.79 -47.34 17.59
N ASN C 269 31.13 -47.57 16.32
CA ASN C 269 32.25 -48.42 15.96
C ASN C 269 33.06 -47.80 14.82
N ASP C 270 34.20 -48.41 14.49
CA ASP C 270 35.12 -47.86 13.49
C ASP C 270 34.49 -47.72 12.11
N GLU C 271 33.72 -48.72 11.69
CA GLU C 271 33.11 -48.72 10.37
C GLU C 271 32.09 -47.60 10.24
N ASN C 272 31.36 -47.34 11.32
CA ASN C 272 30.31 -46.32 11.29
C ASN C 272 30.90 -44.92 11.44
N LEU C 273 32.07 -44.83 12.08
CA LEU C 273 32.74 -43.55 12.25
C LEU C 273 33.03 -42.90 10.91
N ARG C 274 33.61 -43.66 9.99
CA ARG C 274 33.98 -43.12 8.68
C ARG C 274 32.76 -42.85 7.81
N ILE C 275 31.70 -43.65 7.97
CA ILE C 275 30.47 -43.43 7.22
C ILE C 275 29.77 -42.15 7.68
N VAL C 276 29.68 -41.98 8.99
CA VAL C 276 29.06 -40.79 9.57
C VAL C 276 29.84 -39.52 9.21
N VAL C 277 31.16 -39.58 9.34
CA VAL C 277 32.01 -38.42 9.04
C VAL C 277 31.97 -38.08 7.55
N ALA C 278 31.98 -39.10 6.70
CA ALA C 278 31.92 -38.89 5.26
C ALA C 278 30.58 -38.28 4.85
N ASP C 279 29.51 -38.77 5.46
CA ASP C 279 28.18 -38.25 5.18
C ASP C 279 28.07 -36.78 5.59
N LEU C 280 28.52 -36.47 6.80
CA LEU C 280 28.43 -35.11 7.31
C LEU C 280 29.29 -34.13 6.52
N PHE C 281 30.55 -34.49 6.28
CA PHE C 281 31.48 -33.60 5.60
C PHE C 281 31.05 -33.30 4.17
N SER C 282 30.69 -34.34 3.42
CA SER C 282 30.28 -34.18 2.03
C SER C 282 28.94 -33.46 1.94
N ALA C 283 28.06 -33.70 2.91
CA ALA C 283 26.78 -33.00 2.98
C ALA C 283 27.00 -31.52 3.25
N GLY C 284 27.78 -31.25 4.30
CA GLY C 284 28.10 -29.89 4.67
C GLY C 284 28.73 -29.12 3.53
N MET C 285 29.43 -29.85 2.65
CA MET C 285 30.05 -29.24 1.48
C MET C 285 29.05 -28.95 0.37
N VAL C 286 28.51 -30.01 -0.24
CA VAL C 286 27.85 -29.90 -1.54
C VAL C 286 26.47 -29.21 -1.52
N THR C 287 25.82 -29.18 -0.37
CA THR C 287 24.47 -28.62 -0.29
C THR C 287 24.47 -27.10 -0.12
N THR C 288 25.08 -26.63 0.97
CA THR C 288 25.12 -25.21 1.26
C THR C 288 25.92 -24.43 0.20
N SER C 289 26.95 -25.07 -0.34
CA SER C 289 27.77 -24.43 -1.36
C SER C 289 27.01 -24.24 -2.66
N THR C 290 26.24 -25.26 -3.06
CA THR C 290 25.43 -25.19 -4.27
C THR C 290 24.36 -24.11 -4.14
N THR C 291 23.74 -24.06 -2.96
CA THR C 291 22.70 -23.07 -2.68
C THR C 291 23.24 -21.65 -2.79
N LEU C 292 24.45 -21.44 -2.26
CA LEU C 292 25.10 -20.13 -2.32
C LEU C 292 25.48 -19.77 -3.76
N ALA C 293 25.80 -20.79 -4.55
CA ALA C 293 26.11 -20.58 -5.96
C ALA C 293 24.86 -20.18 -6.72
N TRP C 294 23.72 -20.69 -6.26
CA TRP C 294 22.43 -20.24 -6.78
C TRP C 294 22.17 -18.81 -6.34
N GLY C 295 22.55 -18.50 -5.10
CA GLY C 295 22.36 -17.18 -4.55
C GLY C 295 23.03 -16.08 -5.35
N LEU C 296 24.31 -16.27 -5.65
CA LEU C 296 25.08 -15.26 -6.39
C LEU C 296 24.61 -15.13 -7.82
N LEU C 297 24.26 -16.26 -8.44
CA LEU C 297 23.74 -16.25 -9.80
C LEU C 297 22.46 -15.44 -9.88
N LEU C 298 21.56 -15.67 -8.94
CA LEU C 298 20.28 -14.97 -8.91
C LEU C 298 20.45 -13.49 -8.57
N MET C 299 21.54 -13.15 -7.89
CA MET C 299 21.81 -11.77 -7.50
C MET C 299 22.33 -10.93 -8.66
N ILE C 300 23.05 -11.57 -9.58
CA ILE C 300 23.54 -10.86 -10.76
C ILE C 300 22.48 -10.86 -11.85
N LEU C 301 21.52 -11.77 -11.74
CA LEU C 301 20.39 -11.83 -12.66
C LEU C 301 19.31 -10.85 -12.23
N HIS C 302 19.30 -10.53 -10.94
CA HIS C 302 18.33 -9.59 -10.40
C HIS C 302 19.00 -8.58 -9.48
N PRO C 303 19.79 -7.65 -10.06
CA PRO C 303 20.53 -6.64 -9.30
C PRO C 303 19.62 -5.81 -8.40
N ASP C 304 18.38 -5.62 -8.84
CA ASP C 304 17.39 -4.88 -8.06
C ASP C 304 17.16 -5.54 -6.70
N VAL C 305 17.12 -6.86 -6.69
CA VAL C 305 16.99 -7.61 -5.45
C VAL C 305 18.26 -7.47 -4.63
N GLN C 306 19.40 -7.55 -5.30
CA GLN C 306 20.70 -7.41 -4.65
C GLN C 306 20.85 -6.07 -3.96
N ARG C 307 20.42 -5.00 -4.64
CA ARG C 307 20.53 -3.66 -4.09
C ARG C 307 19.68 -3.49 -2.83
N ARG C 308 18.47 -4.03 -2.85
CA ARG C 308 17.58 -3.93 -1.70
C ARG C 308 18.15 -4.65 -0.49
N VAL C 309 18.74 -5.82 -0.72
CA VAL C 309 19.39 -6.58 0.34
C VAL C 309 20.55 -5.78 0.92
N GLN C 310 21.38 -5.24 0.04
CA GLN C 310 22.54 -4.45 0.46
C GLN C 310 22.14 -3.19 1.21
N GLN C 311 20.98 -2.64 0.87
CA GLN C 311 20.47 -1.47 1.59
C GLN C 311 20.02 -1.87 3.00
N GLU C 312 19.40 -3.05 3.10
CA GLU C 312 18.93 -3.56 4.38
C GLU C 312 20.11 -3.91 5.28
N ILE C 313 21.21 -4.32 4.67
CA ILE C 313 22.44 -4.62 5.40
C ILE C 313 23.03 -3.35 6.00
N ASP C 314 23.09 -2.29 5.19
CA ASP C 314 23.70 -1.04 5.61
C ASP C 314 22.89 -0.34 6.71
N ASP C 315 21.62 -0.67 6.82
CA ASP C 315 20.74 -0.01 7.79
C ASP C 315 20.64 -0.77 9.11
N VAL C 316 20.98 -2.06 9.07
CA VAL C 316 20.89 -2.91 10.26
C VAL C 316 22.26 -3.23 10.83
N ILE C 317 23.21 -3.50 9.94
CA ILE C 317 24.53 -3.98 10.35
C ILE C 317 25.64 -2.97 10.07
N GLY C 318 25.51 -2.24 8.97
CA GLY C 318 26.55 -1.30 8.56
C GLY C 318 27.59 -2.00 7.70
N GLN C 319 28.71 -1.33 7.45
CA GLN C 319 29.75 -1.89 6.59
C GLN C 319 31.07 -2.09 7.35
N VAL C 320 31.00 -2.12 8.67
CA VAL C 320 32.19 -2.44 9.46
C VAL C 320 31.93 -3.64 10.37
N ARG C 321 30.74 -3.70 10.96
CA ARG C 321 30.39 -4.76 11.89
C ARG C 321 30.09 -6.06 11.15
N ARG C 322 30.62 -7.17 11.65
CA ARG C 322 30.35 -8.48 11.06
C ARG C 322 28.92 -8.91 11.32
N PRO C 323 28.29 -9.54 10.31
CA PRO C 323 26.92 -10.04 10.41
C PRO C 323 26.74 -11.05 11.54
N GLU C 324 25.67 -10.89 12.32
CA GLU C 324 25.35 -11.80 13.40
C GLU C 324 23.98 -12.43 13.16
N MET C 325 23.74 -13.59 13.77
CA MET C 325 22.46 -14.28 13.61
C MET C 325 21.32 -13.51 14.28
N GLY C 326 21.68 -12.59 15.16
CA GLY C 326 20.70 -11.75 15.82
C GLY C 326 20.11 -10.73 14.87
N ASP C 327 20.86 -10.41 13.82
CA ASP C 327 20.42 -9.42 12.83
C ASP C 327 19.27 -9.93 11.96
N GLN C 328 19.18 -11.26 11.82
CA GLN C 328 18.19 -11.88 10.95
C GLN C 328 16.76 -11.48 11.32
N ALA C 329 16.50 -11.33 12.62
CA ALA C 329 15.18 -10.98 13.10
C ALA C 329 14.78 -9.57 12.66
N HIS C 330 15.76 -8.74 12.35
CA HIS C 330 15.50 -7.36 11.94
C HIS C 330 15.74 -7.16 10.44
N MET C 331 16.01 -8.25 9.74
CA MET C 331 16.23 -8.21 8.30
C MET C 331 15.29 -9.16 7.56
N PRO C 332 14.00 -8.81 7.47
CA PRO C 332 13.00 -9.68 6.84
C PRO C 332 13.21 -9.88 5.35
N TYR C 333 13.74 -8.87 4.65
CA TYR C 333 13.89 -8.97 3.21
C TYR C 333 15.03 -9.92 2.83
N THR C 334 16.15 -9.82 3.53
CA THR C 334 17.28 -10.71 3.29
C THR C 334 16.87 -12.16 3.55
N THR C 335 16.09 -12.36 4.61
CA THR C 335 15.60 -13.67 4.98
C THR C 335 14.73 -14.26 3.89
N ALA C 336 13.89 -13.42 3.29
CA ALA C 336 12.99 -13.84 2.22
C ALA C 336 13.79 -14.22 0.98
N VAL C 337 14.80 -13.44 0.66
CA VAL C 337 15.66 -13.69 -0.50
C VAL C 337 16.37 -15.04 -0.37
N ILE C 338 16.93 -15.29 0.80
CA ILE C 338 17.63 -16.54 1.07
C ILE C 338 16.69 -17.74 0.92
N HIS C 339 15.51 -17.63 1.53
CA HIS C 339 14.50 -18.69 1.41
C HIS C 339 14.07 -18.89 -0.04
N GLU C 340 13.99 -17.78 -0.78
CA GLU C 340 13.59 -17.84 -2.19
C GLU C 340 14.67 -18.47 -3.06
N VAL C 341 15.93 -18.25 -2.69
CA VAL C 341 17.04 -18.88 -3.37
C VAL C 341 16.96 -20.39 -3.22
N GLN C 342 16.61 -20.85 -2.02
CA GLN C 342 16.43 -22.27 -1.76
C GLN C 342 15.24 -22.84 -2.53
N ARG C 343 14.14 -22.10 -2.53
CA ARG C 343 12.93 -22.54 -3.22
C ARG C 343 13.16 -22.63 -4.72
N PHE C 344 13.69 -21.56 -5.30
CA PHE C 344 13.99 -21.53 -6.72
C PHE C 344 15.14 -22.48 -7.06
N GLY C 345 16.16 -22.48 -6.21
CA GLY C 345 17.33 -23.33 -6.40
C GLY C 345 16.95 -24.80 -6.53
N ASP C 346 16.14 -25.28 -5.60
CA ASP C 346 15.53 -26.61 -5.71
C ASP C 346 16.61 -27.67 -5.87
N ILE C 347 17.62 -27.62 -5.01
CA ILE C 347 18.84 -28.40 -5.21
C ILE C 347 18.66 -29.90 -4.98
N VAL C 348 17.66 -30.30 -4.21
CA VAL C 348 17.36 -31.72 -4.04
C VAL C 348 15.92 -31.99 -4.48
N PRO C 349 15.70 -31.99 -5.80
CA PRO C 349 14.35 -32.00 -6.39
C PRO C 349 13.52 -33.25 -6.06
N LEU C 350 14.16 -34.42 -6.03
CA LEU C 350 13.43 -35.65 -5.73
C LEU C 350 13.73 -36.15 -4.33
N GLY C 351 14.42 -35.32 -3.54
CA GLY C 351 14.74 -35.63 -2.16
C GLY C 351 15.55 -36.91 -2.01
N VAL C 352 15.35 -37.59 -0.90
CA VAL C 352 15.93 -38.90 -0.67
C VAL C 352 14.82 -39.93 -0.53
N THR C 353 14.97 -41.07 -1.19
CA THR C 353 13.92 -42.08 -1.22
C THR C 353 13.61 -42.65 0.15
N HIS C 354 12.32 -42.72 0.46
CA HIS C 354 11.84 -43.38 1.67
C HIS C 354 11.27 -44.75 1.31
N MET C 355 10.98 -45.54 2.33
CA MET C 355 10.30 -46.82 2.13
C MET C 355 9.28 -47.04 3.24
N THR C 356 8.12 -47.56 2.88
CA THR C 356 7.10 -47.86 3.89
C THR C 356 7.49 -49.10 4.69
N SER C 357 7.52 -48.94 6.00
CA SER C 357 7.82 -50.06 6.90
C SER C 357 6.51 -50.69 7.36
N ARG C 358 5.41 -50.12 6.91
CA ARG C 358 4.08 -50.57 7.29
C ARG C 358 3.06 -50.04 6.29
N ASP C 359 1.97 -50.79 6.08
CA ASP C 359 0.93 -50.38 5.15
C ASP C 359 0.27 -49.09 5.59
N ILE C 360 0.17 -48.13 4.66
CA ILE C 360 -0.43 -46.84 4.97
C ILE C 360 -1.33 -46.32 3.85
N GLU C 361 -2.06 -45.25 4.14
CA GLU C 361 -2.99 -44.66 3.20
C GLU C 361 -2.68 -43.18 2.96
N VAL C 362 -2.41 -42.84 1.70
CA VAL C 362 -2.14 -41.46 1.32
C VAL C 362 -3.09 -40.99 0.23
N GLN C 363 -3.80 -39.89 0.52
CA GLN C 363 -4.77 -39.30 -0.41
C GLN C 363 -5.86 -40.31 -0.80
N GLY C 364 -6.14 -41.25 0.09
CA GLY C 364 -7.18 -42.24 -0.14
C GLY C 364 -6.66 -43.57 -0.64
N PHE C 365 -5.57 -43.52 -1.43
CA PHE C 365 -5.00 -44.72 -2.02
C PHE C 365 -4.28 -45.57 -0.97
N ARG C 366 -4.01 -46.82 -1.31
CA ARG C 366 -3.31 -47.72 -0.40
C ARG C 366 -1.88 -48.00 -0.84
N ILE C 367 -0.93 -47.74 0.04
CA ILE C 367 0.47 -48.02 -0.23
C ILE C 367 0.94 -49.20 0.60
N PRO C 368 1.34 -50.29 -0.07
CA PRO C 368 1.79 -51.52 0.59
C PRO C 368 3.11 -51.33 1.34
N LYS C 369 3.36 -52.20 2.31
CA LYS C 369 4.62 -52.19 3.05
C LYS C 369 5.79 -52.54 2.13
N GLY C 370 6.90 -51.85 2.29
CA GLY C 370 8.09 -52.11 1.50
C GLY C 370 8.09 -51.37 0.18
N THR C 371 7.19 -50.40 0.05
CA THR C 371 7.11 -49.60 -1.17
C THR C 371 8.09 -48.43 -1.13
N THR C 372 8.93 -48.34 -2.15
CA THR C 372 9.84 -47.20 -2.28
C THR C 372 9.04 -45.93 -2.54
N LEU C 373 9.20 -44.95 -1.65
CA LEU C 373 8.50 -43.68 -1.80
C LEU C 373 9.42 -42.60 -2.34
N ILE C 374 8.97 -41.91 -3.38
CA ILE C 374 9.70 -40.77 -3.91
C ILE C 374 9.00 -39.46 -3.54
N THR C 375 9.68 -38.62 -2.76
CA THR C 375 9.13 -37.33 -2.40
C THR C 375 9.57 -36.27 -3.40
N ASN C 376 8.63 -35.83 -4.22
CA ASN C 376 8.91 -34.81 -5.23
C ASN C 376 8.88 -33.42 -4.62
N LEU C 377 9.96 -33.06 -3.93
CA LEU C 377 10.07 -31.77 -3.26
C LEU C 377 9.99 -30.62 -4.25
N SER C 378 10.42 -30.87 -5.48
CA SER C 378 10.33 -29.88 -6.53
C SER C 378 8.88 -29.50 -6.80
N SER C 379 7.98 -30.48 -6.69
CA SER C 379 6.56 -30.25 -6.92
C SER C 379 5.92 -29.50 -5.76
N VAL C 380 6.59 -29.51 -4.61
CA VAL C 380 6.10 -28.79 -3.44
C VAL C 380 6.62 -27.35 -3.45
N LEU C 381 7.88 -27.20 -3.84
CA LEU C 381 8.51 -25.89 -3.90
C LEU C 381 8.01 -25.08 -5.09
N LYS C 382 7.51 -25.76 -6.12
CA LYS C 382 7.05 -25.09 -7.33
C LYS C 382 5.56 -25.30 -7.57
N ASP C 383 4.81 -25.55 -6.50
CA ASP C 383 3.38 -25.84 -6.59
C ASP C 383 2.59 -24.61 -7.04
N GLU C 384 1.87 -24.75 -8.16
CA GLU C 384 1.08 -23.66 -8.71
C GLU C 384 -0.11 -23.29 -7.82
N ALA C 385 -0.46 -24.17 -6.88
CA ALA C 385 -1.59 -23.93 -6.01
C ALA C 385 -1.19 -23.20 -4.73
N VAL C 386 0.11 -22.97 -4.57
CA VAL C 386 0.63 -22.32 -3.38
C VAL C 386 1.39 -21.04 -3.70
N TRP C 387 2.30 -21.13 -4.66
CA TRP C 387 3.19 -20.03 -4.99
C TRP C 387 2.65 -19.15 -6.11
N GLU C 388 2.79 -17.83 -5.94
CA GLU C 388 2.27 -16.86 -6.90
C GLU C 388 3.03 -16.90 -8.23
N LYS C 389 4.36 -16.96 -8.14
CA LYS C 389 5.21 -17.07 -9.32
C LYS C 389 6.18 -18.23 -9.17
N PRO C 390 5.69 -19.47 -9.25
CA PRO C 390 6.45 -20.68 -8.94
C PRO C 390 7.76 -20.83 -9.73
N PHE C 391 7.79 -20.36 -10.99
CA PHE C 391 8.95 -20.60 -11.83
C PHE C 391 9.79 -19.35 -12.08
N ARG C 392 9.60 -18.33 -11.23
CA ARG C 392 10.45 -17.14 -11.28
C ARG C 392 11.03 -16.84 -9.91
N PHE C 393 12.17 -16.16 -9.89
CA PHE C 393 12.79 -15.73 -8.65
C PHE C 393 11.99 -14.56 -8.07
N HIS C 394 11.18 -14.86 -7.06
CA HIS C 394 10.23 -13.89 -6.53
C HIS C 394 10.27 -13.88 -5.00
N PRO C 395 11.16 -13.06 -4.41
CA PRO C 395 11.35 -12.94 -2.97
C PRO C 395 10.06 -12.64 -2.20
N GLU C 396 9.09 -12.01 -2.85
CA GLU C 396 7.84 -11.65 -2.21
C GLU C 396 6.99 -12.87 -1.85
N HIS C 397 7.47 -14.05 -2.24
CA HIS C 397 6.84 -15.31 -1.84
C HIS C 397 6.88 -15.47 -0.32
N PHE C 398 7.83 -14.78 0.31
CA PHE C 398 8.05 -14.90 1.74
C PHE C 398 7.84 -13.56 2.45
N LEU C 399 7.03 -12.70 1.84
CA LEU C 399 6.73 -11.39 2.40
C LEU C 399 5.24 -11.09 2.34
N ASP C 400 4.67 -10.64 3.46
CA ASP C 400 3.27 -10.24 3.48
C ASP C 400 3.11 -8.80 2.99
N ALA C 401 1.91 -8.26 3.11
CA ALA C 401 1.65 -6.90 2.69
C ALA C 401 2.41 -5.89 3.54
N GLN C 402 2.65 -6.24 4.79
CA GLN C 402 3.34 -5.36 5.73
C GLN C 402 4.84 -5.33 5.49
N GLY C 403 5.34 -6.34 4.78
CA GLY C 403 6.76 -6.44 4.53
C GLY C 403 7.44 -7.37 5.52
N HIS C 404 6.65 -8.02 6.35
CA HIS C 404 7.17 -8.98 7.32
C HIS C 404 7.53 -10.28 6.62
N PHE C 405 8.52 -10.99 7.16
CA PHE C 405 8.89 -12.29 6.62
C PHE C 405 7.89 -13.36 7.06
N VAL C 406 7.38 -14.10 6.08
CA VAL C 406 6.49 -15.21 6.37
C VAL C 406 6.96 -16.47 5.64
N LYS C 407 6.81 -17.62 6.26
CA LYS C 407 7.23 -18.87 5.64
C LYS C 407 6.04 -19.79 5.40
N PRO C 408 5.62 -19.93 4.13
CA PRO C 408 4.54 -20.84 3.76
C PRO C 408 4.87 -22.28 4.14
N GLU C 409 3.85 -23.08 4.41
CA GLU C 409 4.06 -24.47 4.80
C GLU C 409 4.65 -25.31 3.68
N ALA C 410 4.54 -24.81 2.45
CA ALA C 410 5.03 -25.54 1.29
C ALA C 410 6.54 -25.39 1.13
N PHE C 411 7.16 -24.60 1.99
CA PHE C 411 8.62 -24.46 1.98
C PHE C 411 9.24 -25.68 2.64
N LEU C 412 9.47 -26.72 1.86
CA LEU C 412 10.05 -27.96 2.37
C LEU C 412 11.31 -28.41 1.62
N PRO C 413 12.34 -27.56 1.57
CA PRO C 413 13.57 -27.98 0.88
C PRO C 413 14.35 -29.01 1.69
N PHE C 414 14.15 -29.01 3.00
CA PHE C 414 14.79 -29.98 3.88
C PHE C 414 13.88 -31.18 4.12
N SER C 415 12.88 -31.32 3.26
CA SER C 415 11.83 -32.34 3.39
C SER C 415 11.09 -32.20 4.72
N ALA C 416 10.51 -33.28 5.20
CA ALA C 416 9.74 -33.25 6.44
C ALA C 416 9.70 -34.62 7.10
N GLY C 417 9.24 -34.65 8.34
CA GLY C 417 9.18 -35.89 9.11
C GLY C 417 10.40 -36.05 9.99
N ARG C 418 10.58 -37.26 10.53
CA ARG C 418 11.70 -37.54 11.41
C ARG C 418 13.00 -37.78 10.62
N ARG C 419 12.88 -37.90 9.30
CA ARG C 419 14.05 -38.06 8.44
C ARG C 419 14.47 -36.74 7.82
N ALA C 420 13.76 -35.67 8.15
CA ALA C 420 14.07 -34.34 7.64
C ALA C 420 15.53 -33.98 7.94
N CYS C 421 16.12 -33.16 7.07
CA CYS C 421 17.54 -32.82 7.14
C CYS C 421 17.97 -32.36 8.54
N LEU C 422 18.89 -33.10 9.15
CA LEU C 422 19.40 -32.73 10.47
C LEU C 422 20.39 -31.59 10.34
N GLY C 423 20.78 -31.26 9.12
CA GLY C 423 21.74 -30.21 8.86
C GLY C 423 21.08 -28.86 8.64
N GLU C 424 19.75 -28.82 8.71
CA GLU C 424 19.01 -27.58 8.51
C GLU C 424 19.42 -26.43 9.46
N PRO C 425 19.64 -26.71 10.76
CA PRO C 425 20.11 -25.62 11.61
C PRO C 425 21.44 -25.03 11.16
N LEU C 426 22.37 -25.89 10.77
CA LEU C 426 23.67 -25.44 10.29
C LEU C 426 23.52 -24.71 8.97
N ALA C 427 22.69 -25.25 8.09
CA ALA C 427 22.45 -24.65 6.78
C ALA C 427 21.87 -23.24 6.92
N ARG C 428 20.87 -23.12 7.79
CA ARG C 428 20.24 -21.82 8.07
C ARG C 428 21.27 -20.79 8.51
N MET C 429 22.14 -21.18 9.44
CA MET C 429 23.19 -20.31 9.94
C MET C 429 24.21 -19.97 8.85
N GLU C 430 24.68 -20.99 8.15
CA GLU C 430 25.69 -20.80 7.11
C GLU C 430 25.18 -19.92 5.97
N LEU C 431 23.96 -20.20 5.51
CA LEU C 431 23.35 -19.46 4.41
C LEU C 431 23.22 -17.98 4.74
N PHE C 432 22.74 -17.66 5.94
CA PHE C 432 22.55 -16.27 6.32
C PHE C 432 23.88 -15.54 6.50
N LEU C 433 24.83 -16.18 7.15
CA LEU C 433 26.09 -15.52 7.49
C LEU C 433 26.99 -15.30 6.28
N PHE C 434 27.07 -16.30 5.40
CA PHE C 434 27.89 -16.17 4.20
C PHE C 434 27.29 -15.18 3.20
N PHE C 435 26.00 -15.33 2.92
CA PHE C 435 25.31 -14.49 1.95
C PHE C 435 25.36 -13.01 2.31
N THR C 436 25.04 -12.69 3.56
CA THR C 436 25.05 -11.29 4.00
C THR C 436 26.47 -10.72 3.99
N SER C 437 27.43 -11.51 4.44
CA SER C 437 28.83 -11.07 4.47
C SER C 437 29.33 -10.77 3.06
N LEU C 438 28.95 -11.61 2.11
CA LEU C 438 29.36 -11.42 0.72
C LEU C 438 28.72 -10.19 0.09
N LEU C 439 27.46 -9.96 0.40
CA LEU C 439 26.74 -8.82 -0.17
C LEU C 439 27.06 -7.53 0.56
N GLN C 440 27.52 -7.65 1.81
CA GLN C 440 27.83 -6.49 2.63
C GLN C 440 29.02 -5.71 2.08
N HIS C 441 29.95 -6.40 1.44
CA HIS C 441 31.18 -5.78 1.00
C HIS C 441 31.45 -5.95 -0.49
N PHE C 442 30.55 -6.64 -1.20
CA PHE C 442 30.72 -6.83 -2.63
C PHE C 442 29.45 -6.54 -3.42
N SER C 443 29.63 -5.98 -4.61
CA SER C 443 28.54 -5.86 -5.57
C SER C 443 28.79 -6.83 -6.71
N PHE C 444 27.85 -7.76 -6.91
CA PHE C 444 28.02 -8.80 -7.92
C PHE C 444 27.22 -8.49 -9.17
N SER C 445 27.81 -8.77 -10.33
CA SER C 445 27.15 -8.50 -11.60
C SER C 445 27.67 -9.39 -12.73
N VAL C 446 26.83 -9.61 -13.72
CA VAL C 446 27.25 -10.27 -14.96
C VAL C 446 28.34 -9.43 -15.59
N PRO C 447 29.43 -10.07 -16.04
CA PRO C 447 30.53 -9.34 -16.70
C PRO C 447 30.03 -8.54 -17.89
N THR C 448 30.41 -7.26 -17.96
CA THR C 448 29.97 -6.37 -19.03
C THR C 448 30.33 -6.92 -20.41
N GLY C 449 29.34 -7.02 -21.29
CA GLY C 449 29.55 -7.55 -22.62
C GLY C 449 29.09 -8.98 -22.74
N GLN C 450 29.40 -9.79 -21.73
CA GLN C 450 29.02 -11.21 -21.72
C GLN C 450 27.50 -11.39 -21.71
N PRO C 451 27.01 -12.46 -22.35
CA PRO C 451 25.58 -12.74 -22.38
C PRO C 451 25.03 -13.15 -21.02
N ARG C 452 23.76 -12.86 -20.78
CA ARG C 452 23.11 -13.17 -19.50
C ARG C 452 23.04 -14.67 -19.24
N PRO C 453 23.53 -15.10 -18.07
CA PRO C 453 23.59 -16.51 -17.64
C PRO C 453 22.20 -17.14 -17.49
N SER C 454 22.14 -18.45 -17.67
CA SER C 454 20.88 -19.19 -17.62
C SER C 454 20.31 -19.33 -16.20
N HIS C 455 18.99 -19.33 -16.10
CA HIS C 455 18.29 -19.64 -14.86
C HIS C 455 18.26 -21.14 -14.63
N HIS C 456 18.60 -21.89 -15.67
CA HIS C 456 18.34 -23.32 -15.73
C HIS C 456 19.54 -24.15 -15.27
N GLY C 457 19.30 -25.08 -14.35
CA GLY C 457 20.35 -25.93 -13.83
C GLY C 457 20.36 -27.33 -14.41
N VAL C 458 21.42 -28.08 -14.12
CA VAL C 458 21.53 -29.45 -14.62
C VAL C 458 20.87 -30.45 -13.67
N PHE C 459 19.95 -31.24 -14.20
CA PHE C 459 19.20 -32.17 -13.37
C PHE C 459 20.05 -33.37 -12.94
N ALA C 460 20.07 -33.62 -11.64
CA ALA C 460 20.77 -34.76 -11.06
C ALA C 460 20.14 -35.07 -9.71
N PHE C 461 20.86 -35.80 -8.86
CA PHE C 461 20.42 -35.97 -7.49
C PHE C 461 20.44 -34.61 -6.81
N LEU C 462 21.56 -33.91 -6.98
CA LEU C 462 21.70 -32.56 -6.46
C LEU C 462 21.88 -31.59 -7.63
N VAL C 463 20.95 -30.66 -7.77
CA VAL C 463 20.95 -29.75 -8.92
C VAL C 463 21.75 -28.48 -8.66
N SER C 464 22.82 -28.30 -9.43
CA SER C 464 23.65 -27.10 -9.35
C SER C 464 23.31 -26.16 -10.50
N PRO C 465 23.60 -24.86 -10.33
CA PRO C 465 23.37 -23.92 -11.44
C PRO C 465 24.32 -24.19 -12.59
N SER C 466 23.94 -23.75 -13.79
CA SER C 466 24.82 -23.83 -14.95
C SER C 466 26.07 -23.02 -14.67
N PRO C 467 27.23 -23.45 -15.21
CA PRO C 467 28.48 -22.72 -15.01
C PRO C 467 28.38 -21.26 -15.45
N TYR C 468 28.77 -20.35 -14.58
CA TYR C 468 28.69 -18.93 -14.89
C TYR C 468 29.86 -18.17 -14.30
N GLU C 469 30.11 -16.98 -14.84
CA GLU C 469 31.12 -16.09 -14.28
C GLU C 469 30.46 -14.82 -13.76
N LEU C 470 31.13 -14.14 -12.85
CA LEU C 470 30.63 -12.88 -12.32
C LEU C 470 31.78 -11.94 -11.96
N CYS C 471 31.45 -10.68 -11.69
CA CYS C 471 32.42 -9.72 -11.21
C CYS C 471 32.06 -9.31 -9.79
N ALA C 472 33.06 -9.24 -8.92
CA ALA C 472 32.85 -8.82 -7.54
C ALA C 472 33.70 -7.59 -7.23
N VAL C 473 33.05 -6.44 -7.17
CA VAL C 473 33.73 -5.20 -6.81
C VAL C 473 33.33 -4.74 -5.42
N PRO C 474 34.33 -4.38 -4.59
CA PRO C 474 34.11 -3.93 -3.22
C PRO C 474 33.21 -2.71 -3.13
N ARG C 475 32.43 -2.61 -2.05
CA ARG C 475 31.51 -1.50 -1.86
C ARG C 475 32.14 -0.40 -1.01
N GLY D 9 22.18 39.49 21.39
CA GLY D 9 22.15 40.70 22.18
C GLY D 9 20.74 41.24 22.36
N LYS D 10 19.93 41.13 21.32
CA LYS D 10 18.56 41.62 21.37
C LYS D 10 17.66 40.65 22.13
N LEU D 11 16.87 41.20 23.05
CA LEU D 11 15.91 40.41 23.82
C LEU D 11 14.83 39.84 22.90
N PRO D 12 14.23 38.70 23.28
CA PRO D 12 13.11 38.14 22.53
C PRO D 12 11.96 39.13 22.42
N PRO D 13 11.35 39.23 21.23
CA PRO D 13 10.23 40.15 21.00
C PRO D 13 8.98 39.72 21.77
N GLY D 14 8.36 40.65 22.48
CA GLY D 14 7.20 40.33 23.28
C GLY D 14 6.17 41.44 23.31
N PRO D 15 4.96 41.13 23.83
CA PRO D 15 3.88 42.11 23.95
C PRO D 15 4.11 43.08 25.11
N LEU D 16 3.80 44.35 24.89
CA LEU D 16 3.93 45.37 25.92
C LEU D 16 2.86 45.18 26.99
N PRO D 17 3.26 45.25 28.28
CA PRO D 17 2.31 45.17 29.39
C PRO D 17 1.34 46.34 29.41
N GLN D 30 -6.55 30.81 33.01
CA GLN D 30 -7.53 30.89 31.93
C GLN D 30 -7.23 29.86 30.84
N ASN D 31 -7.11 30.33 29.61
CA ASN D 31 -6.76 29.47 28.49
C ASN D 31 -5.46 29.94 27.83
N THR D 32 -4.35 29.59 28.47
CA THR D 32 -3.02 30.01 28.02
C THR D 32 -2.59 29.57 26.60
N PRO D 33 -2.88 28.31 26.20
CA PRO D 33 -2.38 27.88 24.88
C PRO D 33 -2.87 28.74 23.71
N TYR D 34 -4.09 29.25 23.80
CA TYR D 34 -4.63 30.11 22.74
C TYR D 34 -3.91 31.45 22.74
N CYS D 35 -3.68 32.01 23.92
CA CYS D 35 -2.91 33.24 24.05
C CYS D 35 -1.47 33.02 23.59
N PHE D 36 -0.91 31.89 23.97
CA PHE D 36 0.46 31.54 23.57
C PHE D 36 0.56 31.27 22.08
N ASP D 37 -0.51 30.72 21.50
CA ASP D 37 -0.54 30.46 20.06
C ASP D 37 -0.59 31.76 19.28
N GLN D 38 -1.36 32.73 19.79
CA GLN D 38 -1.45 34.04 19.19
C GLN D 38 -0.10 34.75 19.19
N LEU D 39 0.68 34.50 20.24
CA LEU D 39 1.97 35.16 20.40
C LEU D 39 3.06 34.49 19.56
N ARG D 40 2.95 33.18 19.37
CA ARG D 40 3.87 32.46 18.49
C ARG D 40 3.54 32.78 17.04
N ARG D 41 2.26 33.01 16.77
CA ARG D 41 1.80 33.37 15.44
C ARG D 41 2.29 34.76 15.04
N ARG D 42 2.44 35.63 16.03
CA ARG D 42 2.82 37.02 15.79
C ARG D 42 4.31 37.27 15.97
N PHE D 43 4.86 36.79 17.08
CA PHE D 43 6.25 37.08 17.43
C PHE D 43 7.23 36.00 17.00
N GLY D 44 6.84 34.74 17.17
CA GLY D 44 7.70 33.63 16.78
C GLY D 44 7.85 32.57 17.87
N ASP D 45 8.77 31.64 17.64
CA ASP D 45 8.98 30.52 18.57
C ASP D 45 9.39 30.99 19.96
N VAL D 46 10.27 31.98 20.02
CA VAL D 46 10.76 32.49 21.30
C VAL D 46 10.30 33.93 21.54
N PHE D 47 9.33 34.10 22.42
CA PHE D 47 8.86 35.44 22.76
C PHE D 47 8.95 35.69 24.27
N SER D 48 9.29 36.91 24.64
CA SER D 48 9.37 37.30 26.04
C SER D 48 8.01 37.75 26.56
N LEU D 49 7.84 37.71 27.88
CA LEU D 49 6.57 38.06 28.50
C LEU D 49 6.80 38.40 29.97
N GLN D 50 6.12 39.43 30.45
CA GLN D 50 6.23 39.82 31.86
C GLN D 50 5.04 39.30 32.66
N LEU D 51 4.89 37.98 32.70
CA LEU D 51 3.84 37.34 33.48
C LEU D 51 3.94 37.75 34.94
N ALA D 52 2.82 38.21 35.50
CA ALA D 52 2.80 38.82 36.83
C ALA D 52 3.84 39.93 36.90
N TRP D 53 4.70 39.86 37.91
CA TRP D 53 5.79 40.83 38.03
C TRP D 53 7.14 40.13 37.93
N THR D 54 7.18 39.07 37.13
CA THR D 54 8.41 38.31 36.90
C THR D 54 8.64 38.14 35.40
N PRO D 55 9.85 38.50 34.92
CA PRO D 55 10.19 38.37 33.51
C PRO D 55 10.36 36.90 33.08
N VAL D 56 9.55 36.45 32.12
CA VAL D 56 9.65 35.08 31.63
C VAL D 56 9.84 35.05 30.11
N VAL D 57 10.38 33.94 29.62
CA VAL D 57 10.51 33.71 28.20
C VAL D 57 9.89 32.37 27.83
N VAL D 58 8.86 32.41 26.99
CA VAL D 58 8.17 31.21 26.57
C VAL D 58 8.81 30.62 25.33
N LEU D 59 9.11 29.32 25.39
CA LEU D 59 9.68 28.61 24.25
C LEU D 59 8.61 27.76 23.57
N ASN D 60 8.52 27.88 22.25
CA ASN D 60 7.48 27.17 21.49
C ASN D 60 8.07 26.37 20.35
N GLY D 61 7.55 25.16 20.14
CA GLY D 61 8.03 24.30 19.07
C GLY D 61 9.27 23.55 19.48
N LEU D 62 9.56 22.47 18.76
CA LEU D 62 10.68 21.59 19.10
C LEU D 62 12.02 22.31 19.06
N ALA D 63 12.24 23.13 18.03
CA ALA D 63 13.52 23.81 17.84
C ALA D 63 13.89 24.70 19.04
N ALA D 64 12.98 25.58 19.42
CA ALA D 64 13.22 26.49 20.54
C ALA D 64 13.46 25.72 21.83
N VAL D 65 12.57 24.78 22.13
CA VAL D 65 12.65 23.98 23.34
C VAL D 65 13.94 23.16 23.40
N ARG D 66 14.26 22.47 22.30
CA ARG D 66 15.41 21.59 22.29
C ARG D 66 16.73 22.36 22.40
N GLU D 67 16.78 23.55 21.80
CA GLU D 67 17.99 24.36 21.87
C GLU D 67 18.24 24.84 23.29
N ALA D 68 17.16 25.13 24.01
CA ALA D 68 17.29 25.64 25.37
C ALA D 68 17.64 24.52 26.36
N LEU D 69 16.92 23.41 26.28
CA LEU D 69 17.05 22.34 27.28
C LEU D 69 18.18 21.37 26.98
N VAL D 70 18.48 21.14 25.71
CA VAL D 70 19.53 20.20 25.34
C VAL D 70 20.85 20.91 25.00
N THR D 71 20.82 21.77 24.01
CA THR D 71 22.02 22.46 23.55
C THR D 71 22.59 23.36 24.65
N HIS D 72 21.73 24.14 25.29
CA HIS D 72 22.13 24.94 26.44
C HIS D 72 21.69 24.25 27.73
N GLY D 73 22.01 22.96 27.83
CA GLY D 73 21.52 22.13 28.91
C GLY D 73 21.94 22.52 30.31
N GLU D 74 23.23 22.79 30.50
CA GLU D 74 23.77 23.10 31.82
C GLU D 74 23.37 24.50 32.28
N ASP D 75 22.89 25.31 31.34
CA ASP D 75 22.57 26.70 31.65
C ASP D 75 21.07 26.94 31.81
N THR D 76 20.26 25.91 31.57
CA THR D 76 18.81 26.03 31.70
C THR D 76 18.22 24.91 32.55
N ALA D 77 19.04 24.31 33.40
CA ALA D 77 18.60 23.17 34.20
C ALA D 77 18.19 23.60 35.61
N ASP D 78 18.06 24.90 35.82
CA ASP D 78 17.76 25.42 37.15
C ASP D 78 16.27 25.69 37.32
N ARG D 79 15.86 25.98 38.56
CA ARG D 79 14.46 26.27 38.86
C ARG D 79 14.32 27.69 39.39
N PRO D 80 13.21 28.35 39.06
CA PRO D 80 12.91 29.67 39.65
C PRO D 80 12.57 29.51 41.12
N PRO D 81 12.75 30.57 41.91
CA PRO D 81 12.34 30.49 43.32
C PRO D 81 10.83 30.39 43.46
N VAL D 82 10.36 29.51 44.33
CA VAL D 82 8.93 29.37 44.59
C VAL D 82 8.65 29.61 46.07
N PRO D 83 8.56 30.89 46.47
CA PRO D 83 8.44 31.33 47.86
C PRO D 83 7.22 30.77 48.61
N ILE D 84 6.23 30.26 47.88
CA ILE D 84 5.04 29.71 48.52
C ILE D 84 5.36 28.40 49.25
N THR D 85 6.51 27.82 48.92
CA THR D 85 6.92 26.55 49.51
C THR D 85 7.65 26.71 50.84
N GLN D 86 7.64 27.93 51.37
CA GLN D 86 8.25 28.19 52.68
C GLN D 86 7.47 27.47 53.77
N ILE D 87 6.18 27.27 53.53
CA ILE D 87 5.29 26.65 54.51
C ILE D 87 5.53 25.15 54.62
N LEU D 88 6.03 24.56 53.54
CA LEU D 88 6.19 23.11 53.47
C LEU D 88 7.55 22.62 53.94
N GLY D 89 8.29 23.49 54.62
CA GLY D 89 9.57 23.13 55.20
C GLY D 89 10.66 22.89 54.17
N PHE D 90 11.06 23.96 53.48
CA PHE D 90 12.10 23.88 52.46
C PHE D 90 13.37 24.62 52.87
N GLY D 91 14.52 24.07 52.48
CA GLY D 91 15.80 24.68 52.76
C GLY D 91 16.88 24.18 51.82
N PRO D 92 18.13 24.61 52.04
CA PRO D 92 19.29 24.29 51.21
C PRO D 92 19.41 22.81 50.85
N ARG D 93 19.42 21.94 51.85
CA ARG D 93 19.52 20.51 51.61
C ARG D 93 18.15 19.83 51.68
N SER D 94 17.09 20.63 51.67
CA SER D 94 15.74 20.09 51.73
C SER D 94 14.83 20.71 50.68
N GLN D 95 15.09 20.39 49.41
CA GLN D 95 14.28 20.88 48.31
C GLN D 95 13.73 19.75 47.47
N GLY D 96 13.94 18.52 47.91
CA GLY D 96 13.55 17.35 47.15
C GLY D 96 14.25 17.32 45.80
N VAL D 97 13.52 16.89 44.78
CA VAL D 97 14.07 16.87 43.42
C VAL D 97 13.36 17.88 42.53
N PHE D 98 12.04 17.91 42.62
CA PHE D 98 11.20 18.67 41.70
C PHE D 98 11.53 20.17 41.65
N LEU D 99 11.47 20.83 42.80
CA LEU D 99 11.70 22.27 42.87
C LEU D 99 13.12 22.58 43.33
N ALA D 100 13.97 21.55 43.36
CA ALA D 100 15.35 21.72 43.81
C ALA D 100 16.15 22.58 42.85
N ARG D 101 16.94 23.50 43.40
CA ARG D 101 17.84 24.31 42.61
C ARG D 101 18.90 23.42 41.94
N TYR D 102 19.33 23.80 40.74
CA TYR D 102 20.34 23.03 40.04
C TYR D 102 21.67 23.05 40.79
N GLY D 103 22.04 21.89 41.34
CA GLY D 103 23.25 21.78 42.12
C GLY D 103 23.41 20.39 42.72
N PRO D 104 24.27 20.27 43.74
CA PRO D 104 24.59 18.98 44.37
C PRO D 104 23.38 18.32 45.05
N ALA D 105 22.59 19.11 45.77
CA ALA D 105 21.42 18.59 46.47
C ALA D 105 20.43 17.95 45.50
N TRP D 106 20.14 18.66 44.40
CA TRP D 106 19.28 18.12 43.36
C TRP D 106 19.89 16.87 42.74
N ARG D 107 21.17 16.96 42.40
CA ARG D 107 21.87 15.89 41.73
C ARG D 107 21.94 14.64 42.60
N GLU D 108 22.25 14.82 43.88
CA GLU D 108 22.32 13.71 44.81
C GLU D 108 20.98 12.98 44.91
N GLN D 109 19.91 13.73 45.11
CA GLN D 109 18.59 13.14 45.27
C GLN D 109 18.06 12.50 44.00
N ARG D 110 18.35 13.11 42.85
CA ARG D 110 17.89 12.56 41.58
C ARG D 110 18.63 11.26 41.26
N ARG D 111 19.94 11.26 41.45
CA ARG D 111 20.73 10.05 41.25
C ARG D 111 20.25 8.93 42.16
N PHE D 112 19.90 9.31 43.40
CA PHE D 112 19.41 8.34 44.39
C PHE D 112 18.10 7.70 43.94
N SER D 113 17.15 8.52 43.53
CA SER D 113 15.85 8.02 43.08
C SER D 113 15.99 7.08 41.89
N VAL D 114 16.70 7.53 40.85
CA VAL D 114 16.92 6.74 39.65
C VAL D 114 17.59 5.41 39.96
N SER D 115 18.61 5.45 40.82
CA SER D 115 19.34 4.25 41.18
C SER D 115 18.52 3.30 42.04
N THR D 116 17.82 3.86 43.03
CA THR D 116 17.05 3.05 43.97
C THR D 116 15.91 2.31 43.27
N LEU D 117 15.17 3.03 42.43
CA LEU D 117 14.08 2.43 41.67
C LEU D 117 14.59 1.27 40.83
N ARG D 118 15.75 1.46 40.21
CA ARG D 118 16.37 0.43 39.39
C ARG D 118 16.71 -0.81 40.21
N ASN D 119 17.32 -0.59 41.38
CA ASN D 119 17.70 -1.69 42.27
C ASN D 119 16.49 -2.41 42.84
N LEU D 120 15.38 -1.69 42.98
CA LEU D 120 14.16 -2.26 43.53
C LEU D 120 13.44 -3.16 42.54
N GLY D 121 13.73 -2.99 41.25
CA GLY D 121 13.15 -3.86 40.25
C GLY D 121 12.72 -3.18 38.96
N LEU D 122 12.81 -1.85 38.91
CA LEU D 122 12.45 -1.13 37.69
C LEU D 122 13.45 -1.45 36.58
N GLY D 123 12.93 -2.00 35.48
CA GLY D 123 13.77 -2.45 34.39
C GLY D 123 14.03 -3.94 34.47
N LYS D 124 13.53 -4.56 35.53
CA LYS D 124 13.68 -5.99 35.73
C LYS D 124 12.31 -6.68 35.79
N LYS D 125 12.33 -8.01 35.89
CA LYS D 125 11.10 -8.80 35.83
C LYS D 125 10.31 -8.72 37.13
N SER D 126 10.97 -8.28 38.20
CA SER D 126 10.33 -8.18 39.51
C SER D 126 9.14 -7.21 39.49
N LEU D 127 9.41 -5.96 39.13
CA LEU D 127 8.39 -4.93 39.14
C LEU D 127 7.30 -5.19 38.10
N GLU D 128 7.69 -5.75 36.96
CA GLU D 128 6.74 -6.07 35.88
C GLU D 128 5.62 -6.95 36.39
N GLN D 129 5.99 -8.04 37.07
CA GLN D 129 5.01 -8.97 37.61
C GLN D 129 4.18 -8.34 38.71
N TRP D 130 4.79 -7.42 39.46
CA TRP D 130 4.06 -6.72 40.51
C TRP D 130 2.99 -5.81 39.90
N VAL D 131 3.36 -5.09 38.85
CA VAL D 131 2.43 -4.19 38.18
C VAL D 131 1.23 -4.96 37.61
N THR D 132 1.50 -6.11 37.01
CA THR D 132 0.43 -6.94 36.46
C THR D 132 -0.40 -7.63 37.54
N GLU D 133 0.15 -7.71 38.75
CA GLU D 133 -0.59 -8.23 39.89
C GLU D 133 -1.63 -7.19 40.34
N GLU D 134 -1.24 -5.92 40.29
CA GLU D 134 -2.13 -4.82 40.63
C GLU D 134 -3.15 -4.62 39.52
N ALA D 135 -2.73 -4.86 38.28
CA ALA D 135 -3.64 -4.77 37.13
C ALA D 135 -4.77 -5.78 37.28
N ALA D 136 -4.44 -6.96 37.79
CA ALA D 136 -5.43 -8.00 38.05
C ALA D 136 -6.46 -7.51 39.07
N CYS D 137 -5.98 -6.79 40.08
CA CYS D 137 -6.86 -6.18 41.07
C CYS D 137 -7.73 -5.10 40.42
N LEU D 138 -7.14 -4.36 39.50
CA LEU D 138 -7.86 -3.32 38.77
C LEU D 138 -8.93 -3.95 37.87
N CYS D 139 -8.56 -5.03 37.20
CA CYS D 139 -9.50 -5.75 36.34
C CYS D 139 -10.67 -6.29 37.15
N ALA D 140 -10.37 -6.84 38.33
CA ALA D 140 -11.39 -7.35 39.22
C ALA D 140 -12.33 -6.23 39.65
N ALA D 141 -11.75 -5.07 39.94
CA ALA D 141 -12.52 -3.90 40.33
C ALA D 141 -13.44 -3.44 39.21
N PHE D 142 -12.93 -3.47 37.98
CA PHE D 142 -13.72 -3.12 36.80
C PHE D 142 -14.88 -4.10 36.62
N ALA D 143 -14.56 -5.39 36.67
CA ALA D 143 -15.55 -6.44 36.46
C ALA D 143 -16.66 -6.38 37.51
N ASN D 144 -16.36 -5.81 38.67
CA ASN D 144 -17.34 -5.67 39.74
C ASN D 144 -18.43 -4.66 39.40
N HIS D 145 -18.20 -3.88 38.35
CA HIS D 145 -19.21 -2.94 37.87
C HIS D 145 -20.11 -3.64 36.85
N SER D 146 -19.78 -4.89 36.53
CA SER D 146 -20.61 -5.79 35.72
C SER D 146 -21.15 -5.14 34.45
N GLY D 147 -22.44 -4.81 34.48
CA GLY D 147 -23.10 -4.21 33.34
C GLY D 147 -23.60 -2.80 33.62
N ARG D 148 -22.81 -2.05 34.38
CA ARG D 148 -23.14 -0.67 34.70
C ARG D 148 -22.06 0.29 34.23
N PRO D 149 -22.47 1.46 33.73
CA PRO D 149 -21.54 2.54 33.37
C PRO D 149 -20.89 3.13 34.62
N PHE D 150 -19.64 3.57 34.51
CA PHE D 150 -18.92 4.12 35.66
C PHE D 150 -17.75 5.00 35.24
N ARG D 151 -17.35 5.90 36.13
CA ARG D 151 -16.17 6.73 35.91
C ARG D 151 -14.94 5.99 36.40
N PRO D 152 -14.08 5.57 35.46
CA PRO D 152 -12.92 4.71 35.75
C PRO D 152 -11.77 5.46 36.44
N ASN D 153 -11.89 6.78 36.55
CA ASN D 153 -10.81 7.61 37.08
C ASN D 153 -10.35 7.22 38.49
N GLY D 154 -11.31 6.93 39.37
CA GLY D 154 -11.01 6.58 40.75
C GLY D 154 -10.23 5.29 40.87
N LEU D 155 -10.66 4.27 40.15
CA LEU D 155 -10.00 2.96 40.20
C LEU D 155 -8.62 3.02 39.56
N LEU D 156 -8.47 3.87 38.55
CA LEU D 156 -7.18 4.09 37.91
C LEU D 156 -6.20 4.72 38.87
N ASP D 157 -6.67 5.71 39.63
CA ASP D 157 -5.84 6.38 40.63
C ASP D 157 -5.29 5.39 41.64
N LYS D 158 -6.17 4.55 42.17
CA LYS D 158 -5.80 3.58 43.20
C LYS D 158 -4.76 2.58 42.73
N ALA D 159 -5.03 1.94 41.60
CA ALA D 159 -4.17 0.89 41.07
C ALA D 159 -2.77 1.41 40.75
N VAL D 160 -2.71 2.60 40.16
CA VAL D 160 -1.44 3.21 39.81
C VAL D 160 -0.72 3.71 41.06
N SER D 161 -1.48 4.22 42.03
CA SER D 161 -0.92 4.68 43.29
C SER D 161 -0.28 3.55 44.08
N ASN D 162 -0.86 2.36 43.98
CA ASN D 162 -0.35 1.20 44.71
C ASN D 162 1.02 0.76 44.19
N VAL D 163 1.29 1.02 42.91
CA VAL D 163 2.57 0.65 42.33
C VAL D 163 3.71 1.48 42.90
N ILE D 164 3.52 2.80 42.93
CA ILE D 164 4.53 3.69 43.47
C ILE D 164 4.59 3.56 45.00
N ALA D 165 3.45 3.27 45.62
CA ALA D 165 3.41 3.06 47.07
C ALA D 165 4.24 1.84 47.44
N SER D 166 4.15 0.79 46.62
CA SER D 166 4.93 -0.41 46.84
C SER D 166 6.42 -0.13 46.70
N LEU D 167 6.76 0.79 45.79
CA LEU D 167 8.15 1.15 45.54
C LEU D 167 8.71 2.09 46.59
N THR D 168 7.87 2.99 47.09
CA THR D 168 8.32 3.97 48.07
C THR D 168 8.03 3.53 49.52
N CYS D 169 6.82 3.01 49.76
CA CYS D 169 6.40 2.68 51.11
C CYS D 169 6.56 1.20 51.44
N GLY D 170 6.74 0.37 50.40
CA GLY D 170 6.91 -1.05 50.60
C GLY D 170 5.60 -1.77 50.88
N ARG D 171 4.50 -1.15 50.47
CA ARG D 171 3.18 -1.72 50.70
C ARG D 171 2.16 -1.27 49.66
N ARG D 172 1.02 -1.92 49.64
CA ARG D 172 -0.12 -1.47 48.85
C ARG D 172 -1.28 -1.17 49.80
N PHE D 173 -2.35 -0.61 49.24
CA PHE D 173 -3.55 -0.35 50.02
C PHE D 173 -4.76 -0.99 49.34
N GLU D 174 -5.70 -1.49 50.14
CA GLU D 174 -6.94 -1.99 49.58
C GLU D 174 -7.72 -0.84 48.95
N TYR D 175 -8.55 -1.16 47.97
CA TYR D 175 -9.27 -0.12 47.25
C TYR D 175 -10.32 0.57 48.12
N ASP D 176 -10.70 -0.08 49.21
CA ASP D 176 -11.67 0.47 50.14
C ASP D 176 -11.02 0.94 51.44
N ASP D 177 -9.70 1.12 51.40
CA ASP D 177 -8.94 1.57 52.56
C ASP D 177 -9.18 3.05 52.84
N PRO D 178 -9.71 3.37 54.03
CA PRO D 178 -10.05 4.74 54.45
C PRO D 178 -8.90 5.75 54.33
N ARG D 179 -7.74 5.42 54.89
CA ARG D 179 -6.60 6.33 54.84
C ARG D 179 -6.07 6.49 53.42
N PHE D 180 -6.15 5.42 52.65
CA PHE D 180 -5.74 5.43 51.25
C PHE D 180 -6.58 6.42 50.46
N LEU D 181 -7.89 6.35 50.65
CA LEU D 181 -8.83 7.21 49.94
C LEU D 181 -8.66 8.68 50.31
N ARG D 182 -8.38 8.94 51.59
CA ARG D 182 -8.12 10.30 52.04
C ARG D 182 -6.83 10.81 51.41
N LEU D 183 -5.83 9.93 51.34
CA LEU D 183 -4.53 10.28 50.77
C LEU D 183 -4.67 10.66 49.29
N LEU D 184 -5.44 9.87 48.55
CA LEU D 184 -5.68 10.13 47.14
C LEU D 184 -6.47 11.41 46.93
N ASP D 185 -7.45 11.63 47.82
CA ASP D 185 -8.29 12.82 47.75
C ASP D 185 -7.48 14.09 48.03
N LEU D 186 -6.61 14.02 49.03
CA LEU D 186 -5.78 15.16 49.40
C LEU D 186 -4.79 15.50 48.30
N ALA D 187 -4.29 14.47 47.63
CA ALA D 187 -3.34 14.65 46.53
C ALA D 187 -3.99 15.37 45.36
N GLN D 188 -5.22 14.97 45.03
CA GLN D 188 -5.96 15.58 43.94
C GLN D 188 -6.31 17.04 44.23
N GLU D 189 -6.75 17.31 45.46
CA GLU D 189 -7.05 18.68 45.88
C GLU D 189 -5.78 19.50 45.93
N GLY D 190 -4.71 18.91 46.46
CA GLY D 190 -3.43 19.57 46.51
C GLY D 190 -2.91 19.88 45.12
N LEU D 191 -3.27 19.05 44.15
CA LEU D 191 -2.90 19.27 42.77
C LEU D 191 -3.60 20.51 42.21
N LYS D 192 -4.86 20.70 42.61
CA LYS D 192 -5.62 21.85 42.17
C LYS D 192 -5.03 23.15 42.72
N GLU D 193 -4.27 23.02 43.80
CA GLU D 193 -3.63 24.17 44.41
C GLU D 193 -2.34 24.55 43.68
N GLU D 194 -1.94 23.73 42.72
CA GLU D 194 -0.80 24.04 41.87
C GLU D 194 -1.19 25.13 40.87
N SER D 195 -2.44 25.08 40.41
CA SER D 195 -2.95 26.05 39.46
C SER D 195 -3.90 27.03 40.16
N GLY D 196 -3.33 28.09 40.73
CA GLY D 196 -4.11 29.07 41.45
C GLY D 196 -3.60 30.49 41.28
N PHE D 197 -4.53 31.41 41.05
CA PHE D 197 -4.20 32.83 40.99
C PHE D 197 -3.64 33.29 42.33
N LEU D 198 -4.22 32.78 43.41
CA LEU D 198 -3.77 33.07 44.76
C LEU D 198 -2.34 32.59 44.95
N ARG D 199 -2.02 31.43 44.36
CA ARG D 199 -0.67 30.89 44.42
C ARG D 199 0.30 31.74 43.63
N GLU D 200 -0.13 32.20 42.46
CA GLU D 200 0.70 33.04 41.60
C GLU D 200 0.92 34.41 42.22
N VAL D 201 -0.11 34.93 42.88
CA VAL D 201 0.03 36.20 43.61
C VAL D 201 1.05 36.04 44.73
N LEU D 202 0.80 35.09 45.62
CA LEU D 202 1.67 34.87 46.77
C LEU D 202 3.09 34.47 46.39
N ASN D 203 3.26 34.00 45.15
CA ASN D 203 4.59 33.72 44.63
C ASN D 203 5.23 34.95 43.99
N ALA D 204 4.40 35.81 43.41
CA ALA D 204 4.87 37.04 42.80
C ALA D 204 5.22 38.07 43.88
N VAL D 205 4.36 38.17 44.89
CA VAL D 205 4.61 39.04 46.03
C VAL D 205 4.61 38.28 47.35
N PRO D 206 5.75 37.69 47.72
CA PRO D 206 5.95 36.79 48.86
C PRO D 206 5.65 37.43 50.22
N VAL D 207 5.79 38.74 50.33
CA VAL D 207 5.64 39.45 51.61
C VAL D 207 4.25 39.30 52.22
N LEU D 208 3.28 38.90 51.40
CA LEU D 208 1.91 38.70 51.87
C LEU D 208 1.78 37.41 52.69
N LEU D 209 2.86 36.63 52.73
CA LEU D 209 2.87 35.39 53.49
C LEU D 209 2.96 35.63 55.00
N HIS D 210 3.39 36.83 55.37
CA HIS D 210 3.48 37.20 56.78
C HIS D 210 2.08 37.35 57.38
N ILE D 211 1.09 37.56 56.52
CA ILE D 211 -0.29 37.60 56.95
C ILE D 211 -0.78 36.19 57.27
N PRO D 212 -1.10 35.93 58.54
CA PRO D 212 -1.50 34.60 59.03
C PRO D 212 -2.73 34.05 58.31
N ALA D 213 -3.70 34.91 58.02
CA ALA D 213 -4.93 34.49 57.35
C ALA D 213 -4.65 33.98 55.95
N LEU D 214 -3.78 34.70 55.23
CA LEU D 214 -3.41 34.31 53.87
C LEU D 214 -2.62 33.02 53.85
N ALA D 215 -1.50 33.01 54.58
CA ALA D 215 -0.57 31.88 54.58
C ALA D 215 -1.22 30.56 55.00
N GLY D 216 -2.15 30.63 55.93
CA GLY D 216 -2.76 29.44 56.50
C GLY D 216 -3.94 28.87 55.75
N LYS D 217 -4.21 29.40 54.56
CA LYS D 217 -5.38 28.97 53.79
C LYS D 217 -5.06 28.68 52.32
N VAL D 218 -3.87 29.08 51.86
CA VAL D 218 -3.49 28.89 50.47
C VAL D 218 -3.31 27.40 50.14
N LEU D 219 -2.46 26.72 50.91
CA LEU D 219 -2.13 25.33 50.63
C LEU D 219 -2.54 24.41 51.78
N ARG D 220 -3.81 24.46 52.17
CA ARG D 220 -4.30 23.64 53.28
C ARG D 220 -4.38 22.16 52.91
N PHE D 221 -4.59 21.86 51.64
CA PHE D 221 -4.69 20.47 51.19
C PHE D 221 -3.31 19.85 50.98
N GLN D 222 -2.38 20.64 50.44
CA GLN D 222 -1.00 20.19 50.29
C GLN D 222 -0.39 19.95 51.67
N LYS D 223 -0.79 20.77 52.64
CA LYS D 223 -0.35 20.61 54.01
C LYS D 223 -0.98 19.37 54.64
N ALA D 224 -2.26 19.16 54.36
CA ALA D 224 -2.98 18.00 54.88
C ALA D 224 -2.40 16.71 54.30
N PHE D 225 -1.99 16.76 53.05
CA PHE D 225 -1.38 15.62 52.39
C PHE D 225 -0.08 15.22 53.08
N LEU D 226 0.75 16.22 53.38
CA LEU D 226 2.02 16.00 54.06
C LEU D 226 1.81 15.43 55.46
N THR D 227 0.79 15.93 56.15
CA THR D 227 0.47 15.46 57.49
C THR D 227 0.05 14.00 57.46
N GLN D 228 -0.81 13.65 56.53
CA GLN D 228 -1.26 12.27 56.36
C GLN D 228 -0.08 11.36 56.01
N LEU D 229 0.85 11.89 55.22
CA LEU D 229 2.01 11.12 54.80
C LEU D 229 2.97 10.92 55.97
N ASP D 230 3.05 11.90 56.86
CA ASP D 230 3.89 11.80 58.04
C ASP D 230 3.47 10.64 58.94
N GLU D 231 2.15 10.44 59.06
CA GLU D 231 1.62 9.33 59.84
C GLU D 231 2.09 7.99 59.28
N LEU D 232 2.05 7.87 57.96
CA LEU D 232 2.45 6.64 57.29
C LEU D 232 3.96 6.40 57.40
N LEU D 233 4.73 7.47 57.32
CA LEU D 233 6.18 7.37 57.44
C LEU D 233 6.58 6.94 58.85
N THR D 234 5.86 7.45 59.84
CA THR D 234 6.10 7.08 61.23
C THR D 234 5.86 5.59 61.44
N GLU D 235 4.77 5.08 60.88
CA GLU D 235 4.45 3.67 60.93
C GLU D 235 5.52 2.84 60.23
N HIS D 236 5.97 3.33 59.08
CA HIS D 236 6.94 2.62 58.26
C HIS D 236 8.30 2.52 58.96
N ARG D 237 8.68 3.60 59.64
CA ARG D 237 9.96 3.64 60.34
C ARG D 237 9.97 2.63 61.49
N MET D 238 8.78 2.31 62.00
CA MET D 238 8.63 1.35 63.08
C MET D 238 8.85 -0.09 62.60
N THR D 239 8.43 -0.38 61.37
CA THR D 239 8.50 -1.74 60.84
C THR D 239 9.80 -1.98 60.06
N TRP D 240 10.54 -0.92 59.80
CA TRP D 240 11.80 -1.02 59.06
C TRP D 240 12.78 -1.95 59.77
N ASP D 241 13.31 -2.93 59.03
CA ASP D 241 14.34 -3.81 59.54
C ASP D 241 15.67 -3.47 58.89
N PRO D 242 16.48 -2.64 59.56
CA PRO D 242 17.76 -2.14 59.04
C PRO D 242 18.84 -3.21 58.93
N ALA D 243 18.58 -4.39 59.47
CA ALA D 243 19.52 -5.50 59.37
C ALA D 243 19.35 -6.21 58.03
N GLN D 244 18.26 -5.89 57.33
CA GLN D 244 18.01 -6.43 56.01
C GLN D 244 18.21 -5.35 54.96
N PRO D 245 18.54 -5.75 53.72
CA PRO D 245 18.62 -4.78 52.63
C PRO D 245 17.29 -4.06 52.41
N PRO D 246 17.32 -2.76 52.11
CA PRO D 246 16.11 -1.96 51.89
C PRO D 246 15.19 -2.58 50.84
N ARG D 247 13.91 -2.70 51.16
CA ARG D 247 12.95 -3.31 50.25
C ARG D 247 12.06 -2.26 49.60
N ASP D 248 12.35 -0.99 49.86
CA ASP D 248 11.64 0.13 49.24
C ASP D 248 12.49 1.39 49.32
N LEU D 249 12.04 2.46 48.67
CA LEU D 249 12.83 3.68 48.56
C LEU D 249 12.98 4.41 49.89
N THR D 250 11.94 4.40 50.72
CA THR D 250 11.98 5.07 52.00
C THR D 250 13.05 4.47 52.91
N GLU D 251 13.15 3.14 52.90
CA GLU D 251 14.14 2.45 53.71
C GLU D 251 15.55 2.76 53.22
N ALA D 252 15.73 2.81 51.91
CA ALA D 252 17.02 3.15 51.32
C ALA D 252 17.44 4.56 51.73
N PHE D 253 16.46 5.45 51.76
CA PHE D 253 16.68 6.83 52.17
C PHE D 253 17.05 6.91 53.65
N LEU D 254 16.35 6.13 54.46
CA LEU D 254 16.59 6.09 55.91
C LEU D 254 17.98 5.56 56.23
N ALA D 255 18.41 4.54 55.49
CA ALA D 255 19.75 3.98 55.68
C ALA D 255 20.82 5.01 55.34
N GLU D 256 20.61 5.74 54.25
CA GLU D 256 21.53 6.79 53.86
C GLU D 256 21.54 7.92 54.88
N MET D 257 20.39 8.16 55.49
CA MET D 257 20.25 9.19 56.51
C MET D 257 21.12 8.85 57.73
N GLU D 258 21.16 7.57 58.07
CA GLU D 258 21.98 7.07 59.17
C GLU D 258 23.46 7.33 58.92
N LYS D 259 23.92 6.96 57.73
CA LYS D 259 25.31 7.16 57.35
C LYS D 259 25.68 8.64 57.28
N ALA D 260 24.67 9.47 57.02
CA ALA D 260 24.89 10.90 56.81
C ALA D 260 24.87 11.70 58.11
N LYS D 261 24.65 11.01 59.23
CA LYS D 261 24.66 11.67 60.54
C LYS D 261 26.01 12.33 60.80
N GLY D 262 26.00 13.65 61.00
CA GLY D 262 27.21 14.38 61.24
C GLY D 262 27.71 15.13 60.01
N ASN D 263 26.98 14.99 58.91
CA ASN D 263 27.38 15.63 57.65
C ASN D 263 26.36 16.66 57.18
N PRO D 264 26.70 17.95 57.34
CA PRO D 264 25.81 19.06 56.97
C PRO D 264 25.67 19.24 55.47
N GLU D 265 26.45 18.50 54.69
CA GLU D 265 26.43 18.63 53.24
C GLU D 265 25.44 17.66 52.60
N SER D 266 25.05 16.63 53.34
CA SER D 266 24.16 15.60 52.82
C SER D 266 22.73 16.10 52.68
N SER D 267 22.09 15.74 51.58
CA SER D 267 20.69 16.08 51.36
C SER D 267 19.77 15.03 52.01
N PHE D 268 20.38 13.97 52.53
CA PHE D 268 19.62 12.93 53.21
C PHE D 268 19.31 13.32 54.65
N ASN D 269 18.24 14.09 54.83
CA ASN D 269 17.76 14.44 56.16
C ASN D 269 16.24 14.24 56.24
N ASP D 270 15.69 14.37 57.44
CA ASP D 270 14.26 14.13 57.65
C ASP D 270 13.37 15.05 56.84
N GLU D 271 13.73 16.33 56.77
CA GLU D 271 12.95 17.31 56.01
C GLU D 271 12.87 16.93 54.53
N ASN D 272 13.96 16.38 54.01
CA ASN D 272 14.02 16.03 52.59
C ASN D 272 13.37 14.69 52.30
N LEU D 273 13.32 13.83 53.31
CA LEU D 273 12.68 12.52 53.18
C LEU D 273 11.20 12.66 52.82
N ARG D 274 10.50 13.51 53.56
CA ARG D 274 9.07 13.67 53.34
C ARG D 274 8.77 14.45 52.05
N ILE D 275 9.66 15.33 51.65
CA ILE D 275 9.50 16.05 50.39
C ILE D 275 9.69 15.11 49.20
N VAL D 276 10.77 14.33 49.23
CA VAL D 276 11.08 13.39 48.17
C VAL D 276 9.99 12.32 48.02
N VAL D 277 9.51 11.81 49.15
CA VAL D 277 8.46 10.79 49.13
C VAL D 277 7.14 11.37 48.66
N ALA D 278 6.80 12.57 49.15
CA ALA D 278 5.57 13.23 48.74
C ALA D 278 5.55 13.50 47.24
N ASP D 279 6.68 13.96 46.71
CA ASP D 279 6.78 14.25 45.29
C ASP D 279 6.67 12.96 44.46
N LEU D 280 7.42 11.94 44.84
CA LEU D 280 7.40 10.68 44.12
C LEU D 280 6.03 10.02 44.12
N PHE D 281 5.41 9.96 45.30
CA PHE D 281 4.11 9.29 45.44
C PHE D 281 3.00 10.00 44.67
N SER D 282 2.90 11.31 44.84
CA SER D 282 1.87 12.09 44.17
C SER D 282 2.11 12.14 42.66
N ALA D 283 3.37 12.15 42.26
CA ALA D 283 3.73 12.09 40.84
C ALA D 283 3.33 10.75 40.27
N GLY D 284 3.69 9.68 40.99
CA GLY D 284 3.37 8.32 40.60
C GLY D 284 1.87 8.14 40.41
N MET D 285 1.10 8.81 41.25
CA MET D 285 -0.35 8.74 41.17
C MET D 285 -0.91 9.49 39.96
N VAL D 286 -0.84 10.81 40.02
CA VAL D 286 -1.66 11.66 39.17
C VAL D 286 -1.21 11.76 37.71
N THR D 287 0.00 11.29 37.40
CA THR D 287 0.51 11.37 36.03
C THR D 287 0.05 10.18 35.20
N THR D 288 0.47 8.99 35.59
CA THR D 288 0.15 7.77 34.85
C THR D 288 -1.35 7.49 34.86
N SER D 289 -2.00 7.78 36.00
CA SER D 289 -3.43 7.56 36.13
C SER D 289 -4.23 8.42 35.17
N THR D 290 -3.86 9.70 35.07
CA THR D 290 -4.54 10.63 34.18
C THR D 290 -4.35 10.24 32.72
N THR D 291 -3.13 9.81 32.38
CA THR D 291 -2.83 9.37 31.03
C THR D 291 -3.69 8.16 30.65
N LEU D 292 -3.86 7.24 31.58
CA LEU D 292 -4.69 6.07 31.38
C LEU D 292 -6.16 6.47 31.24
N ALA D 293 -6.55 7.52 31.95
CA ALA D 293 -7.91 8.05 31.85
C ALA D 293 -8.14 8.63 30.46
N TRP D 294 -7.11 9.29 29.92
CA TRP D 294 -7.13 9.74 28.54
C TRP D 294 -7.20 8.55 27.60
N GLY D 295 -6.44 7.51 27.94
CA GLY D 295 -6.39 6.30 27.14
C GLY D 295 -7.76 5.67 26.92
N LEU D 296 -8.47 5.41 28.00
CA LEU D 296 -9.77 4.76 27.93
C LEU D 296 -10.82 5.64 27.23
N LEU D 297 -10.74 6.95 27.45
CA LEU D 297 -11.63 7.90 26.78
C LEU D 297 -11.44 7.83 25.28
N LEU D 298 -10.17 7.80 24.85
CA LEU D 298 -9.84 7.77 23.43
C LEU D 298 -10.16 6.42 22.81
N MET D 299 -10.29 5.39 23.65
CA MET D 299 -10.60 4.06 23.17
C MET D 299 -12.09 3.86 22.93
N ILE D 300 -12.92 4.56 23.69
CA ILE D 300 -14.36 4.51 23.48
C ILE D 300 -14.77 5.51 22.40
N LEU D 301 -13.93 6.53 22.20
CA LEU D 301 -14.17 7.50 21.15
C LEU D 301 -13.73 6.96 19.80
N HIS D 302 -12.78 6.02 19.83
CA HIS D 302 -12.28 5.40 18.62
C HIS D 302 -12.21 3.88 18.77
N PRO D 303 -13.37 3.21 18.69
CA PRO D 303 -13.48 1.76 18.83
C PRO D 303 -12.63 1.01 17.81
N ASP D 304 -12.50 1.58 16.62
CA ASP D 304 -11.67 1.01 15.57
C ASP D 304 -10.23 0.83 16.03
N VAL D 305 -9.71 1.83 16.71
CA VAL D 305 -8.36 1.76 17.26
C VAL D 305 -8.29 0.69 18.35
N GLN D 306 -9.31 0.66 19.20
CA GLN D 306 -9.38 -0.28 20.32
C GLN D 306 -9.39 -1.73 19.84
N ARG D 307 -10.12 -2.01 18.77
CA ARG D 307 -10.25 -3.36 18.25
C ARG D 307 -8.96 -3.90 17.66
N ARG D 308 -8.23 -3.05 16.94
CA ARG D 308 -6.96 -3.44 16.34
C ARG D 308 -5.92 -3.74 17.42
N VAL D 309 -5.93 -2.95 18.49
CA VAL D 309 -5.06 -3.21 19.64
C VAL D 309 -5.45 -4.56 20.23
N GLN D 310 -6.74 -4.77 20.46
CA GLN D 310 -7.24 -6.01 21.03
C GLN D 310 -6.96 -7.20 20.11
N GLN D 311 -6.83 -6.93 18.82
CA GLN D 311 -6.47 -7.98 17.87
C GLN D 311 -4.99 -8.31 17.98
N GLU D 312 -4.19 -7.26 18.17
CA GLU D 312 -2.74 -7.41 18.30
C GLU D 312 -2.39 -8.12 19.62
N ILE D 313 -3.19 -7.85 20.65
CA ILE D 313 -3.00 -8.49 21.94
C ILE D 313 -3.24 -10.00 21.86
N ASP D 314 -4.33 -10.40 21.22
CA ASP D 314 -4.69 -11.80 21.11
C ASP D 314 -3.66 -12.61 20.32
N ASP D 315 -3.04 -11.96 19.34
CA ASP D 315 -2.11 -12.65 18.45
C ASP D 315 -0.70 -12.74 19.02
N VAL D 316 -0.41 -11.91 20.02
CA VAL D 316 0.93 -11.88 20.62
C VAL D 316 0.93 -12.45 22.04
N ILE D 317 -0.08 -12.09 22.81
CA ILE D 317 -0.14 -12.47 24.22
C ILE D 317 -1.18 -13.56 24.50
N GLY D 318 -2.37 -13.38 23.95
CA GLY D 318 -3.47 -14.30 24.20
C GLY D 318 -4.51 -13.65 25.10
N GLN D 319 -5.30 -14.47 25.80
CA GLN D 319 -6.31 -13.94 26.70
C GLN D 319 -6.35 -14.71 28.02
N VAL D 320 -5.24 -15.35 28.36
CA VAL D 320 -5.10 -15.99 29.66
C VAL D 320 -3.78 -15.55 30.30
N ARG D 321 -2.73 -15.53 29.48
CA ARG D 321 -1.41 -15.10 29.93
C ARG D 321 -1.37 -13.58 30.13
N ARG D 322 -0.76 -13.16 31.24
CA ARG D 322 -0.61 -11.74 31.55
C ARG D 322 0.44 -11.10 30.67
N PRO D 323 0.23 -9.83 30.29
CA PRO D 323 1.18 -9.07 29.46
C PRO D 323 2.55 -8.94 30.13
N GLU D 324 3.59 -8.91 29.30
CA GLU D 324 4.96 -8.71 29.79
C GLU D 324 5.64 -7.62 28.96
N MET D 325 6.66 -6.98 29.54
CA MET D 325 7.35 -5.89 28.85
C MET D 325 8.09 -6.37 27.61
N GLY D 326 8.31 -7.68 27.51
CA GLY D 326 8.96 -8.25 26.35
C GLY D 326 8.04 -8.28 25.14
N ASP D 327 6.74 -8.11 25.39
CA ASP D 327 5.74 -8.15 24.34
C ASP D 327 5.70 -6.86 23.53
N GLN D 328 6.16 -5.76 24.14
CA GLN D 328 6.08 -4.44 23.51
C GLN D 328 6.80 -4.39 22.17
N ALA D 329 7.93 -5.08 22.07
CA ALA D 329 8.73 -5.09 20.85
C ALA D 329 7.97 -5.76 19.70
N HIS D 330 7.03 -6.63 20.04
CA HIS D 330 6.25 -7.35 19.05
C HIS D 330 4.86 -6.75 18.88
N MET D 331 4.64 -5.59 19.48
CA MET D 331 3.34 -4.93 19.39
C MET D 331 3.48 -3.46 19.02
N PRO D 332 3.87 -3.18 17.76
CA PRO D 332 4.10 -1.80 17.31
C PRO D 332 2.84 -0.92 17.32
N TYR D 333 1.67 -1.51 17.09
CA TYR D 333 0.45 -0.73 17.04
C TYR D 333 0.01 -0.28 18.42
N THR D 334 0.04 -1.20 19.39
CA THR D 334 -0.29 -0.85 20.77
C THR D 334 0.67 0.21 21.29
N THR D 335 1.95 0.02 20.99
CA THR D 335 2.98 0.98 21.37
C THR D 335 2.70 2.35 20.76
N ALA D 336 2.28 2.36 19.51
CA ALA D 336 1.98 3.59 18.79
C ALA D 336 0.77 4.31 19.42
N VAL D 337 -0.25 3.53 19.73
CA VAL D 337 -1.47 4.08 20.34
C VAL D 337 -1.17 4.72 21.70
N ILE D 338 -0.41 4.01 22.52
CA ILE D 338 -0.05 4.50 23.85
C ILE D 338 0.70 5.83 23.78
N HIS D 339 1.68 5.91 22.87
CA HIS D 339 2.41 7.14 22.65
C HIS D 339 1.50 8.26 22.15
N GLU D 340 0.52 7.90 21.34
CA GLU D 340 -0.41 8.87 20.79
C GLU D 340 -1.38 9.36 21.86
N VAL D 341 -1.70 8.47 22.81
CA VAL D 341 -2.50 8.87 23.96
C VAL D 341 -1.77 9.96 24.75
N GLN D 342 -0.47 9.78 24.91
CA GLN D 342 0.37 10.76 25.61
C GLN D 342 0.46 12.07 24.85
N ARG D 343 0.69 11.99 23.54
CA ARG D 343 0.81 13.18 22.72
C ARG D 343 -0.49 13.98 22.71
N PHE D 344 -1.60 13.29 22.45
CA PHE D 344 -2.91 13.91 22.41
C PHE D 344 -3.35 14.34 23.81
N GLY D 345 -3.12 13.46 24.78
CA GLY D 345 -3.47 13.73 26.16
C GLY D 345 -2.86 15.03 26.66
N ASP D 346 -1.57 15.20 26.40
CA ASP D 346 -0.88 16.48 26.62
C ASP D 346 -1.08 16.94 28.06
N ILE D 347 -0.84 16.05 29.01
CA ILE D 347 -1.25 16.25 30.39
C ILE D 347 -0.40 17.28 31.15
N VAL D 348 0.78 17.60 30.64
CA VAL D 348 1.59 18.66 31.23
C VAL D 348 1.91 19.71 30.18
N PRO D 349 0.91 20.51 29.79
CA PRO D 349 0.96 21.41 28.63
C PRO D 349 2.10 22.43 28.68
N LEU D 350 2.30 23.07 29.82
CA LEU D 350 3.34 24.08 29.94
C LEU D 350 4.55 23.54 30.70
N GLY D 351 4.59 22.23 30.89
CA GLY D 351 5.69 21.57 31.56
C GLY D 351 5.93 22.09 32.96
N VAL D 352 7.20 22.08 33.37
CA VAL D 352 7.61 22.67 34.64
C VAL D 352 8.61 23.78 34.35
N THR D 353 8.42 24.94 34.99
CA THR D 353 9.24 26.12 34.74
C THR D 353 10.72 25.89 35.00
N HIS D 354 11.55 26.39 34.10
CA HIS D 354 12.99 26.41 34.29
C HIS D 354 13.45 27.84 34.56
N MET D 355 14.71 27.98 34.94
CA MET D 355 15.32 29.30 35.06
C MET D 355 16.75 29.26 34.58
N THR D 356 17.17 30.28 33.84
CA THR D 356 18.55 30.38 33.39
C THR D 356 19.48 30.64 34.57
N SER D 357 20.53 29.84 34.66
CA SER D 357 21.55 30.04 35.68
C SER D 357 22.76 30.74 35.06
N ARG D 358 22.59 31.13 33.81
CA ARG D 358 23.68 31.68 33.01
C ARG D 358 23.10 32.34 31.75
N ASP D 359 23.85 33.23 31.14
CA ASP D 359 23.41 33.91 29.93
C ASP D 359 23.55 33.00 28.71
N ILE D 360 22.46 32.82 27.98
CA ILE D 360 22.49 32.00 26.77
C ILE D 360 21.70 32.61 25.62
N GLU D 361 21.77 31.97 24.46
CA GLU D 361 21.09 32.45 23.27
C GLU D 361 20.23 31.35 22.65
N VAL D 362 18.93 31.62 22.52
CA VAL D 362 18.01 30.67 21.90
C VAL D 362 17.42 31.27 20.63
N GLN D 363 17.61 30.57 19.51
CA GLN D 363 17.10 31.01 18.21
C GLN D 363 17.63 32.38 17.83
N GLY D 364 18.83 32.70 18.31
CA GLY D 364 19.46 33.98 18.00
C GLY D 364 19.31 35.02 19.09
N PHE D 365 18.13 35.05 19.72
CA PHE D 365 17.83 36.05 20.73
C PHE D 365 18.67 35.86 22.00
N ARG D 366 18.60 36.82 22.91
CA ARG D 366 19.42 36.78 24.11
C ARG D 366 18.58 36.55 25.38
N ILE D 367 18.86 35.45 26.06
CA ILE D 367 18.18 35.14 27.32
C ILE D 367 19.11 35.45 28.49
N PRO D 368 18.76 36.48 29.28
CA PRO D 368 19.55 36.88 30.45
C PRO D 368 19.53 35.84 31.57
N LYS D 369 20.54 35.87 32.44
CA LYS D 369 20.58 34.99 33.60
C LYS D 369 19.45 35.33 34.56
N GLY D 370 18.86 34.31 35.17
CA GLY D 370 17.79 34.50 36.12
C GLY D 370 16.43 34.63 35.46
N THR D 371 16.37 34.31 34.18
CA THR D 371 15.13 34.41 33.43
C THR D 371 14.33 33.12 33.49
N THR D 372 13.11 33.21 34.02
CA THR D 372 12.21 32.08 34.06
C THR D 372 11.87 31.61 32.64
N LEU D 373 12.08 30.32 32.38
CA LEU D 373 11.75 29.75 31.08
C LEU D 373 10.49 28.89 31.18
N ILE D 374 9.56 29.11 30.26
CA ILE D 374 8.37 28.27 30.17
C ILE D 374 8.44 27.39 28.93
N THR D 375 8.53 26.08 29.15
CA THR D 375 8.55 25.14 28.05
C THR D 375 7.14 24.76 27.64
N ASN D 376 6.67 25.37 26.56
CA ASN D 376 5.36 25.03 26.02
C ASN D 376 5.42 23.69 25.31
N LEU D 377 5.34 22.61 26.09
CA LEU D 377 5.42 21.27 25.56
C LEU D 377 4.23 20.95 24.65
N SER D 378 3.10 21.61 24.93
CA SER D 378 1.92 21.47 24.11
C SER D 378 2.21 21.89 22.68
N SER D 379 3.02 22.93 22.52
CA SER D 379 3.38 23.45 21.20
C SER D 379 4.31 22.48 20.48
N VAL D 380 4.98 21.62 21.23
CA VAL D 380 5.87 20.62 20.65
C VAL D 380 5.09 19.37 20.27
N LEU D 381 4.19 18.95 21.15
CA LEU D 381 3.38 17.76 20.92
C LEU D 381 2.30 18.01 19.86
N LYS D 382 1.93 19.27 19.68
CA LYS D 382 0.87 19.62 18.74
C LYS D 382 1.38 20.51 17.60
N ASP D 383 2.65 20.35 17.26
CA ASP D 383 3.28 21.18 16.22
C ASP D 383 2.75 20.80 14.83
N GLU D 384 2.29 21.81 14.09
CA GLU D 384 1.73 21.60 12.76
C GLU D 384 2.81 21.27 11.72
N ALA D 385 4.05 21.65 12.02
CA ALA D 385 5.15 21.43 11.09
C ALA D 385 5.80 20.06 11.30
N VAL D 386 5.25 19.28 12.24
CA VAL D 386 5.79 17.97 12.55
C VAL D 386 4.74 16.86 12.39
N TRP D 387 3.57 17.07 12.99
CA TRP D 387 2.53 16.04 13.01
C TRP D 387 1.51 16.23 11.90
N GLU D 388 1.13 15.13 11.26
CA GLU D 388 0.16 15.17 10.16
C GLU D 388 -1.21 15.65 10.62
N LYS D 389 -1.68 15.13 11.75
CA LYS D 389 -2.95 15.52 12.34
C LYS D 389 -2.78 15.91 13.80
N PRO D 390 -2.20 17.10 14.05
CA PRO D 390 -1.83 17.54 15.40
C PRO D 390 -2.98 17.57 16.41
N PHE D 391 -4.21 17.73 15.95
CA PHE D 391 -5.33 17.91 16.88
C PHE D 391 -6.36 16.79 16.84
N ARG D 392 -5.98 15.65 16.27
CA ARG D 392 -6.84 14.47 16.31
C ARG D 392 -6.07 13.29 16.87
N PHE D 393 -6.80 12.33 17.44
CA PHE D 393 -6.20 11.10 17.90
C PHE D 393 -5.80 10.26 16.68
N HIS D 394 -4.52 10.34 16.33
CA HIS D 394 -4.01 9.72 15.11
C HIS D 394 -2.79 8.85 15.42
N PRO D 395 -3.03 7.57 15.75
CA PRO D 395 -1.98 6.61 16.11
C PRO D 395 -0.88 6.49 15.05
N GLU D 396 -1.23 6.74 13.78
CA GLU D 396 -0.29 6.62 12.68
C GLU D 396 0.85 7.64 12.75
N HIS D 397 0.76 8.57 13.70
CA HIS D 397 1.85 9.51 13.96
C HIS D 397 3.13 8.77 14.34
N PHE D 398 2.97 7.55 14.86
CA PHE D 398 4.10 6.76 15.35
C PHE D 398 4.28 5.49 14.53
N LEU D 399 3.69 5.48 13.34
CA LEU D 399 3.82 4.34 12.44
C LEU D 399 4.29 4.78 11.05
N ASP D 400 5.21 4.02 10.47
CA ASP D 400 5.64 4.29 9.10
C ASP D 400 4.76 3.53 8.12
N ALA D 401 5.26 3.34 6.89
CA ALA D 401 4.52 2.61 5.88
C ALA D 401 4.52 1.12 6.16
N GLN D 402 5.60 0.64 6.76
CA GLN D 402 5.76 -0.79 7.03
C GLN D 402 4.93 -1.23 8.23
N GLY D 403 4.43 -0.26 9.00
CA GLY D 403 3.65 -0.56 10.17
C GLY D 403 4.52 -0.65 11.41
N HIS D 404 5.81 -0.39 11.24
CA HIS D 404 6.76 -0.41 12.35
C HIS D 404 6.55 0.81 13.24
N PHE D 405 6.92 0.69 14.51
CA PHE D 405 6.83 1.82 15.42
C PHE D 405 8.01 2.76 15.25
N VAL D 406 7.71 4.05 15.12
CA VAL D 406 8.73 5.07 15.05
C VAL D 406 8.38 6.22 16.00
N LYS D 407 9.37 6.73 16.70
CA LYS D 407 9.14 7.83 17.63
C LYS D 407 9.77 9.13 17.13
N PRO D 408 8.94 10.05 16.64
CA PRO D 408 9.40 11.37 16.19
C PRO D 408 10.13 12.12 17.30
N GLU D 409 11.06 12.99 16.93
CA GLU D 409 11.85 13.73 17.90
C GLU D 409 11.00 14.74 18.68
N ALA D 410 9.81 15.04 18.15
CA ALA D 410 8.92 16.00 18.78
C ALA D 410 8.11 15.38 19.91
N PHE D 411 8.20 14.06 20.06
CA PHE D 411 7.54 13.38 21.16
C PHE D 411 8.29 13.66 22.45
N LEU D 412 7.96 14.78 23.09
CA LEU D 412 8.62 15.15 24.35
C LEU D 412 7.64 15.42 25.48
N PRO D 413 6.78 14.44 25.83
CA PRO D 413 5.84 14.68 26.93
C PRO D 413 6.54 14.67 28.28
N PHE D 414 7.73 14.08 28.35
CA PHE D 414 8.52 14.06 29.55
C PHE D 414 9.57 15.17 29.53
N SER D 415 9.37 16.14 28.63
CA SER D 415 10.33 17.21 28.40
C SER D 415 11.70 16.67 27.98
N ALA D 416 12.74 17.44 28.21
CA ALA D 416 14.09 17.04 27.78
C ALA D 416 15.17 17.72 28.63
N GLY D 417 16.40 17.27 28.45
CA GLY D 417 17.52 17.78 29.22
C GLY D 417 17.72 16.98 30.49
N ARG D 418 18.55 17.50 31.40
CA ARG D 418 18.86 16.80 32.63
C ARG D 418 17.74 16.91 33.68
N ARG D 419 16.75 17.76 33.40
CA ARG D 419 15.61 17.90 34.29
C ARG D 419 14.42 17.06 33.82
N ALA D 420 14.61 16.37 32.70
CA ALA D 420 13.56 15.53 32.12
C ALA D 420 13.06 14.53 33.15
N CYS D 421 11.78 14.17 33.05
CA CYS D 421 11.11 13.31 34.01
C CYS D 421 11.91 12.05 34.36
N LEU D 422 12.22 11.88 35.64
CA LEU D 422 12.97 10.71 36.09
C LEU D 422 12.03 9.51 36.22
N GLY D 423 10.73 9.77 36.19
CA GLY D 423 9.74 8.72 36.33
C GLY D 423 9.34 8.12 35.00
N GLU D 424 9.96 8.59 33.92
CA GLU D 424 9.65 8.11 32.58
C GLU D 424 9.76 6.59 32.40
N PRO D 425 10.86 5.97 32.90
CA PRO D 425 10.90 4.50 32.76
C PRO D 425 9.77 3.80 33.52
N LEU D 426 9.38 4.34 34.66
CA LEU D 426 8.26 3.77 35.41
C LEU D 426 6.96 4.00 34.66
N ALA D 427 6.80 5.20 34.12
CA ALA D 427 5.60 5.56 33.38
C ALA D 427 5.43 4.68 32.15
N ARG D 428 6.51 4.51 31.39
CA ARG D 428 6.50 3.68 30.19
C ARG D 428 6.01 2.26 30.48
N MET D 429 6.55 1.66 31.54
CA MET D 429 6.19 0.30 31.92
C MET D 429 4.76 0.22 32.45
N GLU D 430 4.38 1.17 33.29
CA GLU D 430 3.03 1.22 33.84
C GLU D 430 2.00 1.37 32.74
N LEU D 431 2.25 2.30 31.82
CA LEU D 431 1.34 2.57 30.72
C LEU D 431 1.11 1.35 29.84
N PHE D 432 2.18 0.64 29.52
CA PHE D 432 2.06 -0.54 28.66
C PHE D 432 1.34 -1.69 29.36
N LEU D 433 1.75 -1.96 30.59
CA LEU D 433 1.24 -3.13 31.31
C LEU D 433 -0.23 -2.94 31.74
N PHE D 434 -0.59 -1.74 32.15
CA PHE D 434 -1.97 -1.47 32.56
C PHE D 434 -2.92 -1.40 31.37
N PHE D 435 -2.48 -0.73 30.31
CA PHE D 435 -3.31 -0.54 29.12
C PHE D 435 -3.61 -1.86 28.41
N THR D 436 -2.57 -2.67 28.22
CA THR D 436 -2.75 -3.95 27.55
C THR D 436 -3.59 -4.91 28.40
N SER D 437 -3.32 -4.93 29.69
CA SER D 437 -4.08 -5.79 30.61
C SER D 437 -5.57 -5.44 30.58
N LEU D 438 -5.87 -4.15 30.54
CA LEU D 438 -7.25 -3.68 30.53
C LEU D 438 -7.94 -4.01 29.21
N LEU D 439 -7.24 -3.83 28.10
CA LEU D 439 -7.82 -4.08 26.78
C LEU D 439 -7.84 -5.57 26.43
N GLN D 440 -6.98 -6.34 27.07
CA GLN D 440 -6.90 -7.78 26.83
C GLN D 440 -8.19 -8.48 27.22
N HIS D 441 -8.80 -8.03 28.31
CA HIS D 441 -9.93 -8.72 28.89
C HIS D 441 -11.24 -7.91 28.83
N PHE D 442 -11.14 -6.63 28.49
CA PHE D 442 -12.34 -5.79 28.44
C PHE D 442 -12.55 -5.09 27.11
N SER D 443 -13.80 -4.89 26.75
CA SER D 443 -14.17 -4.02 25.64
C SER D 443 -14.83 -2.77 26.20
N PHE D 444 -14.24 -1.61 25.93
CA PHE D 444 -14.74 -0.36 26.47
C PHE D 444 -15.54 0.40 25.42
N SER D 445 -16.67 0.96 25.84
CA SER D 445 -17.52 1.70 24.93
C SER D 445 -18.34 2.78 25.64
N VAL D 446 -18.71 3.80 24.89
CA VAL D 446 -19.66 4.81 25.36
C VAL D 446 -20.98 4.11 25.69
N PRO D 447 -21.53 4.39 26.88
CA PRO D 447 -22.82 3.80 27.28
C PRO D 447 -23.91 4.09 26.26
N THR D 448 -24.68 3.06 25.88
CA THR D 448 -25.71 3.20 24.87
C THR D 448 -26.72 4.28 25.24
N GLY D 449 -27.04 5.15 24.29
CA GLY D 449 -27.98 6.23 24.51
C GLY D 449 -27.30 7.52 24.90
N GLN D 450 -26.27 7.42 25.72
CA GLN D 450 -25.54 8.60 26.19
C GLN D 450 -24.83 9.33 25.06
N PRO D 451 -24.72 10.66 25.17
CA PRO D 451 -24.04 11.46 24.15
C PRO D 451 -22.52 11.24 24.14
N ARG D 452 -21.91 11.40 22.97
CA ARG D 452 -20.47 11.21 22.79
C ARG D 452 -19.65 12.16 23.67
N PRO D 453 -18.72 11.59 24.46
CA PRO D 453 -17.89 12.34 25.41
C PRO D 453 -16.95 13.32 24.70
N SER D 454 -16.66 14.43 25.37
CA SER D 454 -15.79 15.46 24.82
C SER D 454 -14.34 14.99 24.69
N HIS D 455 -13.66 15.49 23.65
CA HIS D 455 -12.22 15.27 23.50
C HIS D 455 -11.46 16.24 24.40
N HIS D 456 -12.14 17.31 24.80
CA HIS D 456 -11.51 18.44 25.48
C HIS D 456 -11.29 18.20 26.96
N GLY D 457 -10.17 18.67 27.48
CA GLY D 457 -9.88 18.60 28.90
C GLY D 457 -9.79 19.98 29.51
N VAL D 458 -10.01 20.08 30.81
CA VAL D 458 -9.97 21.37 31.49
C VAL D 458 -8.53 21.78 31.80
N PHE D 459 -8.14 22.95 31.33
CA PHE D 459 -6.76 23.42 31.41
C PHE D 459 -6.29 23.66 32.85
N ALA D 460 -5.05 23.25 33.11
CA ALA D 460 -4.40 23.44 34.41
C ALA D 460 -2.92 23.16 34.26
N PHE D 461 -2.22 23.00 35.38
CA PHE D 461 -0.85 22.51 35.34
C PHE D 461 -0.86 21.09 34.80
N LEU D 462 -1.78 20.29 35.33
CA LEU D 462 -2.00 18.94 34.83
C LEU D 462 -3.40 18.86 34.23
N VAL D 463 -3.47 18.42 32.97
CA VAL D 463 -4.73 18.39 32.25
C VAL D 463 -5.35 17.00 32.25
N SER D 464 -6.49 16.87 32.93
CA SER D 464 -7.26 15.64 32.93
C SER D 464 -8.39 15.75 31.91
N PRO D 465 -8.86 14.62 31.38
CA PRO D 465 -10.00 14.67 30.47
C PRO D 465 -11.28 15.05 31.22
N SER D 466 -12.29 15.54 30.48
CA SER D 466 -13.58 15.84 31.08
C SER D 466 -14.18 14.57 31.67
N PRO D 467 -14.94 14.71 32.76
CA PRO D 467 -15.58 13.55 33.40
C PRO D 467 -16.46 12.79 32.41
N TYR D 468 -16.19 11.49 32.28
CA TYR D 468 -16.93 10.64 31.36
C TYR D 468 -17.25 9.30 32.01
N GLU D 469 -18.24 8.60 31.45
CA GLU D 469 -18.56 7.25 31.90
C GLU D 469 -18.36 6.27 30.75
N LEU D 470 -18.04 5.02 31.08
CA LEU D 470 -17.88 4.00 30.06
C LEU D 470 -18.48 2.66 30.50
N CYS D 471 -18.58 1.73 29.57
CA CYS D 471 -18.99 0.38 29.90
C CYS D 471 -17.83 -0.57 29.64
N ALA D 472 -17.59 -1.47 30.60
CA ALA D 472 -16.55 -2.47 30.46
C ALA D 472 -17.14 -3.88 30.46
N VAL D 473 -17.14 -4.51 29.29
CA VAL D 473 -17.64 -5.88 29.17
C VAL D 473 -16.51 -6.84 28.85
N PRO D 474 -16.46 -7.97 29.59
CA PRO D 474 -15.42 -9.00 29.42
C PRO D 474 -15.38 -9.56 28.00
N ARG D 475 -14.18 -9.96 27.56
CA ARG D 475 -14.01 -10.51 26.22
C ARG D 475 -13.91 -12.03 26.26
#